data_9EZP
#
_entry.id   9EZP
#
loop_
_entity.id
_entity.type
_entity.pdbx_description
1 polymer 'cDNA FLJ34459 fis, clone HLUNG2002916, highly similar to SRC SUBSTRATE CORTACTIN'
2 polymer 'WAS/WASL-interacting protein family member 1'
#
loop_
_entity_poly.entity_id
_entity_poly.type
_entity_poly.pdbx_seq_one_letter_code
_entity_poly.pdbx_strand_id
1 'polypeptide(L)' GITAVALYDYQAAGDDEISFDPDDIITNIEMIDDGWWRGVCKGRYGLFPANYVELRQ A
2 'polypeptide(L)' QRNRMPPPRPDVGSKPDSI B
#
# COMPACT_ATOMS: atom_id res chain seq x y z
N GLY A 1 -5.11 16.68 -1.55
CA GLY A 1 -3.73 16.66 -2.09
C GLY A 1 -3.47 15.47 -2.99
N ILE A 2 -2.87 14.42 -2.42
CA ILE A 2 -2.58 13.22 -3.18
C ILE A 2 -3.48 12.07 -2.76
N THR A 3 -3.99 11.32 -3.74
CA THR A 3 -4.86 10.18 -3.46
C THR A 3 -4.22 8.88 -3.94
N ALA A 4 -4.57 7.79 -3.27
CA ALA A 4 -4.02 6.49 -3.63
C ALA A 4 -5.04 5.37 -3.39
N VAL A 5 -5.03 4.38 -4.28
CA VAL A 5 -5.95 3.25 -4.18
C VAL A 5 -5.18 1.94 -4.17
N ALA A 6 -5.67 0.98 -3.39
CA ALA A 6 -5.03 -0.33 -3.30
C ALA A 6 -5.61 -1.31 -4.31
N LEU A 7 -4.79 -2.26 -4.73
CA LEU A 7 -5.20 -3.26 -5.70
C LEU A 7 -6.01 -4.38 -5.02
N TYR A 8 -5.39 -5.00 -4.02
CA TYR A 8 -6.05 -6.07 -3.27
C TYR A 8 -6.01 -5.78 -1.77
N ASP A 9 -6.52 -6.70 -0.98
CA ASP A 9 -6.54 -6.54 0.47
C ASP A 9 -5.23 -7.01 1.10
N TYR A 10 -4.70 -6.21 2.02
CA TYR A 10 -3.46 -6.55 2.70
C TYR A 10 -3.53 -6.18 4.19
N GLN A 11 -2.77 -6.90 4.99
CA GLN A 11 -2.74 -6.66 6.43
C GLN A 11 -1.38 -6.13 6.86
N ALA A 12 -1.35 -4.89 7.33
CA ALA A 12 -0.10 -4.27 7.77
C ALA A 12 0.49 -5.02 8.95
N ALA A 13 1.53 -5.80 8.70
CA ALA A 13 2.19 -6.57 9.74
C ALA A 13 3.35 -5.78 10.36
N GLY A 14 3.07 -4.55 10.74
CA GLY A 14 4.09 -3.71 11.34
C GLY A 14 3.57 -2.93 12.54
N ASP A 15 4.42 -2.06 13.08
CA ASP A 15 4.04 -1.25 14.24
C ASP A 15 3.50 0.11 13.80
N ASP A 16 3.95 0.58 12.64
CA ASP A 16 3.51 1.87 12.12
C ASP A 16 2.93 1.72 10.72
N GLU A 17 2.32 0.57 10.45
CA GLU A 17 1.72 0.30 9.15
C GLU A 17 0.22 0.03 9.29
N ILE A 18 -0.56 0.58 8.37
CA ILE A 18 -2.00 0.41 8.38
C ILE A 18 -2.46 -0.48 7.22
N SER A 19 -3.67 -1.01 7.33
CA SER A 19 -4.22 -1.87 6.28
C SER A 19 -5.34 -1.16 5.52
N PHE A 20 -5.52 -1.53 4.25
CA PHE A 20 -6.56 -0.92 3.43
C PHE A 20 -7.08 -1.91 2.41
N ASP A 21 -8.30 -1.67 1.92
CA ASP A 21 -8.92 -2.54 0.93
C ASP A 21 -9.06 -1.82 -0.41
N PRO A 22 -9.15 -2.58 -1.52
CA PRO A 22 -9.29 -2.02 -2.86
C PRO A 22 -10.41 -0.98 -2.95
N ASP A 23 -11.52 -1.27 -2.28
CA ASP A 23 -12.67 -0.35 -2.29
C ASP A 23 -12.46 0.81 -1.32
N ASP A 24 -11.35 0.79 -0.60
CA ASP A 24 -11.05 1.86 0.36
C ASP A 24 -9.86 2.68 -0.11
N ILE A 25 -10.14 3.82 -0.72
CA ILE A 25 -9.08 4.70 -1.21
C ILE A 25 -8.71 5.73 -0.15
N ILE A 26 -7.41 5.95 0.02
CA ILE A 26 -6.92 6.90 1.02
C ILE A 26 -6.28 8.12 0.36
N THR A 27 -6.00 9.14 1.17
CA THR A 27 -5.39 10.37 0.68
C THR A 27 -4.09 10.67 1.41
N ASN A 28 -3.41 11.75 1.01
CA ASN A 28 -2.16 12.15 1.62
C ASN A 28 -1.15 11.00 1.59
N ILE A 29 -0.86 10.50 0.40
CA ILE A 29 0.08 9.40 0.24
C ILE A 29 1.39 9.88 -0.36
N GLU A 30 2.48 9.64 0.35
CA GLU A 30 3.81 10.04 -0.11
C GLU A 30 4.77 8.85 -0.10
N MET A 31 5.94 9.04 -0.71
CA MET A 31 6.93 7.98 -0.77
C MET A 31 8.16 8.32 0.07
N ILE A 32 8.31 7.61 1.19
CA ILE A 32 9.44 7.83 2.09
C ILE A 32 10.54 6.82 1.80
N ASP A 33 10.13 5.57 1.57
CA ASP A 33 11.06 4.49 1.28
C ASP A 33 10.97 4.11 -0.19
N ASP A 34 12.11 3.76 -0.78
CA ASP A 34 12.16 3.38 -2.18
C ASP A 34 11.26 2.17 -2.46
N GLY A 35 10.90 1.45 -1.40
CA GLY A 35 10.04 0.29 -1.57
C GLY A 35 8.70 0.43 -0.88
N TRP A 36 8.60 1.36 0.07
CA TRP A 36 7.36 1.59 0.80
C TRP A 36 6.90 3.04 0.68
N TRP A 37 5.65 3.29 1.05
CA TRP A 37 5.09 4.64 1.00
C TRP A 37 4.37 4.96 2.32
N ARG A 38 3.61 6.06 2.32
CA ARG A 38 2.87 6.48 3.50
C ARG A 38 1.41 6.72 3.14
N GLY A 39 0.49 6.23 3.98
CA GLY A 39 -0.92 6.42 3.70
C GLY A 39 -1.67 7.07 4.85
N VAL A 40 -2.69 7.85 4.52
CA VAL A 40 -3.50 8.53 5.52
C VAL A 40 -4.97 8.17 5.37
N CYS A 41 -5.56 7.63 6.43
CA CYS A 41 -6.97 7.25 6.41
C CYS A 41 -7.79 8.15 7.32
N LYS A 42 -8.38 9.19 6.73
CA LYS A 42 -9.20 10.13 7.48
C LYS A 42 -8.47 10.66 8.70
N GLY A 43 -7.19 10.99 8.53
CA GLY A 43 -6.40 11.50 9.64
C GLY A 43 -5.44 10.47 10.20
N ARG A 44 -5.76 9.19 10.00
CA ARG A 44 -4.91 8.11 10.48
C ARG A 44 -3.68 7.96 9.61
N TYR A 45 -2.53 8.40 10.13
CA TYR A 45 -1.28 8.30 9.39
C TYR A 45 -0.61 6.95 9.62
N GLY A 46 0.09 6.46 8.60
CA GLY A 46 0.76 5.17 8.71
C GLY A 46 1.60 4.88 7.49
N LEU A 47 1.82 3.59 7.23
CA LEU A 47 2.63 3.17 6.09
C LEU A 47 1.73 2.57 5.01
N PHE A 48 2.10 2.81 3.75
CA PHE A 48 1.34 2.31 2.61
C PHE A 48 2.14 1.26 1.85
N PRO A 49 1.66 0.00 1.80
CA PRO A 49 2.36 -1.07 1.08
C PRO A 49 2.50 -0.75 -0.39
N ALA A 50 3.70 -0.37 -0.81
CA ALA A 50 3.97 -0.03 -2.20
C ALA A 50 3.73 -1.21 -3.12
N ASN A 51 3.78 -2.42 -2.56
CA ASN A 51 3.57 -3.63 -3.34
C ASN A 51 2.09 -3.97 -3.45
N TYR A 52 1.28 -3.46 -2.53
CA TYR A 52 -0.15 -3.74 -2.54
C TYR A 52 -0.97 -2.46 -2.70
N VAL A 53 -0.33 -1.40 -3.20
CA VAL A 53 -1.03 -0.13 -3.41
C VAL A 53 -0.40 0.65 -4.56
N GLU A 54 -1.00 1.79 -4.88
CA GLU A 54 -0.51 2.62 -5.98
C GLU A 54 -0.90 4.08 -5.77
N LEU A 55 0.01 4.99 -6.09
CA LEU A 55 -0.24 6.42 -5.94
C LEU A 55 -1.10 6.94 -7.08
N ARG A 56 -2.25 7.52 -6.75
CA ARG A 56 -3.17 8.06 -7.74
C ARG A 56 -2.77 9.49 -8.12
N GLN A 57 -3.11 9.89 -9.34
CA GLN A 57 -2.80 11.23 -9.82
C GLN A 57 -3.61 12.27 -9.06
N GLN B 1 -11.77 -21.13 -21.77
CA GLN B 1 -12.12 -19.87 -21.05
C GLN B 1 -11.14 -18.75 -21.40
N ARG B 2 -11.66 -17.55 -21.62
CA ARG B 2 -10.83 -16.41 -21.96
C ARG B 2 -10.54 -15.56 -20.72
N ASN B 3 -10.62 -16.18 -19.54
CA ASN B 3 -10.37 -15.47 -18.30
C ASN B 3 -9.43 -16.27 -17.40
N ARG B 4 -8.36 -15.62 -16.95
CA ARG B 4 -7.39 -16.27 -16.08
C ARG B 4 -7.01 -15.37 -14.91
N MET B 5 -6.74 -15.98 -13.76
CA MET B 5 -6.38 -15.22 -12.56
C MET B 5 -5.04 -14.51 -12.76
N PRO B 6 -4.88 -13.32 -12.16
CA PRO B 6 -3.64 -12.53 -12.28
C PRO B 6 -2.45 -13.24 -11.64
N PRO B 7 -1.22 -12.93 -12.10
CA PRO B 7 0.00 -13.54 -11.56
C PRO B 7 0.24 -13.17 -10.10
N PRO B 8 1.13 -13.89 -9.41
CA PRO B 8 1.45 -13.62 -8.01
C PRO B 8 2.11 -12.26 -7.81
N ARG B 9 1.73 -11.56 -6.75
CA ARG B 9 2.29 -10.25 -6.46
C ARG B 9 3.63 -10.37 -5.73
N PRO B 10 4.53 -9.37 -5.90
CA PRO B 10 5.85 -9.38 -5.27
C PRO B 10 5.77 -9.30 -3.75
N ASP B 11 6.85 -9.70 -3.08
CA ASP B 11 6.92 -9.67 -1.62
C ASP B 11 6.57 -8.29 -1.08
N VAL B 12 5.48 -8.21 -0.32
CA VAL B 12 5.03 -6.95 0.26
C VAL B 12 5.39 -6.85 1.74
N GLY B 13 5.71 -7.99 2.35
CA GLY B 13 6.07 -8.00 3.76
C GLY B 13 7.39 -7.33 4.04
N SER B 14 8.14 -7.00 2.99
CA SER B 14 9.44 -6.36 3.15
C SER B 14 9.30 -5.04 3.91
N LYS B 15 10.38 -4.58 4.51
CA LYS B 15 10.38 -3.33 5.27
C LYS B 15 11.62 -2.50 4.98
N PRO B 16 11.48 -1.16 4.94
CA PRO B 16 12.59 -0.26 4.67
C PRO B 16 13.80 -0.53 5.57
N ASP B 17 14.98 -0.14 5.10
CA ASP B 17 16.21 -0.35 5.87
C ASP B 17 16.42 0.79 6.87
N SER B 18 15.94 1.98 6.51
CA SER B 18 16.08 3.15 7.37
C SER B 18 14.86 4.05 7.27
N ILE B 19 14.42 4.59 8.40
CA ILE B 19 13.26 5.47 8.42
C ILE B 19 13.61 6.85 7.88
N GLY A 1 -2.95 16.56 0.05
CA GLY A 1 -2.36 15.20 0.06
C GLY A 1 -2.64 14.44 -1.23
N ILE A 2 -1.88 13.38 -1.47
CA ILE A 2 -2.05 12.57 -2.66
C ILE A 2 -3.02 11.42 -2.42
N THR A 3 -3.69 10.98 -3.49
CA THR A 3 -4.65 9.89 -3.38
C THR A 3 -4.07 8.59 -3.96
N ALA A 4 -4.43 7.46 -3.37
CA ALA A 4 -3.95 6.17 -3.83
C ALA A 4 -4.98 5.07 -3.58
N VAL A 5 -5.07 4.15 -4.53
CA VAL A 5 -6.01 3.03 -4.43
C VAL A 5 -5.26 1.70 -4.31
N ALA A 6 -5.65 0.90 -3.34
CA ALA A 6 -5.01 -0.39 -3.11
C ALA A 6 -5.47 -1.43 -4.13
N LEU A 7 -4.53 -2.20 -4.65
CA LEU A 7 -4.84 -3.24 -5.63
C LEU A 7 -5.63 -4.37 -4.97
N TYR A 8 -5.00 -5.03 -4.00
CA TYR A 8 -5.65 -6.12 -3.26
C TYR A 8 -5.72 -5.78 -1.78
N ASP A 9 -6.29 -6.69 -0.99
CA ASP A 9 -6.43 -6.49 0.43
C ASP A 9 -5.16 -6.94 1.17
N TYR A 10 -4.56 -6.02 1.90
CA TYR A 10 -3.34 -6.32 2.65
C TYR A 10 -3.57 -6.19 4.15
N GLN A 11 -2.75 -6.91 4.92
CA GLN A 11 -2.85 -6.88 6.37
C GLN A 11 -1.56 -6.34 6.98
N ALA A 12 -1.51 -5.04 7.23
CA ALA A 12 -0.33 -4.41 7.80
C ALA A 12 -0.03 -4.96 9.19
N ALA A 13 0.99 -5.82 9.27
CA ALA A 13 1.37 -6.43 10.54
C ALA A 13 2.64 -5.78 11.08
N GLY A 14 2.82 -4.50 10.78
CA GLY A 14 4.00 -3.79 11.25
C GLY A 14 3.71 -2.91 12.45
N ASP A 15 4.71 -2.16 12.88
CA ASP A 15 4.55 -1.27 14.03
C ASP A 15 3.97 0.08 13.61
N ASP A 16 4.27 0.49 12.39
CA ASP A 16 3.78 1.76 11.86
C ASP A 16 3.09 1.57 10.51
N GLU A 17 2.49 0.40 10.32
CA GLU A 17 1.80 0.10 9.07
C GLU A 17 0.32 -0.20 9.32
N ILE A 18 -0.53 0.32 8.44
CA ILE A 18 -1.98 0.11 8.57
C ILE A 18 -2.52 -0.69 7.39
N SER A 19 -3.67 -1.32 7.58
CA SER A 19 -4.30 -2.12 6.54
C SER A 19 -5.56 -1.43 6.01
N PHE A 20 -5.90 -1.70 4.76
CA PHE A 20 -7.08 -1.12 4.14
C PHE A 20 -7.56 -1.96 2.96
N ASP A 21 -8.78 -1.70 2.52
CA ASP A 21 -9.38 -2.42 1.40
C ASP A 21 -8.83 -1.90 0.06
N PRO A 22 -8.86 -2.72 -0.99
CA PRO A 22 -8.38 -2.34 -2.32
C PRO A 22 -9.08 -1.08 -2.83
N ASP A 23 -10.39 -1.15 -3.01
CA ASP A 23 -11.17 -0.01 -3.49
C ASP A 23 -11.02 1.18 -2.55
N ASP A 24 -10.78 0.89 -1.28
CA ASP A 24 -10.62 1.95 -0.28
C ASP A 24 -9.42 2.82 -0.62
N ILE A 25 -9.69 3.99 -1.20
CA ILE A 25 -8.62 4.91 -1.57
C ILE A 25 -8.35 5.89 -0.44
N ILE A 26 -7.06 6.04 -0.10
CA ILE A 26 -6.66 6.94 0.97
C ILE A 26 -5.98 8.19 0.41
N THR A 27 -5.90 9.25 1.23
CA THR A 27 -5.27 10.49 0.80
C THR A 27 -3.96 10.74 1.53
N ASN A 28 -3.27 11.80 1.15
CA ASN A 28 -1.99 12.16 1.76
C ASN A 28 -0.97 11.05 1.58
N ILE A 29 -0.99 10.40 0.42
CA ILE A 29 -0.06 9.31 0.13
C ILE A 29 1.25 9.85 -0.44
N GLU A 30 2.28 9.87 0.38
CA GLU A 30 3.59 10.35 -0.04
C GLU A 30 4.59 9.19 -0.12
N MET A 31 5.66 9.39 -0.88
CA MET A 31 6.68 8.36 -1.04
C MET A 31 7.93 8.70 -0.24
N ILE A 32 8.15 7.94 0.83
CA ILE A 32 9.32 8.14 1.68
C ILE A 32 10.40 7.13 1.34
N ASP A 33 9.99 5.88 1.21
CA ASP A 33 10.92 4.80 0.88
C ASP A 33 10.71 4.34 -0.56
N ASP A 34 11.81 3.99 -1.22
CA ASP A 34 11.75 3.54 -2.60
C ASP A 34 10.87 2.29 -2.75
N GLY A 35 10.64 1.60 -1.63
CA GLY A 35 9.82 0.40 -1.67
C GLY A 35 8.52 0.55 -0.88
N TRP A 36 8.48 1.49 0.05
CA TRP A 36 7.29 1.70 0.86
C TRP A 36 6.79 3.14 0.75
N TRP A 37 5.55 3.37 1.17
CA TRP A 37 4.94 4.70 1.12
C TRP A 37 4.30 5.04 2.47
N ARG A 38 3.59 6.17 2.50
CA ARG A 38 2.90 6.61 3.72
C ARG A 38 1.67 7.43 3.36
N GLY A 39 0.53 7.07 3.94
CA GLY A 39 -0.70 7.79 3.65
C GLY A 39 -1.47 8.20 4.89
N VAL A 40 -2.63 8.81 4.67
CA VAL A 40 -3.49 9.26 5.75
C VAL A 40 -4.95 8.97 5.44
N CYS A 41 -5.58 8.15 6.29
CA CYS A 41 -6.98 7.80 6.09
C CYS A 41 -7.88 8.46 7.13
N LYS A 42 -8.57 9.52 6.71
CA LYS A 42 -9.48 10.26 7.57
C LYS A 42 -8.85 10.54 8.94
N GLY A 43 -7.59 10.92 8.95
CA GLY A 43 -6.90 11.22 10.19
C GLY A 43 -6.13 10.03 10.74
N ARG A 44 -5.75 9.11 9.86
CA ARG A 44 -5.00 7.94 10.26
C ARG A 44 -3.70 7.83 9.47
N TYR A 45 -2.59 8.15 10.13
CA TYR A 45 -1.28 8.08 9.49
C TYR A 45 -0.66 6.69 9.62
N GLY A 46 -0.06 6.22 8.54
CA GLY A 46 0.56 4.90 8.55
C GLY A 46 1.39 4.63 7.32
N LEU A 47 1.73 3.37 7.11
CA LEU A 47 2.53 2.97 5.96
C LEU A 47 1.68 2.24 4.93
N PHE A 48 1.97 2.47 3.66
CA PHE A 48 1.22 1.83 2.58
C PHE A 48 2.09 0.85 1.81
N PRO A 49 1.71 -0.44 1.79
CA PRO A 49 2.48 -1.47 1.06
C PRO A 49 2.53 -1.16 -0.44
N ALA A 50 3.68 -0.68 -0.90
CA ALA A 50 3.85 -0.33 -2.30
C ALA A 50 3.41 -1.46 -3.23
N ASN A 51 3.45 -2.69 -2.72
CA ASN A 51 3.06 -3.85 -3.51
C ASN A 51 1.54 -4.01 -3.54
N TYR A 52 0.89 -3.67 -2.43
CA TYR A 52 -0.57 -3.79 -2.36
C TYR A 52 -1.26 -2.43 -2.44
N VAL A 53 -0.54 -1.43 -2.95
CA VAL A 53 -1.10 -0.09 -3.09
C VAL A 53 -0.40 0.69 -4.20
N GLU A 54 -1.15 1.56 -4.87
CA GLU A 54 -0.61 2.36 -5.96
C GLU A 54 -1.07 3.80 -5.85
N LEU A 55 -0.12 4.73 -5.96
CA LEU A 55 -0.42 6.16 -5.86
C LEU A 55 -1.27 6.60 -7.04
N ARG A 56 -1.89 7.77 -6.91
CA ARG A 56 -2.73 8.32 -7.97
C ARG A 56 -2.27 9.70 -8.39
N GLN A 57 -2.75 10.18 -9.53
CA GLN A 57 -2.38 11.50 -10.04
C GLN A 57 -3.32 12.57 -9.49
N GLN B 1 -11.37 -25.53 -18.19
CA GLN B 1 -11.69 -24.09 -18.30
C GLN B 1 -10.56 -23.32 -18.99
N ARG B 2 -10.89 -22.15 -19.53
CA ARG B 2 -9.92 -21.32 -20.21
C ARG B 2 -9.49 -20.14 -19.34
N ASN B 3 -9.63 -20.30 -18.03
CA ASN B 3 -9.25 -19.25 -17.09
C ASN B 3 -8.23 -19.76 -16.08
N ARG B 4 -7.13 -19.04 -15.93
CA ARG B 4 -6.07 -19.42 -15.00
C ARG B 4 -5.96 -18.40 -13.86
N MET B 5 -5.34 -18.81 -12.77
CA MET B 5 -5.16 -17.94 -11.62
C MET B 5 -4.11 -16.87 -11.90
N PRO B 6 -4.26 -15.67 -11.32
CA PRO B 6 -3.32 -14.56 -11.52
C PRO B 6 -1.94 -14.87 -10.94
N PRO B 7 -0.88 -14.21 -11.45
CA PRO B 7 0.48 -14.43 -10.98
C PRO B 7 0.70 -13.86 -9.57
N PRO B 8 1.69 -14.42 -8.83
CA PRO B 8 2.00 -13.96 -7.48
C PRO B 8 2.62 -12.57 -7.46
N ARG B 9 2.23 -11.76 -6.48
CA ARG B 9 2.75 -10.40 -6.36
C ARG B 9 4.09 -10.41 -5.62
N PRO B 10 4.85 -9.31 -5.71
CA PRO B 10 6.16 -9.19 -5.06
C PRO B 10 6.08 -9.21 -3.54
N ASP B 11 7.20 -9.52 -2.89
CA ASP B 11 7.27 -9.58 -1.44
C ASP B 11 6.86 -8.25 -0.81
N VAL B 12 5.97 -8.32 0.17
CA VAL B 12 5.48 -7.12 0.85
C VAL B 12 6.15 -6.95 2.22
N GLY B 13 6.75 -8.02 2.74
CA GLY B 13 7.38 -7.96 4.04
C GLY B 13 8.62 -7.09 4.07
N SER B 14 9.07 -6.64 2.90
CA SER B 14 10.25 -5.78 2.81
C SER B 14 10.06 -4.52 3.65
N LYS B 15 11.16 -3.89 4.04
CA LYS B 15 11.10 -2.67 4.84
C LYS B 15 12.19 -1.68 4.43
N PRO B 16 11.91 -0.37 4.50
CA PRO B 16 12.87 0.67 4.13
C PRO B 16 14.21 0.50 4.84
N ASP B 17 15.26 1.04 4.25
CA ASP B 17 16.60 0.94 4.83
C ASP B 17 16.77 1.94 5.97
N SER B 18 16.07 3.07 5.88
CA SER B 18 16.14 4.10 6.90
C SER B 18 14.77 4.72 7.15
N ILE B 19 14.35 4.75 8.41
CA ILE B 19 13.06 5.33 8.78
C ILE B 19 13.10 6.84 8.72
N GLY A 1 -2.70 17.52 -3.21
CA GLY A 1 -3.96 16.72 -3.20
C GLY A 1 -3.75 15.31 -3.71
N ILE A 2 -2.54 14.80 -3.54
CA ILE A 2 -2.21 13.44 -3.99
C ILE A 2 -3.15 12.42 -3.36
N THR A 3 -3.28 11.28 -4.03
CA THR A 3 -4.14 10.20 -3.54
C THR A 3 -3.48 8.85 -3.74
N ALA A 4 -4.18 7.77 -3.37
CA ALA A 4 -3.64 6.43 -3.50
C ALA A 4 -4.70 5.37 -3.26
N VAL A 5 -4.68 4.32 -4.09
CA VAL A 5 -5.62 3.23 -3.97
C VAL A 5 -4.90 1.90 -3.82
N ALA A 6 -5.57 0.92 -3.23
CA ALA A 6 -5.00 -0.41 -3.02
C ALA A 6 -5.48 -1.39 -4.08
N LEU A 7 -4.58 -2.29 -4.48
CA LEU A 7 -4.91 -3.30 -5.49
C LEU A 7 -5.75 -4.40 -4.87
N TYR A 8 -5.27 -4.98 -3.78
CA TYR A 8 -5.97 -6.05 -3.08
C TYR A 8 -6.01 -5.77 -1.59
N ASP A 9 -6.44 -6.77 -0.81
CA ASP A 9 -6.51 -6.63 0.63
C ASP A 9 -5.18 -6.97 1.28
N TYR A 10 -4.63 -6.02 2.02
CA TYR A 10 -3.34 -6.22 2.69
C TYR A 10 -3.47 -6.02 4.20
N GLN A 11 -2.57 -6.65 4.94
CA GLN A 11 -2.57 -6.55 6.40
C GLN A 11 -1.23 -6.02 6.90
N ALA A 12 -1.23 -4.81 7.42
CA ALA A 12 -0.01 -4.20 7.93
C ALA A 12 0.55 -5.00 9.09
N ALA A 13 1.61 -5.75 8.82
CA ALA A 13 2.25 -6.56 9.86
C ALA A 13 3.35 -5.77 10.58
N GLY A 14 3.00 -4.58 11.05
CA GLY A 14 3.96 -3.75 11.75
C GLY A 14 3.31 -2.85 12.78
N ASP A 15 4.10 -2.00 13.41
CA ASP A 15 3.59 -1.08 14.42
C ASP A 15 3.25 0.28 13.80
N ASP A 16 3.96 0.62 12.72
CA ASP A 16 3.73 1.89 12.05
C ASP A 16 3.15 1.68 10.65
N GLU A 17 2.39 0.59 10.49
CA GLU A 17 1.77 0.27 9.21
C GLU A 17 0.28 0.00 9.37
N ILE A 18 -0.51 0.51 8.44
CA ILE A 18 -1.95 0.32 8.47
C ILE A 18 -2.42 -0.58 7.33
N SER A 19 -3.65 -1.07 7.43
CA SER A 19 -4.21 -1.94 6.40
C SER A 19 -5.29 -1.21 5.61
N PHE A 20 -5.45 -1.57 4.35
CA PHE A 20 -6.45 -0.94 3.50
C PHE A 20 -7.17 -1.97 2.63
N ASP A 21 -8.19 -1.52 1.91
CA ASP A 21 -8.96 -2.39 1.03
C ASP A 21 -8.74 -2.04 -0.44
N PRO A 22 -8.95 -3.00 -1.35
CA PRO A 22 -8.77 -2.77 -2.79
C PRO A 22 -9.62 -1.60 -3.31
N ASP A 23 -10.81 -1.44 -2.73
CA ASP A 23 -11.70 -0.37 -3.14
C ASP A 23 -11.55 0.84 -2.23
N ASP A 24 -11.20 0.60 -0.97
CA ASP A 24 -11.01 1.67 -0.01
C ASP A 24 -9.79 2.51 -0.36
N ILE A 25 -10.02 3.66 -0.99
CA ILE A 25 -8.94 4.55 -1.38
C ILE A 25 -8.66 5.56 -0.27
N ILE A 26 -7.38 5.82 -0.03
CA ILE A 26 -6.98 6.76 1.02
C ILE A 26 -6.33 8.01 0.42
N THR A 27 -6.13 9.03 1.25
CA THR A 27 -5.52 10.28 0.80
C THR A 27 -4.24 10.57 1.58
N ASN A 28 -3.56 11.64 1.20
CA ASN A 28 -2.32 12.05 1.85
C ASN A 28 -1.29 10.92 1.80
N ILE A 29 -1.00 10.44 0.59
CA ILE A 29 -0.03 9.36 0.41
C ILE A 29 1.24 9.88 -0.24
N GLU A 30 2.39 9.57 0.38
CA GLU A 30 3.68 10.00 -0.13
C GLU A 30 4.66 8.84 -0.15
N MET A 31 5.73 9.00 -0.92
CA MET A 31 6.74 7.96 -1.03
C MET A 31 8.00 8.32 -0.22
N ILE A 32 8.21 7.61 0.87
CA ILE A 32 9.38 7.83 1.72
C ILE A 32 10.49 6.86 1.34
N ASP A 33 10.11 5.60 1.19
CA ASP A 33 11.06 4.55 0.81
C ASP A 33 10.82 4.13 -0.63
N ASP A 34 11.90 3.82 -1.34
CA ASP A 34 11.79 3.40 -2.73
C ASP A 34 10.92 2.15 -2.88
N GLY A 35 10.68 1.46 -1.77
CA GLY A 35 9.86 0.26 -1.81
C GLY A 35 8.53 0.42 -1.09
N TRP A 36 8.48 1.33 -0.13
CA TRP A 36 7.25 1.56 0.64
C TRP A 36 6.80 3.02 0.56
N TRP A 37 5.56 3.27 0.93
CA TRP A 37 4.99 4.62 0.92
C TRP A 37 4.29 4.93 2.24
N ARG A 38 3.57 6.04 2.27
CA ARG A 38 2.83 6.45 3.46
C ARG A 38 1.35 6.65 3.12
N GLY A 39 0.47 6.26 4.02
CA GLY A 39 -0.95 6.40 3.77
C GLY A 39 -1.71 7.02 4.94
N VAL A 40 -2.76 7.76 4.62
CA VAL A 40 -3.57 8.41 5.65
C VAL A 40 -5.04 8.07 5.45
N CYS A 41 -5.66 7.50 6.49
CA CYS A 41 -7.06 7.12 6.43
C CYS A 41 -7.89 7.98 7.39
N LYS A 42 -8.47 9.05 6.86
CA LYS A 42 -9.30 9.95 7.65
C LYS A 42 -8.55 10.46 8.88
N GLY A 43 -7.28 10.81 8.70
CA GLY A 43 -6.49 11.32 9.81
C GLY A 43 -5.52 10.27 10.35
N ARG A 44 -5.83 9.00 10.13
CA ARG A 44 -4.98 7.93 10.60
C ARG A 44 -3.73 7.78 9.72
N TYR A 45 -2.60 8.21 10.23
CA TYR A 45 -1.34 8.14 9.49
C TYR A 45 -0.67 6.79 9.69
N GLY A 46 0.11 6.37 8.70
CA GLY A 46 0.79 5.09 8.78
C GLY A 46 1.61 4.81 7.54
N LEU A 47 1.83 3.53 7.27
CA LEU A 47 2.60 3.12 6.10
C LEU A 47 1.69 2.53 5.03
N PHE A 48 2.02 2.80 3.78
CA PHE A 48 1.23 2.31 2.65
C PHE A 48 2.01 1.26 1.85
N PRO A 49 1.54 0.01 1.82
CA PRO A 49 2.22 -1.06 1.08
C PRO A 49 2.32 -0.73 -0.40
N ALA A 50 3.51 -0.35 -0.84
CA ALA A 50 3.74 0.00 -2.23
C ALA A 50 3.49 -1.18 -3.17
N ASN A 51 3.69 -2.39 -2.65
CA ASN A 51 3.50 -3.59 -3.44
C ASN A 51 2.01 -3.97 -3.53
N TYR A 52 1.20 -3.42 -2.63
CA TYR A 52 -0.23 -3.71 -2.63
C TYR A 52 -1.06 -2.45 -2.84
N VAL A 53 -0.43 -1.40 -3.38
CA VAL A 53 -1.12 -0.15 -3.63
C VAL A 53 -0.48 0.62 -4.78
N GLU A 54 -0.98 1.83 -5.03
CA GLU A 54 -0.46 2.67 -6.10
C GLU A 54 -0.71 4.15 -5.79
N LEU A 55 0.11 5.01 -6.39
CA LEU A 55 -0.02 6.45 -6.18
C LEU A 55 -0.71 7.11 -7.36
N ARG A 56 -1.78 7.85 -7.09
CA ARG A 56 -2.53 8.52 -8.13
C ARG A 56 -1.99 9.94 -8.36
N GLN A 57 -1.43 10.16 -9.55
CA GLN A 57 -0.87 11.46 -9.89
C GLN A 57 0.26 11.84 -8.94
N GLN B 1 -14.12 -19.92 -21.92
CA GLN B 1 -14.55 -19.15 -20.72
C GLN B 1 -13.49 -18.15 -20.30
N ARG B 2 -13.90 -17.15 -19.52
CA ARG B 2 -12.98 -16.13 -19.04
C ARG B 2 -12.50 -16.44 -17.62
N ASN B 3 -12.53 -17.71 -17.26
CA ASN B 3 -12.10 -18.14 -15.93
C ASN B 3 -10.59 -18.33 -15.87
N ARG B 4 -9.91 -17.46 -15.14
CA ARG B 4 -8.46 -17.53 -15.01
C ARG B 4 -7.98 -16.75 -13.80
N MET B 5 -7.45 -17.45 -12.81
CA MET B 5 -6.96 -16.81 -11.59
C MET B 5 -5.71 -15.98 -11.88
N PRO B 6 -5.54 -14.85 -11.18
CA PRO B 6 -4.40 -13.96 -11.38
C PRO B 6 -3.11 -14.54 -10.77
N PRO B 7 -1.95 -14.16 -11.31
CA PRO B 7 -0.65 -14.63 -10.83
C PRO B 7 -0.30 -14.04 -9.46
N PRO B 8 0.70 -14.63 -8.77
CA PRO B 8 1.13 -14.15 -7.45
C PRO B 8 1.81 -12.79 -7.53
N ARG B 9 1.51 -11.94 -6.54
CA ARG B 9 2.08 -10.60 -6.50
C ARG B 9 3.45 -10.62 -5.82
N PRO B 10 4.26 -9.57 -6.03
CA PRO B 10 5.60 -9.46 -5.44
C PRO B 10 5.58 -9.39 -3.92
N ASP B 11 6.71 -9.71 -3.29
CA ASP B 11 6.83 -9.68 -1.84
C ASP B 11 6.43 -8.31 -1.28
N VAL B 12 5.35 -8.29 -0.51
CA VAL B 12 4.85 -7.06 0.08
C VAL B 12 5.22 -6.95 1.56
N GLY B 13 5.59 -8.07 2.15
CA GLY B 13 5.95 -8.08 3.57
C GLY B 13 7.26 -7.36 3.84
N SER B 14 7.98 -6.99 2.79
CA SER B 14 9.25 -6.29 2.95
C SER B 14 9.06 -5.01 3.77
N LYS B 15 10.15 -4.52 4.37
CA LYS B 15 10.09 -3.32 5.18
C LYS B 15 11.37 -2.50 5.04
N PRO B 16 11.27 -1.16 5.06
CA PRO B 16 12.42 -0.28 4.94
C PRO B 16 13.29 -0.29 6.20
N ASP B 17 14.57 0.07 6.04
CA ASP B 17 15.50 0.10 7.15
C ASP B 17 15.14 1.22 8.12
N SER B 18 14.56 2.29 7.60
CA SER B 18 14.17 3.43 8.42
C SER B 18 12.72 3.81 8.16
N ILE B 19 12.14 4.57 9.08
CA ILE B 19 10.75 5.01 8.96
C ILE B 19 10.65 6.27 8.12
N GLY A 1 -2.59 17.87 -1.58
CA GLY A 1 -3.68 16.86 -1.67
C GLY A 1 -3.28 15.63 -2.46
N ILE A 2 -2.87 14.58 -1.75
CA ILE A 2 -2.45 13.34 -2.37
C ILE A 2 -3.49 12.24 -2.18
N THR A 3 -3.45 11.24 -3.04
CA THR A 3 -4.39 10.12 -2.96
C THR A 3 -3.81 8.87 -3.63
N ALA A 4 -4.14 7.71 -3.09
CA ALA A 4 -3.67 6.45 -3.64
C ALA A 4 -4.66 5.32 -3.41
N VAL A 5 -4.73 4.40 -4.35
CA VAL A 5 -5.64 3.26 -4.26
C VAL A 5 -4.87 1.96 -4.03
N ALA A 6 -5.55 0.97 -3.45
CA ALA A 6 -4.93 -0.32 -3.17
C ALA A 6 -5.30 -1.35 -4.22
N LEU A 7 -4.35 -2.22 -4.56
CA LEU A 7 -4.58 -3.27 -5.54
C LEU A 7 -5.44 -4.39 -4.96
N TYR A 8 -4.95 -4.98 -3.87
CA TYR A 8 -5.67 -6.05 -3.18
C TYR A 8 -5.75 -5.77 -1.69
N ASP A 9 -6.23 -6.75 -0.92
CA ASP A 9 -6.34 -6.60 0.52
C ASP A 9 -5.04 -6.96 1.22
N TYR A 10 -4.49 -6.02 1.96
CA TYR A 10 -3.24 -6.25 2.68
C TYR A 10 -3.41 -6.04 4.18
N GLN A 11 -2.55 -6.69 4.96
CA GLN A 11 -2.59 -6.58 6.41
C GLN A 11 -1.26 -6.05 6.94
N ALA A 12 -1.27 -4.82 7.43
CA ALA A 12 -0.05 -4.20 7.95
C ALA A 12 0.45 -4.96 9.17
N ALA A 13 1.51 -5.75 8.97
CA ALA A 13 2.09 -6.53 10.05
C ALA A 13 3.25 -5.78 10.72
N GLY A 14 3.02 -4.51 11.01
CA GLY A 14 4.04 -3.70 11.64
C GLY A 14 3.49 -2.86 12.79
N ASP A 15 4.35 -2.01 13.35
CA ASP A 15 3.94 -1.15 14.46
C ASP A 15 3.47 0.21 13.95
N ASP A 16 3.96 0.61 12.77
CA ASP A 16 3.58 1.89 12.18
C ASP A 16 2.99 1.69 10.79
N GLU A 17 2.34 0.56 10.57
CA GLU A 17 1.73 0.27 9.28
C GLU A 17 0.23 0.00 9.43
N ILE A 18 -0.55 0.54 8.49
CA ILE A 18 -1.99 0.37 8.52
C ILE A 18 -2.47 -0.49 7.35
N SER A 19 -3.67 -1.05 7.48
CA SER A 19 -4.24 -1.88 6.43
C SER A 19 -5.40 -1.18 5.73
N PHE A 20 -5.71 -1.60 4.52
CA PHE A 20 -6.80 -1.00 3.76
C PHE A 20 -7.40 -2.01 2.77
N ASP A 21 -8.37 -1.54 2.00
CA ASP A 21 -9.03 -2.38 1.00
C ASP A 21 -8.73 -1.89 -0.41
N PRO A 22 -8.82 -2.79 -1.41
CA PRO A 22 -8.54 -2.44 -2.81
C PRO A 22 -9.32 -1.21 -3.27
N ASP A 23 -10.65 -1.31 -3.24
CA ASP A 23 -11.50 -0.21 -3.65
C ASP A 23 -11.37 0.97 -2.69
N ASP A 24 -11.05 0.67 -1.43
CA ASP A 24 -10.89 1.70 -0.42
C ASP A 24 -9.64 2.54 -0.69
N ILE A 25 -9.83 3.71 -1.27
CA ILE A 25 -8.73 4.61 -1.58
C ILE A 25 -8.46 5.56 -0.43
N ILE A 26 -7.19 5.72 -0.08
CA ILE A 26 -6.80 6.61 1.02
C ILE A 26 -6.24 7.93 0.49
N THR A 27 -6.19 8.93 1.36
CA THR A 27 -5.69 10.25 0.97
C THR A 27 -4.32 10.53 1.61
N ASN A 28 -3.67 11.59 1.14
CA ASN A 28 -2.35 11.98 1.65
C ASN A 28 -1.39 10.79 1.62
N ILE A 29 -1.19 10.23 0.43
CA ILE A 29 -0.28 9.11 0.27
C ILE A 29 1.03 9.52 -0.37
N GLU A 30 2.08 9.63 0.44
CA GLU A 30 3.40 10.02 -0.04
C GLU A 30 4.33 8.82 -0.11
N MET A 31 5.37 8.93 -0.92
CA MET A 31 6.34 7.84 -1.07
C MET A 31 7.68 8.20 -0.45
N ILE A 32 8.00 7.56 0.66
CA ILE A 32 9.28 7.81 1.34
C ILE A 32 10.30 6.77 0.93
N ASP A 33 9.88 5.51 0.90
CA ASP A 33 10.75 4.41 0.51
C ASP A 33 10.39 3.90 -0.88
N ASP A 34 11.40 3.52 -1.64
CA ASP A 34 11.18 3.01 -3.00
C ASP A 34 10.27 1.78 -2.98
N GLY A 35 10.15 1.14 -1.83
CA GLY A 35 9.31 -0.03 -1.71
C GLY A 35 8.08 0.20 -0.85
N TRP A 36 8.17 1.15 0.07
CA TRP A 36 7.06 1.45 0.96
C TRP A 36 6.64 2.92 0.86
N TRP A 37 5.39 3.21 1.23
CA TRP A 37 4.88 4.57 1.19
C TRP A 37 4.20 4.92 2.52
N ARG A 38 3.50 6.04 2.55
CA ARG A 38 2.82 6.48 3.76
C ARG A 38 1.34 6.77 3.46
N GLY A 39 0.45 6.21 4.27
CA GLY A 39 -0.97 6.42 4.03
C GLY A 39 -1.64 7.21 5.14
N VAL A 40 -2.65 7.99 4.76
CA VAL A 40 -3.40 8.80 5.71
C VAL A 40 -4.90 8.62 5.49
N CYS A 41 -5.56 7.96 6.44
CA CYS A 41 -7.00 7.71 6.35
C CYS A 41 -7.77 8.57 7.34
N LYS A 42 -8.24 9.71 6.87
CA LYS A 42 -9.01 10.63 7.70
C LYS A 42 -8.26 10.99 8.99
N GLY A 43 -6.97 11.25 8.86
CA GLY A 43 -6.18 11.62 10.03
C GLY A 43 -5.30 10.48 10.52
N ARG A 44 -5.67 9.25 10.20
CA ARG A 44 -4.90 8.09 10.61
C ARG A 44 -3.65 7.94 9.76
N TYR A 45 -2.50 8.27 10.36
CA TYR A 45 -1.23 8.18 9.65
C TYR A 45 -0.60 6.80 9.85
N GLY A 46 0.21 6.38 8.88
CA GLY A 46 0.85 5.09 8.96
C GLY A 46 1.65 4.78 7.70
N LEU A 47 1.85 3.51 7.43
CA LEU A 47 2.60 3.08 6.25
C LEU A 47 1.66 2.51 5.21
N PHE A 48 1.97 2.77 3.94
CA PHE A 48 1.16 2.28 2.84
C PHE A 48 1.94 1.28 1.99
N PRO A 49 1.49 0.02 1.94
CA PRO A 49 2.16 -1.02 1.16
C PRO A 49 2.23 -0.67 -0.32
N ALA A 50 3.41 -0.24 -0.77
CA ALA A 50 3.61 0.13 -2.16
C ALA A 50 3.39 -1.05 -3.10
N ASN A 51 3.70 -2.24 -2.62
CA ASN A 51 3.54 -3.45 -3.42
C ASN A 51 2.07 -3.83 -3.56
N TYR A 52 1.24 -3.36 -2.63
CA TYR A 52 -0.19 -3.67 -2.67
C TYR A 52 -1.02 -2.41 -2.89
N VAL A 53 -0.40 -1.35 -3.37
CA VAL A 53 -1.10 -0.10 -3.63
C VAL A 53 -0.43 0.70 -4.75
N GLU A 54 -1.04 1.83 -5.10
CA GLU A 54 -0.51 2.68 -6.15
C GLU A 54 -0.93 4.14 -5.95
N LEU A 55 0.02 5.05 -6.12
CA LEU A 55 -0.26 6.47 -5.95
C LEU A 55 -0.81 7.07 -7.23
N ARG A 56 -2.04 7.58 -7.18
CA ARG A 56 -2.68 8.18 -8.34
C ARG A 56 -2.17 9.59 -8.57
N GLN A 57 -1.62 9.83 -9.75
CA GLN A 57 -1.09 11.15 -10.11
C GLN A 57 -1.56 11.57 -11.49
N GLN B 1 -3.98 -27.38 -20.95
CA GLN B 1 -5.03 -26.34 -20.77
C GLN B 1 -4.45 -24.93 -20.96
N ARG B 2 -5.26 -24.04 -21.51
CA ARG B 2 -4.83 -22.67 -21.75
C ARG B 2 -5.30 -21.74 -20.63
N ASN B 3 -5.54 -22.32 -19.45
CA ASN B 3 -6.00 -21.53 -18.31
C ASN B 3 -5.00 -21.63 -17.16
N ARG B 4 -4.22 -20.57 -16.97
CA ARG B 4 -3.22 -20.53 -15.91
C ARG B 4 -3.47 -19.35 -14.97
N MET B 5 -3.03 -19.48 -13.73
CA MET B 5 -3.20 -18.42 -12.74
C MET B 5 -2.16 -17.32 -12.94
N PRO B 6 -2.48 -16.09 -12.52
CA PRO B 6 -1.57 -14.95 -12.65
C PRO B 6 -0.37 -15.06 -11.72
N PRO B 7 0.72 -14.32 -12.02
CA PRO B 7 1.94 -14.35 -11.19
C PRO B 7 1.69 -13.78 -9.79
N PRO B 8 2.48 -14.23 -8.80
CA PRO B 8 2.35 -13.77 -7.41
C PRO B 8 2.85 -12.34 -7.23
N ARG B 9 2.14 -11.56 -6.44
CA ARG B 9 2.51 -10.18 -6.18
C ARG B 9 3.84 -10.10 -5.42
N PRO B 10 4.55 -8.96 -5.51
CA PRO B 10 5.85 -8.78 -4.85
C PRO B 10 5.76 -8.81 -3.33
N ASP B 11 6.89 -9.07 -2.68
CA ASP B 11 6.95 -9.13 -1.23
C ASP B 11 6.77 -7.75 -0.60
N VAL B 12 5.85 -7.65 0.35
CA VAL B 12 5.56 -6.39 1.03
C VAL B 12 6.19 -6.34 2.41
N GLY B 13 6.57 -7.51 2.93
CA GLY B 13 7.16 -7.56 4.26
C GLY B 13 8.54 -6.91 4.33
N SER B 14 9.08 -6.53 3.18
CA SER B 14 10.39 -5.88 3.16
C SER B 14 10.32 -4.49 3.78
N LYS B 15 11.25 -4.20 4.68
CA LYS B 15 11.28 -2.89 5.35
C LYS B 15 12.25 -1.94 4.67
N PRO B 16 11.91 -0.64 4.61
CA PRO B 16 12.76 0.37 3.99
C PRO B 16 14.20 0.34 4.52
N ASP B 17 15.13 0.83 3.72
CA ASP B 17 16.53 0.85 4.10
C ASP B 17 16.76 1.81 5.28
N SER B 18 15.94 2.85 5.35
CA SER B 18 16.06 3.84 6.42
C SER B 18 14.70 4.47 6.73
N ILE B 19 14.38 4.56 8.01
CA ILE B 19 13.11 5.13 8.44
C ILE B 19 13.06 6.64 8.15
N GLY A 1 -3.75 17.85 -3.01
CA GLY A 1 -3.62 16.61 -2.20
C GLY A 1 -3.31 15.39 -3.05
N ILE A 2 -2.74 14.37 -2.43
CA ILE A 2 -2.39 13.14 -3.14
C ILE A 2 -3.30 11.99 -2.73
N THR A 3 -3.80 11.26 -3.72
CA THR A 3 -4.68 10.12 -3.47
C THR A 3 -4.04 8.82 -3.92
N ALA A 4 -4.41 7.73 -3.27
CA ALA A 4 -3.86 6.42 -3.61
C ALA A 4 -4.89 5.31 -3.38
N VAL A 5 -4.87 4.32 -4.27
CA VAL A 5 -5.80 3.19 -4.18
C VAL A 5 -5.03 1.87 -4.17
N ALA A 6 -5.52 0.92 -3.39
CA ALA A 6 -4.90 -0.39 -3.29
C ALA A 6 -5.48 -1.36 -4.31
N LEU A 7 -4.68 -2.33 -4.72
CA LEU A 7 -5.12 -3.34 -5.70
C LEU A 7 -5.94 -4.43 -5.02
N TYR A 8 -5.37 -5.05 -4.00
CA TYR A 8 -6.05 -6.11 -3.26
C TYR A 8 -6.09 -5.77 -1.78
N ASP A 9 -6.60 -6.72 -0.97
CA ASP A 9 -6.69 -6.51 0.47
C ASP A 9 -5.38 -6.89 1.15
N TYR A 10 -4.79 -5.93 1.86
CA TYR A 10 -3.53 -6.16 2.55
C TYR A 10 -3.67 -5.94 4.05
N GLN A 11 -2.79 -6.58 4.82
CA GLN A 11 -2.80 -6.46 6.26
C GLN A 11 -1.44 -6.00 6.77
N ALA A 12 -1.42 -4.87 7.47
CA ALA A 12 -0.18 -4.32 8.00
C ALA A 12 0.45 -5.28 9.01
N ALA A 13 1.71 -5.62 8.77
CA ALA A 13 2.43 -6.54 9.66
C ALA A 13 3.22 -5.78 10.72
N GLY A 14 3.51 -4.51 10.45
CA GLY A 14 4.26 -3.71 11.40
C GLY A 14 3.38 -2.78 12.20
N ASP A 15 3.84 -2.40 13.39
CA ASP A 15 3.08 -1.52 14.26
C ASP A 15 2.94 -0.14 13.63
N ASP A 16 3.91 0.25 12.82
CA ASP A 16 3.90 1.55 12.15
C ASP A 16 3.36 1.42 10.73
N GLU A 17 2.47 0.47 10.52
CA GLU A 17 1.88 0.24 9.20
C GLU A 17 0.39 -0.04 9.32
N ILE A 18 -0.39 0.53 8.40
CA ILE A 18 -1.83 0.33 8.40
C ILE A 18 -2.29 -0.33 7.10
N SER A 19 -3.41 -1.03 7.16
CA SER A 19 -3.95 -1.72 5.99
C SER A 19 -5.20 -1.02 5.47
N PHE A 20 -5.63 -1.40 4.27
CA PHE A 20 -6.82 -0.81 3.66
C PHE A 20 -7.53 -1.81 2.75
N ASP A 21 -8.59 -1.35 2.09
CA ASP A 21 -9.35 -2.20 1.19
C ASP A 21 -9.11 -1.79 -0.26
N PRO A 22 -9.32 -2.73 -1.21
CA PRO A 22 -9.12 -2.45 -2.64
C PRO A 22 -9.93 -1.26 -3.12
N ASP A 23 -11.19 -1.18 -2.69
CA ASP A 23 -12.07 -0.08 -3.08
C ASP A 23 -11.86 1.13 -2.18
N ASP A 24 -11.47 0.88 -0.94
CA ASP A 24 -11.23 1.96 0.02
C ASP A 24 -9.97 2.74 -0.35
N ILE A 25 -10.17 3.88 -1.00
CA ILE A 25 -9.05 4.72 -1.41
C ILE A 25 -8.71 5.73 -0.32
N ILE A 26 -7.41 5.95 -0.08
CA ILE A 26 -6.96 6.88 0.94
C ILE A 26 -6.27 8.09 0.31
N THR A 27 -6.03 9.12 1.13
CA THR A 27 -5.38 10.33 0.65
C THR A 27 -4.11 10.63 1.43
N ASN A 28 -3.42 11.70 1.04
CA ASN A 28 -2.18 12.10 1.70
C ASN A 28 -1.17 10.97 1.69
N ILE A 29 -0.82 10.50 0.50
CA ILE A 29 0.15 9.41 0.35
C ILE A 29 1.47 9.93 -0.19
N GLU A 30 2.54 9.69 0.56
CA GLU A 30 3.88 10.12 0.16
C GLU A 30 4.82 8.93 0.07
N MET A 31 5.97 9.14 -0.57
CA MET A 31 6.96 8.08 -0.73
C MET A 31 8.21 8.36 0.10
N ILE A 32 8.40 7.57 1.16
CA ILE A 32 9.56 7.73 2.02
C ILE A 32 10.64 6.72 1.62
N ASP A 33 10.22 5.49 1.41
CA ASP A 33 11.12 4.42 1.01
C ASP A 33 10.90 4.05 -0.46
N ASP A 34 11.97 3.72 -1.16
CA ASP A 34 11.88 3.35 -2.57
C ASP A 34 10.95 2.16 -2.77
N GLY A 35 10.67 1.43 -1.69
CA GLY A 35 9.80 0.27 -1.80
C GLY A 35 8.51 0.44 -1.02
N TRP A 36 8.49 1.37 -0.08
CA TRP A 36 7.29 1.62 0.73
C TRP A 36 6.84 3.07 0.63
N TRP A 37 5.63 3.34 1.10
CA TRP A 37 5.06 4.69 1.08
C TRP A 37 4.34 4.98 2.39
N ARG A 38 3.60 6.10 2.43
CA ARG A 38 2.85 6.48 3.61
C ARG A 38 1.39 6.72 3.24
N GLY A 39 0.47 6.25 4.07
CA GLY A 39 -0.94 6.42 3.78
C GLY A 39 -1.70 7.08 4.91
N VAL A 40 -2.74 7.85 4.57
CA VAL A 40 -3.55 8.52 5.56
C VAL A 40 -5.04 8.20 5.35
N CYS A 41 -5.65 7.62 6.36
CA CYS A 41 -7.06 7.26 6.31
C CYS A 41 -7.90 8.16 7.20
N LYS A 42 -8.49 9.19 6.60
CA LYS A 42 -9.33 10.14 7.34
C LYS A 42 -8.65 10.58 8.65
N GLY A 43 -7.36 10.85 8.58
CA GLY A 43 -6.63 11.27 9.77
C GLY A 43 -5.69 10.20 10.29
N ARG A 44 -5.99 8.94 10.00
CA ARG A 44 -5.17 7.82 10.44
C ARG A 44 -3.89 7.73 9.60
N TYR A 45 -2.77 8.13 10.20
CA TYR A 45 -1.49 8.08 9.51
C TYR A 45 -0.84 6.71 9.69
N GLY A 46 0.00 6.33 8.73
CA GLY A 46 0.66 5.05 8.80
C GLY A 46 1.53 4.79 7.58
N LEU A 47 1.75 3.51 7.28
CA LEU A 47 2.56 3.13 6.13
C LEU A 47 1.68 2.56 5.02
N PHE A 48 2.04 2.86 3.78
CA PHE A 48 1.30 2.39 2.62
C PHE A 48 2.09 1.34 1.85
N PRO A 49 1.66 0.07 1.87
CA PRO A 49 2.35 -0.99 1.16
C PRO A 49 2.42 -0.71 -0.34
N ALA A 50 3.60 -0.30 -0.79
CA ALA A 50 3.81 0.02 -2.20
C ALA A 50 3.55 -1.18 -3.10
N ASN A 51 4.07 -2.34 -2.70
CA ASN A 51 3.91 -3.56 -3.47
C ASN A 51 2.45 -3.99 -3.56
N TYR A 52 1.60 -3.42 -2.71
CA TYR A 52 0.19 -3.77 -2.71
C TYR A 52 -0.69 -2.58 -3.06
N VAL A 53 -0.13 -1.37 -3.03
CA VAL A 53 -0.89 -0.16 -3.35
C VAL A 53 -0.26 0.58 -4.53
N GLU A 54 -0.88 1.70 -4.90
CA GLU A 54 -0.38 2.50 -6.01
C GLU A 54 -0.81 3.95 -5.86
N LEU A 55 -0.03 4.86 -6.44
CA LEU A 55 -0.33 6.29 -6.37
C LEU A 55 -1.17 6.73 -7.57
N ARG A 56 -2.21 7.50 -7.31
CA ARG A 56 -3.09 7.99 -8.38
C ARG A 56 -2.33 8.91 -9.31
N GLN A 57 -2.49 8.69 -10.62
CA GLN A 57 -1.82 9.51 -11.63
C GLN A 57 -2.76 9.84 -12.78
N GLN B 1 -7.60 -26.29 -15.42
CA GLN B 1 -7.78 -24.83 -15.67
C GLN B 1 -7.61 -24.52 -17.15
N ARG B 2 -8.38 -23.53 -17.62
CA ARG B 2 -8.33 -23.12 -19.02
C ARG B 2 -7.65 -21.76 -19.17
N ASN B 3 -7.55 -21.01 -18.07
CA ASN B 3 -6.93 -19.70 -18.09
C ASN B 3 -5.82 -19.61 -17.06
N ARG B 4 -4.64 -19.16 -17.49
CA ARG B 4 -3.50 -19.04 -16.60
C ARG B 4 -3.75 -17.95 -15.56
N MET B 5 -3.67 -18.33 -14.29
CA MET B 5 -3.89 -17.38 -13.20
C MET B 5 -2.74 -16.39 -13.11
N PRO B 6 -2.99 -15.18 -12.57
CA PRO B 6 -1.97 -14.14 -12.44
C PRO B 6 -0.87 -14.54 -11.47
N PRO B 7 0.39 -14.09 -11.71
CA PRO B 7 1.52 -14.42 -10.84
C PRO B 7 1.37 -13.82 -9.45
N PRO B 8 2.12 -14.35 -8.46
CA PRO B 8 2.06 -13.86 -7.08
C PRO B 8 2.67 -12.48 -6.93
N ARG B 9 2.04 -11.64 -6.13
CA ARG B 9 2.53 -10.28 -5.90
C ARG B 9 3.88 -10.29 -5.19
N PRO B 10 4.72 -9.26 -5.43
CA PRO B 10 6.05 -9.18 -4.83
C PRO B 10 6.01 -9.00 -3.30
N ASP B 11 7.13 -9.30 -2.65
CA ASP B 11 7.22 -9.19 -1.20
C ASP B 11 7.10 -7.73 -0.76
N VAL B 12 6.01 -7.43 -0.06
CA VAL B 12 5.75 -6.07 0.41
C VAL B 12 6.07 -5.93 1.90
N GLY B 13 6.19 -7.05 2.60
CA GLY B 13 6.46 -7.00 4.03
C GLY B 13 7.86 -6.52 4.35
N SER B 14 8.70 -6.36 3.33
CA SER B 14 10.06 -5.89 3.53
C SER B 14 10.05 -4.46 4.09
N LYS B 15 10.84 -4.24 5.14
CA LYS B 15 10.90 -2.92 5.76
C LYS B 15 12.00 -2.06 5.13
N PRO B 16 11.77 -0.75 5.02
CA PRO B 16 12.74 0.18 4.44
C PRO B 16 14.13 0.04 5.06
N ASP B 17 15.15 0.38 4.28
CA ASP B 17 16.53 0.29 4.76
C ASP B 17 16.79 1.29 5.87
N SER B 18 16.08 2.42 5.83
CA SER B 18 16.24 3.46 6.84
C SER B 18 14.94 4.23 7.02
N ILE B 19 14.42 4.23 8.25
CA ILE B 19 13.18 4.93 8.56
C ILE B 19 13.39 6.44 8.57
N GLY A 1 -4.30 16.57 -3.81
CA GLY A 1 -3.38 16.18 -4.91
C GLY A 1 -3.16 14.68 -4.98
N ILE A 2 -2.13 14.20 -4.29
CA ILE A 2 -1.82 12.77 -4.27
C ILE A 2 -3.01 11.94 -3.79
N THR A 3 -3.15 10.74 -4.33
CA THR A 3 -4.25 9.85 -3.96
C THR A 3 -3.73 8.43 -3.70
N ALA A 4 -4.38 7.73 -2.78
CA ALA A 4 -3.97 6.37 -2.45
C ALA A 4 -5.01 5.35 -2.91
N VAL A 5 -4.61 4.47 -3.82
CA VAL A 5 -5.50 3.43 -4.33
C VAL A 5 -4.89 2.05 -4.15
N ALA A 6 -5.56 1.21 -3.36
CA ALA A 6 -5.07 -0.14 -3.09
C ALA A 6 -5.54 -1.11 -4.17
N LEU A 7 -4.63 -1.99 -4.59
CA LEU A 7 -4.94 -2.98 -5.61
C LEU A 7 -5.65 -4.18 -4.99
N TYR A 8 -5.08 -4.72 -3.93
CA TYR A 8 -5.66 -5.87 -3.23
C TYR A 8 -5.71 -5.61 -1.73
N ASP A 9 -6.16 -6.60 -0.97
CA ASP A 9 -6.25 -6.47 0.47
C ASP A 9 -4.92 -6.83 1.14
N TYR A 10 -4.53 -6.03 2.13
CA TYR A 10 -3.27 -6.27 2.83
C TYR A 10 -3.42 -6.00 4.33
N GLN A 11 -2.56 -6.63 5.12
CA GLN A 11 -2.58 -6.47 6.56
C GLN A 11 -1.22 -5.96 7.05
N ALA A 12 -1.18 -4.70 7.46
CA ALA A 12 0.05 -4.10 7.95
C ALA A 12 0.56 -4.82 9.19
N ALA A 13 1.60 -5.64 9.03
CA ALA A 13 2.18 -6.37 10.14
C ALA A 13 3.34 -5.61 10.76
N GLY A 14 3.12 -4.32 11.03
CA GLY A 14 4.16 -3.50 11.62
C GLY A 14 3.64 -2.67 12.77
N ASP A 15 4.51 -1.83 13.33
CA ASP A 15 4.14 -0.96 14.44
C ASP A 15 3.58 0.36 13.94
N ASP A 16 4.06 0.80 12.78
CA ASP A 16 3.59 2.05 12.18
C ASP A 16 3.00 1.82 10.80
N GLU A 17 2.41 0.64 10.60
CA GLU A 17 1.81 0.30 9.32
C GLU A 17 0.30 0.09 9.48
N ILE A 18 -0.45 0.59 8.50
CA ILE A 18 -1.91 0.47 8.51
C ILE A 18 -2.41 -0.27 7.28
N SER A 19 -3.53 -0.97 7.42
CA SER A 19 -4.11 -1.73 6.32
C SER A 19 -5.39 -1.08 5.82
N PHE A 20 -5.84 -1.50 4.64
CA PHE A 20 -7.06 -0.95 4.06
C PHE A 20 -7.66 -1.92 3.05
N ASP A 21 -8.93 -1.71 2.71
CA ASP A 21 -9.62 -2.57 1.76
C ASP A 21 -9.51 -2.01 0.35
N PRO A 22 -9.64 -2.86 -0.69
CA PRO A 22 -9.57 -2.45 -2.09
C PRO A 22 -10.49 -1.27 -2.39
N ASP A 23 -11.79 -1.46 -2.15
CA ASP A 23 -12.77 -0.42 -2.39
C ASP A 23 -12.47 0.81 -1.52
N ASP A 24 -11.90 0.56 -0.34
CA ASP A 24 -11.55 1.64 0.56
C ASP A 24 -10.34 2.41 0.05
N ILE A 25 -10.59 3.55 -0.58
CA ILE A 25 -9.51 4.37 -1.11
C ILE A 25 -9.04 5.39 -0.09
N ILE A 26 -7.72 5.52 0.04
CA ILE A 26 -7.13 6.47 0.98
C ILE A 26 -6.40 7.58 0.25
N THR A 27 -6.01 8.63 0.98
CA THR A 27 -5.32 9.75 0.38
C THR A 27 -4.16 10.22 1.25
N ASN A 28 -3.45 11.23 0.76
CA ASN A 28 -2.30 11.79 1.49
C ASN A 28 -1.16 10.78 1.57
N ILE A 29 -0.78 10.23 0.43
CA ILE A 29 0.31 9.25 0.38
C ILE A 29 1.58 9.86 -0.20
N GLU A 30 2.70 9.58 0.46
CA GLU A 30 3.99 10.10 0.02
C GLU A 30 5.04 9.00 0.08
N MET A 31 5.67 8.71 -1.06
CA MET A 31 6.68 7.68 -1.13
C MET A 31 8.00 8.13 -0.50
N ILE A 32 8.33 7.57 0.65
CA ILE A 32 9.57 7.90 1.35
C ILE A 32 10.66 6.94 0.92
N ASP A 33 10.32 5.65 0.94
CA ASP A 33 11.26 4.60 0.55
C ASP A 33 10.86 4.03 -0.80
N ASP A 34 11.86 3.68 -1.61
CA ASP A 34 11.60 3.12 -2.94
C ASP A 34 10.77 1.84 -2.86
N GLY A 35 10.68 1.25 -1.67
CA GLY A 35 9.91 0.04 -1.50
C GLY A 35 8.61 0.25 -0.75
N TRP A 36 8.62 1.15 0.22
CA TRP A 36 7.42 1.43 1.01
C TRP A 36 7.03 2.91 0.96
N TRP A 37 5.77 3.20 1.28
CA TRP A 37 5.26 4.56 1.28
C TRP A 37 4.59 4.89 2.62
N ARG A 38 3.89 6.02 2.66
CA ARG A 38 3.19 6.45 3.87
C ARG A 38 1.95 7.25 3.48
N GLY A 39 0.79 6.84 3.99
CA GLY A 39 -0.44 7.54 3.64
C GLY A 39 -1.30 7.87 4.84
N VAL A 40 -2.51 8.35 4.56
CA VAL A 40 -3.46 8.71 5.62
C VAL A 40 -4.86 8.21 5.31
N CYS A 41 -5.56 7.75 6.34
CA CYS A 41 -6.92 7.23 6.18
C CYS A 41 -7.88 7.92 7.13
N LYS A 42 -8.66 8.86 6.60
CA LYS A 42 -9.64 9.61 7.38
C LYS A 42 -9.07 10.06 8.73
N GLY A 43 -7.83 10.55 8.71
CA GLY A 43 -7.20 11.01 9.93
C GLY A 43 -6.35 9.94 10.58
N ARG A 44 -5.87 9.00 9.79
CA ARG A 44 -5.03 7.92 10.29
C ARG A 44 -3.75 7.80 9.48
N TYR A 45 -2.63 8.23 10.07
CA TYR A 45 -1.34 8.19 9.40
C TYR A 45 -0.67 6.84 9.62
N GLY A 46 0.05 6.36 8.62
CA GLY A 46 0.73 5.09 8.73
C GLY A 46 1.57 4.76 7.50
N LEU A 47 1.78 3.47 7.29
CA LEU A 47 2.58 3.01 6.14
C LEU A 47 1.67 2.38 5.09
N PHE A 48 2.01 2.60 3.82
CA PHE A 48 1.23 2.06 2.72
C PHE A 48 2.05 1.06 1.91
N PRO A 49 1.60 -0.20 1.83
CA PRO A 49 2.32 -1.23 1.06
C PRO A 49 2.44 -0.84 -0.41
N ALA A 50 3.63 -0.41 -0.81
CA ALA A 50 3.87 0.01 -2.19
C ALA A 50 3.44 -1.04 -3.20
N ASN A 51 3.37 -2.29 -2.76
CA ASN A 51 2.97 -3.38 -3.64
C ASN A 51 1.46 -3.51 -3.73
N TYR A 52 0.77 -3.21 -2.64
CA TYR A 52 -0.69 -3.31 -2.60
C TYR A 52 -1.35 -1.94 -2.69
N VAL A 53 -0.61 -0.94 -3.15
CA VAL A 53 -1.14 0.42 -3.29
C VAL A 53 -0.39 1.20 -4.36
N GLU A 54 -1.02 2.26 -4.85
CA GLU A 54 -0.42 3.09 -5.88
C GLU A 54 -0.68 4.57 -5.61
N LEU A 55 0.17 5.43 -6.16
CA LEU A 55 0.03 6.86 -5.99
C LEU A 55 -0.45 7.53 -7.27
N ARG A 56 -1.71 7.97 -7.26
CA ARG A 56 -2.29 8.63 -8.43
C ARG A 56 -1.97 10.12 -8.43
N GLN A 57 -1.63 10.63 -9.60
CA GLN A 57 -1.31 12.05 -9.75
C GLN A 57 -2.17 12.71 -10.83
N GLN B 1 -11.92 -21.67 -21.43
CA GLN B 1 -11.38 -20.28 -21.38
C GLN B 1 -9.86 -20.28 -21.49
N ARG B 2 -9.34 -19.52 -22.45
CA ARG B 2 -7.90 -19.42 -22.66
C ARG B 2 -7.34 -18.17 -21.99
N ASN B 3 -8.03 -17.68 -20.97
CA ASN B 3 -7.59 -16.50 -20.24
C ASN B 3 -6.88 -16.87 -18.95
N ARG B 4 -5.55 -16.78 -18.97
CA ARG B 4 -4.75 -17.12 -17.78
C ARG B 4 -4.87 -16.03 -16.72
N MET B 5 -4.88 -16.44 -15.46
CA MET B 5 -4.98 -15.51 -14.35
C MET B 5 -3.70 -14.68 -14.22
N PRO B 6 -3.78 -13.52 -13.53
CA PRO B 6 -2.63 -12.64 -13.34
C PRO B 6 -1.53 -13.29 -12.50
N PRO B 7 -0.26 -12.89 -12.71
CA PRO B 7 0.87 -13.45 -11.98
C PRO B 7 0.91 -12.97 -10.53
N PRO B 8 1.71 -13.63 -9.67
CA PRO B 8 1.83 -13.27 -8.26
C PRO B 8 2.45 -11.89 -8.08
N ARG B 9 1.92 -11.13 -7.11
CA ARG B 9 2.43 -9.79 -6.84
C ARG B 9 3.77 -9.85 -6.11
N PRO B 10 4.55 -8.76 -6.14
CA PRO B 10 5.86 -8.70 -5.50
C PRO B 10 5.80 -8.82 -3.98
N ASP B 11 6.92 -9.18 -3.37
CA ASP B 11 7.00 -9.35 -1.92
C ASP B 11 6.65 -8.05 -1.21
N VAL B 12 5.66 -8.12 -0.31
CA VAL B 12 5.23 -6.95 0.44
C VAL B 12 5.77 -6.96 1.86
N GLY B 13 6.24 -8.12 2.32
CA GLY B 13 6.77 -8.22 3.67
C GLY B 13 8.08 -7.48 3.86
N SER B 14 8.66 -7.00 2.77
CA SER B 14 9.91 -6.26 2.83
C SER B 14 9.75 -5.00 3.67
N LYS B 15 10.85 -4.48 4.19
CA LYS B 15 10.82 -3.27 5.01
C LYS B 15 12.00 -2.36 4.71
N PRO B 16 11.80 -1.03 4.76
CA PRO B 16 12.87 -0.06 4.48
C PRO B 16 13.99 -0.14 5.51
N ASP B 17 15.18 0.32 5.11
CA ASP B 17 16.34 0.31 6.00
C ASP B 17 16.33 1.52 6.92
N SER B 18 15.77 2.62 6.44
CA SER B 18 15.69 3.85 7.23
C SER B 18 14.36 4.55 7.01
N ILE B 19 13.84 5.15 8.07
CA ILE B 19 12.57 5.87 8.01
C ILE B 19 12.76 7.28 7.50
N GLY A 1 -2.77 17.30 -1.14
CA GLY A 1 -3.70 16.84 -2.20
C GLY A 1 -3.24 15.56 -2.86
N ILE A 2 -2.97 14.54 -2.06
CA ILE A 2 -2.51 13.25 -2.57
C ILE A 2 -3.60 12.19 -2.42
N THR A 3 -3.57 11.19 -3.30
CA THR A 3 -4.54 10.11 -3.25
C THR A 3 -3.97 8.85 -3.87
N ALA A 4 -4.29 7.69 -3.28
CA ALA A 4 -3.80 6.42 -3.77
C ALA A 4 -4.82 5.30 -3.53
N VAL A 5 -4.93 4.39 -4.49
CA VAL A 5 -5.85 3.27 -4.40
C VAL A 5 -5.08 1.95 -4.36
N ALA A 6 -5.47 1.08 -3.44
CA ALA A 6 -4.82 -0.22 -3.30
C ALA A 6 -5.37 -1.23 -4.31
N LEU A 7 -4.48 -2.00 -4.90
CA LEU A 7 -4.88 -3.02 -5.88
C LEU A 7 -5.35 -4.28 -5.17
N TYR A 8 -4.64 -4.66 -4.12
CA TYR A 8 -4.98 -5.86 -3.35
C TYR A 8 -5.07 -5.52 -1.86
N ASP A 9 -5.75 -6.36 -1.10
CA ASP A 9 -5.90 -6.14 0.33
C ASP A 9 -4.72 -6.73 1.09
N TYR A 10 -4.13 -5.93 1.97
CA TYR A 10 -2.97 -6.36 2.75
C TYR A 10 -3.15 -6.02 4.23
N GLN A 11 -2.48 -6.77 5.09
CA GLN A 11 -2.54 -6.54 6.53
C GLN A 11 -1.20 -6.04 7.05
N ALA A 12 -1.18 -4.79 7.47
CA ALA A 12 0.05 -4.19 8.00
C ALA A 12 0.53 -4.91 9.24
N ALA A 13 1.56 -5.72 9.10
CA ALA A 13 2.12 -6.47 10.21
C ALA A 13 3.26 -5.72 10.87
N GLY A 14 3.03 -4.44 11.16
CA GLY A 14 4.06 -3.62 11.78
C GLY A 14 3.51 -2.73 12.88
N ASP A 15 4.36 -1.89 13.45
CA ASP A 15 3.95 -0.99 14.51
C ASP A 15 3.48 0.35 13.95
N ASP A 16 4.06 0.74 12.82
CA ASP A 16 3.72 2.00 12.18
C ASP A 16 3.09 1.75 10.81
N GLU A 17 2.39 0.63 10.67
CA GLU A 17 1.74 0.27 9.42
C GLU A 17 0.26 0.00 9.63
N ILE A 18 -0.56 0.46 8.69
CA ILE A 18 -2.00 0.26 8.77
C ILE A 18 -2.50 -0.60 7.61
N SER A 19 -3.72 -1.10 7.73
CA SER A 19 -4.30 -1.95 6.69
C SER A 19 -5.41 -1.20 5.95
N PHE A 20 -5.50 -1.42 4.64
CA PHE A 20 -6.52 -0.75 3.82
C PHE A 20 -7.18 -1.74 2.87
N ASP A 21 -8.27 -1.31 2.25
CA ASP A 21 -9.00 -2.15 1.30
C ASP A 21 -8.80 -1.65 -0.12
N PRO A 22 -8.97 -2.54 -1.12
CA PRO A 22 -8.80 -2.18 -2.53
C PRO A 22 -9.58 -0.94 -2.92
N ASP A 23 -10.90 -1.01 -2.78
CA ASP A 23 -11.77 0.12 -3.12
C ASP A 23 -11.52 1.29 -2.17
N ASP A 24 -11.07 0.98 -0.96
CA ASP A 24 -10.79 2.02 0.03
C ASP A 24 -9.57 2.83 -0.37
N ILE A 25 -9.79 4.00 -0.95
CA ILE A 25 -8.71 4.87 -1.36
C ILE A 25 -8.34 5.84 -0.25
N ILE A 26 -7.03 6.11 -0.11
CA ILE A 26 -6.55 7.01 0.94
C ILE A 26 -5.97 8.29 0.33
N THR A 27 -5.72 9.27 1.18
CA THR A 27 -5.16 10.54 0.74
C THR A 27 -3.89 10.89 1.51
N ASN A 28 -3.15 11.87 1.00
CA ASN A 28 -1.91 12.30 1.64
C ASN A 28 -0.88 11.17 1.65
N ILE A 29 -0.89 10.34 0.62
CA ILE A 29 0.04 9.23 0.52
C ILE A 29 1.34 9.66 -0.15
N GLU A 30 2.38 9.84 0.66
CA GLU A 30 3.69 10.24 0.15
C GLU A 30 4.64 9.04 0.10
N MET A 31 5.22 8.81 -1.07
CA MET A 31 6.14 7.69 -1.24
C MET A 31 7.53 8.02 -0.70
N ILE A 32 7.89 7.40 0.42
CA ILE A 32 9.19 7.63 1.04
C ILE A 32 10.19 6.57 0.60
N ASP A 33 9.75 5.30 0.65
CA ASP A 33 10.60 4.18 0.26
C ASP A 33 10.14 3.61 -1.08
N ASP A 34 11.10 3.20 -1.89
CA ASP A 34 10.80 2.62 -3.20
C ASP A 34 9.90 1.39 -3.08
N GLY A 35 9.86 0.79 -1.88
CA GLY A 35 9.05 -0.38 -1.67
C GLY A 35 7.84 -0.11 -0.78
N TRP A 36 7.96 0.86 0.10
CA TRP A 36 6.86 1.21 1.01
C TRP A 36 6.45 2.67 0.87
N TRP A 37 5.23 2.98 1.30
CA TRP A 37 4.70 4.34 1.22
C TRP A 37 4.11 4.75 2.57
N ARG A 38 3.50 5.93 2.60
CA ARG A 38 2.88 6.44 3.83
C ARG A 38 1.78 7.42 3.49
N GLY A 39 0.58 7.17 4.02
CA GLY A 39 -0.55 8.05 3.75
C GLY A 39 -1.49 8.19 4.92
N VAL A 40 -2.57 8.92 4.72
CA VAL A 40 -3.56 9.14 5.76
C VAL A 40 -4.86 8.40 5.44
N CYS A 41 -5.43 7.76 6.46
CA CYS A 41 -6.68 7.03 6.30
C CYS A 41 -7.72 7.52 7.31
N LYS A 42 -8.70 8.27 6.81
CA LYS A 42 -9.76 8.81 7.64
C LYS A 42 -9.21 9.45 8.92
N GLY A 43 -8.11 10.19 8.78
CA GLY A 43 -7.52 10.85 9.93
C GLY A 43 -6.51 9.98 10.65
N ARG A 44 -5.86 9.08 9.90
CA ARG A 44 -4.87 8.19 10.48
C ARG A 44 -3.64 8.09 9.58
N TYR A 45 -2.52 8.63 10.07
CA TYR A 45 -1.28 8.59 9.31
C TYR A 45 -0.52 7.30 9.59
N GLY A 46 -0.35 6.48 8.55
CA GLY A 46 0.35 5.23 8.69
C GLY A 46 1.20 4.89 7.48
N LEU A 47 1.45 3.59 7.28
CA LEU A 47 2.24 3.14 6.16
C LEU A 47 1.36 2.46 5.12
N PHE A 48 1.70 2.66 3.84
CA PHE A 48 0.95 2.08 2.75
C PHE A 48 1.82 1.12 1.95
N PRO A 49 1.46 -0.18 1.90
CA PRO A 49 2.24 -1.17 1.15
C PRO A 49 2.33 -0.82 -0.33
N ALA A 50 3.50 -0.32 -0.74
CA ALA A 50 3.70 0.06 -2.13
C ALA A 50 3.59 -1.15 -3.05
N ASN A 51 3.89 -2.33 -2.52
CA ASN A 51 3.83 -3.56 -3.30
C ASN A 51 2.39 -4.06 -3.43
N TYR A 52 1.50 -3.57 -2.57
CA TYR A 52 0.10 -3.98 -2.61
C TYR A 52 -0.81 -2.78 -2.88
N VAL A 53 -0.25 -1.69 -3.37
CA VAL A 53 -1.03 -0.49 -3.66
C VAL A 53 -0.41 0.31 -4.79
N GLU A 54 -1.03 1.45 -5.11
CA GLU A 54 -0.54 2.32 -6.18
C GLU A 54 -0.96 3.76 -5.94
N LEU A 55 -0.09 4.69 -6.33
CA LEU A 55 -0.37 6.11 -6.16
C LEU A 55 -1.15 6.66 -7.34
N ARG A 56 -2.15 7.50 -7.05
CA ARG A 56 -2.97 8.10 -8.10
C ARG A 56 -2.96 9.61 -8.00
N GLN A 57 -1.83 10.16 -7.56
CA GLN A 57 -1.68 11.61 -7.42
C GLN A 57 -1.56 12.27 -8.78
N GLN B 1 -5.51 -16.39 -27.52
CA GLN B 1 -5.95 -16.91 -26.19
C GLN B 1 -6.01 -15.79 -25.15
N ARG B 2 -7.16 -15.65 -24.51
CA ARG B 2 -7.35 -14.63 -23.50
C ARG B 2 -7.24 -15.20 -22.10
N ASN B 3 -7.36 -16.52 -21.98
CA ASN B 3 -7.27 -17.20 -20.69
C ASN B 3 -5.82 -17.28 -20.22
N ARG B 4 -5.45 -16.40 -19.29
CA ARG B 4 -4.10 -16.38 -18.75
C ARG B 4 -4.07 -15.71 -17.38
N MET B 5 -3.76 -16.50 -16.36
CA MET B 5 -3.70 -15.99 -14.99
C MET B 5 -2.50 -15.06 -14.81
N PRO B 6 -2.67 -13.96 -14.08
CA PRO B 6 -1.59 -12.99 -13.84
C PRO B 6 -0.52 -13.54 -12.89
N PRO B 7 0.72 -13.05 -13.02
CA PRO B 7 1.83 -13.50 -12.17
C PRO B 7 1.72 -12.97 -10.74
N PRO B 8 2.46 -13.57 -9.80
CA PRO B 8 2.44 -13.15 -8.39
C PRO B 8 3.09 -11.79 -8.18
N ARG B 9 2.49 -10.97 -7.32
CA ARG B 9 3.01 -9.64 -7.03
C ARG B 9 4.29 -9.73 -6.21
N PRO B 10 5.05 -8.62 -6.13
CA PRO B 10 6.31 -8.57 -5.39
C PRO B 10 6.13 -8.77 -3.88
N ASP B 11 7.21 -9.14 -3.21
CA ASP B 11 7.19 -9.38 -1.77
C ASP B 11 6.77 -8.12 -1.02
N VAL B 12 5.93 -8.28 -0.01
CA VAL B 12 5.44 -7.16 0.78
C VAL B 12 6.15 -7.07 2.14
N GLY B 13 6.81 -8.16 2.53
CA GLY B 13 7.50 -8.17 3.81
C GLY B 13 8.72 -7.26 3.84
N SER B 14 9.09 -6.72 2.68
CA SER B 14 10.24 -5.82 2.60
C SER B 14 10.00 -4.57 3.45
N LYS B 15 11.08 -3.90 3.84
CA LYS B 15 10.96 -2.69 4.66
C LYS B 15 11.99 -1.64 4.23
N PRO B 16 11.63 -0.35 4.33
CA PRO B 16 12.53 0.74 3.96
C PRO B 16 13.89 0.63 4.64
N ASP B 17 14.91 1.23 4.02
CA ASP B 17 16.26 1.20 4.57
C ASP B 17 16.45 2.29 5.62
N SER B 18 15.72 3.39 5.46
CA SER B 18 15.81 4.51 6.39
C SER B 18 14.50 5.27 6.45
N ILE B 19 14.03 5.55 7.67
CA ILE B 19 12.77 6.28 7.85
C ILE B 19 12.95 7.75 7.55
N GLY A 1 -4.62 16.90 -3.28
CA GLY A 1 -3.27 16.66 -3.87
C GLY A 1 -2.97 15.18 -4.03
N ILE A 2 -1.90 14.72 -3.40
CA ILE A 2 -1.49 13.32 -3.48
C ILE A 2 -2.61 12.39 -3.04
N THR A 3 -2.75 11.28 -3.74
CA THR A 3 -3.79 10.29 -3.43
C THR A 3 -3.43 8.94 -4.04
N ALA A 4 -3.56 7.89 -3.24
CA ALA A 4 -3.24 6.55 -3.69
C ALA A 4 -4.36 5.56 -3.38
N VAL A 5 -4.44 4.49 -4.18
CA VAL A 5 -5.46 3.47 -3.98
C VAL A 5 -4.82 2.11 -3.77
N ALA A 6 -5.57 1.18 -3.19
CA ALA A 6 -5.07 -0.16 -2.92
C ALA A 6 -5.55 -1.14 -3.99
N LEU A 7 -4.65 -2.01 -4.42
CA LEU A 7 -4.98 -3.00 -5.44
C LEU A 7 -5.52 -4.28 -4.79
N TYR A 8 -4.83 -4.75 -3.76
CA TYR A 8 -5.25 -5.95 -3.03
C TYR A 8 -5.35 -5.66 -1.54
N ASP A 9 -5.98 -6.58 -0.82
CA ASP A 9 -6.13 -6.42 0.63
C ASP A 9 -4.91 -6.96 1.36
N TYR A 10 -4.26 -6.10 2.14
CA TYR A 10 -3.07 -6.49 2.89
C TYR A 10 -3.18 -6.08 4.35
N GLN A 11 -2.46 -6.80 5.21
CA GLN A 11 -2.45 -6.51 6.64
C GLN A 11 -1.08 -6.02 7.08
N ALA A 12 -1.02 -4.75 7.48
CA ALA A 12 0.25 -4.16 7.91
C ALA A 12 0.77 -4.86 9.17
N ALA A 13 1.78 -5.70 8.99
CA ALA A 13 2.37 -6.44 10.11
C ALA A 13 3.51 -5.65 10.74
N GLY A 14 3.24 -4.39 11.08
CA GLY A 14 4.26 -3.55 11.68
C GLY A 14 3.70 -2.68 12.80
N ASP A 15 4.54 -1.80 13.33
CA ASP A 15 4.13 -0.91 14.41
C ASP A 15 3.66 0.42 13.86
N ASP A 16 4.22 0.83 12.73
CA ASP A 16 3.85 2.09 12.09
C ASP A 16 3.21 1.85 10.73
N GLU A 17 2.53 0.71 10.59
CA GLU A 17 1.86 0.36 9.34
C GLU A 17 0.41 0.01 9.58
N ILE A 18 -0.47 0.47 8.70
CA ILE A 18 -1.89 0.21 8.81
C ILE A 18 -2.40 -0.59 7.60
N SER A 19 -3.59 -1.15 7.72
CA SER A 19 -4.18 -1.94 6.64
C SER A 19 -5.35 -1.19 5.99
N PHE A 20 -5.57 -1.43 4.70
CA PHE A 20 -6.64 -0.77 3.98
C PHE A 20 -7.34 -1.75 3.03
N ASP A 21 -8.33 -1.26 2.30
CA ASP A 21 -9.08 -2.08 1.36
C ASP A 21 -8.80 -1.63 -0.08
N PRO A 22 -8.99 -2.54 -1.06
CA PRO A 22 -8.75 -2.23 -2.46
C PRO A 22 -9.48 -0.97 -2.91
N ASP A 23 -10.81 -0.99 -2.82
CA ASP A 23 -11.61 0.16 -3.21
C ASP A 23 -11.38 1.34 -2.28
N ASP A 24 -11.01 1.06 -1.04
CA ASP A 24 -10.75 2.10 -0.06
C ASP A 24 -9.51 2.92 -0.44
N ILE A 25 -9.74 4.07 -1.05
CA ILE A 25 -8.63 4.94 -1.46
C ILE A 25 -8.30 5.94 -0.35
N ILE A 26 -7.00 6.20 -0.17
CA ILE A 26 -6.55 7.12 0.86
C ILE A 26 -5.93 8.37 0.26
N THR A 27 -5.70 9.37 1.11
CA THR A 27 -5.10 10.63 0.67
C THR A 27 -3.82 10.92 1.45
N ASN A 28 -3.12 11.99 1.05
CA ASN A 28 -1.88 12.37 1.70
C ASN A 28 -0.87 11.23 1.66
N ILE A 29 -0.79 10.56 0.53
CA ILE A 29 0.12 9.44 0.35
C ILE A 29 1.48 9.90 -0.16
N GLU A 30 2.46 9.93 0.73
CA GLU A 30 3.82 10.35 0.38
C GLU A 30 4.76 9.15 0.41
N MET A 31 5.45 8.91 -0.71
CA MET A 31 6.39 7.81 -0.81
C MET A 31 7.71 8.13 -0.12
N ILE A 32 7.97 7.47 1.00
CA ILE A 32 9.19 7.68 1.76
C ILE A 32 10.28 6.73 1.27
N ASP A 33 9.91 5.45 1.18
CA ASP A 33 10.84 4.41 0.71
C ASP A 33 10.48 3.96 -0.69
N ASP A 34 11.49 3.67 -1.49
CA ASP A 34 11.26 3.22 -2.87
C ASP A 34 10.41 1.94 -2.90
N GLY A 35 10.31 1.26 -1.77
CA GLY A 35 9.53 0.03 -1.71
C GLY A 35 8.21 0.20 -0.98
N TRP A 36 8.16 1.12 -0.03
CA TRP A 36 6.94 1.35 0.75
C TRP A 36 6.48 2.80 0.64
N TRP A 37 5.27 3.07 1.12
CA TRP A 37 4.71 4.43 1.09
C TRP A 37 4.10 4.78 2.45
N ARG A 38 3.47 5.96 2.52
CA ARG A 38 2.84 6.42 3.74
C ARG A 38 1.68 7.36 3.41
N GLY A 39 0.50 7.04 3.93
CA GLY A 39 -0.67 7.87 3.65
C GLY A 39 -1.58 8.03 4.83
N VAL A 40 -2.71 8.72 4.61
CA VAL A 40 -3.68 8.95 5.67
C VAL A 40 -5.01 8.30 5.32
N CYS A 41 -5.66 7.74 6.33
CA CYS A 41 -6.95 7.08 6.15
C CYS A 41 -8.01 7.70 7.06
N LYS A 42 -8.84 8.57 6.48
CA LYS A 42 -9.90 9.24 7.23
C LYS A 42 -9.39 9.75 8.58
N GLY A 43 -8.19 10.33 8.59
CA GLY A 43 -7.62 10.85 9.82
C GLY A 43 -6.73 9.84 10.51
N ARG A 44 -6.13 8.94 9.73
CA ARG A 44 -5.24 7.92 10.27
C ARG A 44 -3.96 7.82 9.45
N TYR A 45 -2.85 8.27 10.04
CA TYR A 45 -1.56 8.23 9.37
C TYR A 45 -0.87 6.89 9.58
N GLY A 46 -0.27 6.36 8.52
CA GLY A 46 0.40 5.09 8.60
C GLY A 46 1.22 4.79 7.36
N LEU A 47 1.51 3.52 7.14
CA LEU A 47 2.29 3.11 5.98
C LEU A 47 1.40 2.42 4.95
N PHE A 48 1.69 2.66 3.68
CA PHE A 48 0.92 2.06 2.59
C PHE A 48 1.78 1.08 1.79
N PRO A 49 1.40 -0.21 1.78
CA PRO A 49 2.16 -1.23 1.04
C PRO A 49 2.25 -0.91 -0.44
N ALA A 50 3.41 -0.44 -0.86
CA ALA A 50 3.63 -0.08 -2.26
C ALA A 50 3.43 -1.27 -3.18
N ASN A 51 3.62 -2.47 -2.64
CA ASN A 51 3.47 -3.70 -3.42
C ASN A 51 2.00 -4.10 -3.55
N TYR A 52 1.19 -3.66 -2.60
CA TYR A 52 -0.24 -3.98 -2.62
C TYR A 52 -1.10 -2.75 -2.86
N VAL A 53 -0.49 -1.69 -3.38
CA VAL A 53 -1.22 -0.45 -3.66
C VAL A 53 -0.57 0.33 -4.80
N GLU A 54 -1.15 1.48 -5.13
CA GLU A 54 -0.63 2.31 -6.21
C GLU A 54 -1.00 3.77 -6.00
N LEU A 55 -0.10 4.67 -6.38
CA LEU A 55 -0.33 6.10 -6.24
C LEU A 55 -1.09 6.66 -7.44
N ARG A 56 -2.10 7.47 -7.17
CA ARG A 56 -2.90 8.07 -8.23
C ARG A 56 -2.46 9.51 -8.50
N GLN A 57 -2.20 9.82 -9.76
CA GLN A 57 -1.78 11.17 -10.14
C GLN A 57 -2.24 11.50 -11.56
N GLN B 1 -3.91 -26.27 -22.46
CA GLN B 1 -5.01 -25.50 -21.83
C GLN B 1 -5.27 -24.20 -22.59
N ARG B 2 -6.54 -23.80 -22.65
CA ARG B 2 -6.92 -22.58 -23.34
C ARG B 2 -7.08 -21.43 -22.37
N ASN B 3 -6.40 -21.52 -21.22
CA ASN B 3 -6.47 -20.47 -20.21
C ASN B 3 -5.11 -20.28 -19.55
N ARG B 4 -4.89 -19.07 -19.02
CA ARG B 4 -3.63 -18.74 -18.36
C ARG B 4 -3.87 -17.86 -17.14
N MET B 5 -3.60 -18.41 -15.96
CA MET B 5 -3.78 -17.67 -14.71
C MET B 5 -2.75 -16.56 -14.59
N PRO B 6 -3.12 -15.44 -13.92
CA PRO B 6 -2.22 -14.30 -13.73
C PRO B 6 -1.08 -14.61 -12.75
N PRO B 7 0.08 -13.96 -12.92
CA PRO B 7 1.24 -14.18 -12.05
C PRO B 7 1.05 -13.56 -10.66
N PRO B 8 1.70 -14.11 -9.64
CA PRO B 8 1.60 -13.60 -8.26
C PRO B 8 2.34 -12.28 -8.09
N ARG B 9 1.78 -11.42 -7.24
CA ARG B 9 2.39 -10.11 -6.98
C ARG B 9 3.70 -10.26 -6.22
N PRO B 10 4.59 -9.26 -6.31
CA PRO B 10 5.89 -9.29 -5.62
C PRO B 10 5.76 -9.28 -4.11
N ASP B 11 6.81 -9.72 -3.41
CA ASP B 11 6.81 -9.75 -1.96
C ASP B 11 6.45 -8.39 -1.37
N VAL B 12 5.36 -8.35 -0.62
CA VAL B 12 4.89 -7.12 0.01
C VAL B 12 5.25 -7.06 1.48
N GLY B 13 5.57 -8.21 2.07
CA GLY B 13 5.92 -8.26 3.48
C GLY B 13 7.25 -7.60 3.79
N SER B 14 8.00 -7.25 2.74
CA SER B 14 9.30 -6.61 2.92
C SER B 14 9.16 -5.33 3.74
N LYS B 15 10.26 -4.89 4.35
CA LYS B 15 10.25 -3.67 5.15
C LYS B 15 11.42 -2.77 4.78
N PRO B 16 11.21 -1.43 4.80
CA PRO B 16 12.26 -0.46 4.47
C PRO B 16 13.32 -0.38 5.55
N ASP B 17 14.52 0.06 5.17
CA ASP B 17 15.63 0.19 6.11
C ASP B 17 15.38 1.35 7.08
N SER B 18 14.66 2.36 6.61
CA SER B 18 14.35 3.53 7.44
C SER B 18 12.92 3.45 7.97
N ILE B 19 12.56 4.43 8.80
CA ILE B 19 11.22 4.48 9.38
C ILE B 19 10.18 4.89 8.34
N GLY A 1 -2.66 17.93 -2.47
CA GLY A 1 -3.79 16.97 -2.53
C GLY A 1 -3.40 15.64 -3.15
N ILE A 2 -2.99 14.70 -2.31
CA ILE A 2 -2.58 13.38 -2.79
C ILE A 2 -3.66 12.35 -2.54
N THR A 3 -3.71 11.32 -3.39
CA THR A 3 -4.70 10.26 -3.26
C THR A 3 -4.23 8.98 -3.95
N ALA A 4 -4.41 7.86 -3.27
CA ALA A 4 -4.00 6.57 -3.82
C ALA A 4 -5.03 5.48 -3.53
N VAL A 5 -5.01 4.43 -4.34
CA VAL A 5 -5.94 3.32 -4.18
C VAL A 5 -5.19 1.99 -4.14
N ALA A 6 -5.47 1.18 -3.13
CA ALA A 6 -4.82 -0.11 -2.96
C ALA A 6 -5.28 -1.10 -4.03
N LEU A 7 -4.37 -1.97 -4.45
CA LEU A 7 -4.67 -2.98 -5.46
C LEU A 7 -5.54 -4.08 -4.87
N TYR A 8 -5.00 -4.80 -3.89
CA TYR A 8 -5.72 -5.87 -3.23
C TYR A 8 -5.75 -5.65 -1.71
N ASP A 9 -6.34 -6.59 -0.99
CA ASP A 9 -6.43 -6.48 0.47
C ASP A 9 -5.17 -7.04 1.13
N TYR A 10 -4.64 -6.29 2.08
CA TYR A 10 -3.44 -6.70 2.81
C TYR A 10 -3.52 -6.32 4.28
N GLN A 11 -2.79 -7.05 5.12
CA GLN A 11 -2.77 -6.79 6.55
C GLN A 11 -1.40 -6.32 6.99
N ALA A 12 -1.31 -5.05 7.39
CA ALA A 12 -0.04 -4.48 7.83
C ALA A 12 0.46 -5.18 9.10
N ALA A 13 1.45 -6.04 8.92
CA ALA A 13 2.02 -6.78 10.05
C ALA A 13 3.20 -6.04 10.65
N GLY A 14 3.00 -4.76 10.95
CA GLY A 14 4.05 -3.94 11.53
C GLY A 14 3.53 -3.02 12.62
N ASP A 15 4.41 -2.17 13.15
CA ASP A 15 4.05 -1.24 14.20
C ASP A 15 3.66 0.12 13.61
N ASP A 16 4.25 0.45 12.47
CA ASP A 16 3.97 1.72 11.80
C ASP A 16 3.30 1.50 10.45
N GLU A 17 2.55 0.41 10.33
CA GLU A 17 1.86 0.09 9.09
C GLU A 17 0.38 -0.16 9.35
N ILE A 18 -0.46 0.36 8.45
CA ILE A 18 -1.91 0.20 8.58
C ILE A 18 -2.47 -0.61 7.41
N SER A 19 -3.65 -1.20 7.61
CA SER A 19 -4.31 -1.99 6.59
C SER A 19 -5.52 -1.27 6.03
N PHE A 20 -5.92 -1.61 4.81
CA PHE A 20 -7.07 -0.98 4.17
C PHE A 20 -7.65 -1.86 3.07
N ASP A 21 -8.66 -1.35 2.39
CA ASP A 21 -9.30 -2.08 1.30
C ASP A 21 -8.86 -1.54 -0.05
N PRO A 22 -8.95 -2.36 -1.12
CA PRO A 22 -8.56 -1.95 -2.47
C PRO A 22 -9.33 -0.73 -2.95
N ASP A 23 -10.65 -0.86 -3.05
CA ASP A 23 -11.50 0.24 -3.49
C ASP A 23 -11.37 1.43 -2.55
N ASP A 24 -10.98 1.17 -1.31
CA ASP A 24 -10.83 2.22 -0.32
C ASP A 24 -9.67 3.14 -0.67
N ILE A 25 -9.97 4.28 -1.29
CA ILE A 25 -8.95 5.24 -1.68
C ILE A 25 -8.72 6.26 -0.57
N ILE A 26 -7.46 6.49 -0.24
CA ILE A 26 -7.11 7.45 0.81
C ILE A 26 -6.29 8.61 0.27
N THR A 27 -6.10 9.64 1.09
CA THR A 27 -5.35 10.82 0.67
C THR A 27 -4.05 10.96 1.45
N ASN A 28 -3.27 11.99 1.11
CA ASN A 28 -2.00 12.24 1.76
C ASN A 28 -1.05 11.04 1.60
N ILE A 29 -1.03 10.47 0.41
CA ILE A 29 -0.18 9.32 0.13
C ILE A 29 1.16 9.77 -0.46
N GLU A 30 2.20 9.73 0.36
CA GLU A 30 3.54 10.11 -0.08
C GLU A 30 4.49 8.93 -0.02
N MET A 31 5.62 9.04 -0.69
CA MET A 31 6.61 7.96 -0.72
C MET A 31 7.87 8.35 0.04
N ILE A 32 8.08 7.71 1.19
CA ILE A 32 9.26 7.99 2.00
C ILE A 32 10.39 7.05 1.60
N ASP A 33 10.05 5.77 1.43
CA ASP A 33 11.01 4.75 1.04
C ASP A 33 10.78 4.34 -0.42
N ASP A 34 11.86 4.07 -1.13
CA ASP A 34 11.77 3.68 -2.53
C ASP A 34 10.93 2.40 -2.68
N GLY A 35 10.72 1.68 -1.59
CA GLY A 35 9.93 0.47 -1.63
C GLY A 35 8.63 0.57 -0.86
N TRP A 36 8.56 1.52 0.08
CA TRP A 36 7.36 1.70 0.89
C TRP A 36 6.82 3.12 0.77
N TRP A 37 5.53 3.29 1.07
CA TRP A 37 4.88 4.60 0.99
C TRP A 37 4.24 4.96 2.33
N ARG A 38 3.49 6.05 2.36
CA ARG A 38 2.81 6.50 3.56
C ARG A 38 1.55 7.28 3.18
N GLY A 39 0.42 6.93 3.79
CA GLY A 39 -0.83 7.60 3.47
C GLY A 39 -1.65 7.95 4.70
N VAL A 40 -2.77 8.63 4.47
CA VAL A 40 -3.66 9.03 5.56
C VAL A 40 -5.09 8.58 5.28
N CYS A 41 -5.68 7.89 6.25
CA CYS A 41 -7.05 7.40 6.12
C CYS A 41 -7.97 8.10 7.11
N LYS A 42 -8.64 9.15 6.67
CA LYS A 42 -9.56 9.90 7.51
C LYS A 42 -8.92 10.26 8.86
N GLY A 43 -7.67 10.68 8.82
CA GLY A 43 -6.97 11.05 10.03
C GLY A 43 -6.14 9.92 10.60
N ARG A 44 -5.83 8.94 9.76
CA ARG A 44 -5.02 7.80 10.18
C ARG A 44 -3.73 7.73 9.39
N TYR A 45 -2.61 8.10 10.01
CA TYR A 45 -1.32 8.07 9.34
C TYR A 45 -0.64 6.71 9.51
N GLY A 46 -0.01 6.23 8.45
CA GLY A 46 0.66 4.96 8.48
C GLY A 46 1.48 4.69 7.24
N LEU A 47 1.91 3.45 7.07
CA LEU A 47 2.71 3.07 5.91
C LEU A 47 1.89 2.22 4.95
N PHE A 48 2.12 2.40 3.66
CA PHE A 48 1.39 1.66 2.64
C PHE A 48 2.32 0.73 1.87
N PRO A 49 1.97 -0.57 1.77
CA PRO A 49 2.78 -1.55 1.04
C PRO A 49 2.80 -1.25 -0.45
N ALA A 50 3.92 -0.71 -0.93
CA ALA A 50 4.06 -0.36 -2.34
C ALA A 50 3.63 -1.52 -3.24
N ASN A 51 3.75 -2.74 -2.73
CA ASN A 51 3.39 -3.92 -3.50
C ASN A 51 1.88 -4.16 -3.49
N TYR A 52 1.20 -3.65 -2.46
CA TYR A 52 -0.24 -3.82 -2.35
C TYR A 52 -0.97 -2.47 -2.40
N VAL A 53 -0.31 -1.45 -2.92
CA VAL A 53 -0.91 -0.13 -3.02
C VAL A 53 -0.30 0.66 -4.17
N GLU A 54 -1.15 1.38 -4.91
CA GLU A 54 -0.69 2.18 -6.04
C GLU A 54 -1.19 3.62 -5.93
N LEU A 55 -0.35 4.56 -6.31
CA LEU A 55 -0.70 5.97 -6.25
C LEU A 55 -1.60 6.36 -7.42
N ARG A 56 -2.36 7.44 -7.25
CA ARG A 56 -3.27 7.91 -8.28
C ARG A 56 -2.93 9.33 -8.70
N GLN A 57 -2.34 9.48 -9.89
CA GLN A 57 -1.96 10.78 -10.39
C GLN A 57 -3.00 11.31 -11.39
N GLN B 1 -7.33 -29.57 -17.58
CA GLN B 1 -7.73 -28.16 -17.28
C GLN B 1 -6.89 -27.17 -18.09
N ARG B 2 -7.57 -26.22 -18.72
CA ARG B 2 -6.89 -25.21 -19.53
C ARG B 2 -6.72 -23.90 -18.75
N ASN B 3 -7.50 -23.75 -17.68
CA ASN B 3 -7.43 -22.55 -16.85
C ASN B 3 -6.25 -22.62 -15.88
N ARG B 4 -5.82 -21.46 -15.40
CA ARG B 4 -4.70 -21.40 -14.47
C ARG B 4 -4.77 -20.13 -13.62
N MET B 5 -4.55 -20.28 -12.32
CA MET B 5 -4.58 -19.14 -11.41
C MET B 5 -3.46 -18.15 -11.72
N PRO B 6 -3.68 -16.85 -11.45
CA PRO B 6 -2.68 -15.81 -11.70
C PRO B 6 -1.48 -15.91 -10.76
N PRO B 7 -0.30 -15.47 -11.20
CA PRO B 7 0.92 -15.52 -10.39
C PRO B 7 0.83 -14.60 -9.16
N PRO B 8 1.56 -14.94 -8.09
CA PRO B 8 1.55 -14.14 -6.85
C PRO B 8 2.28 -12.82 -7.02
N ARG B 9 1.81 -11.80 -6.30
CA ARG B 9 2.42 -10.47 -6.38
C ARG B 9 3.85 -10.50 -5.84
N PRO B 10 4.65 -9.46 -6.12
CA PRO B 10 6.04 -9.37 -5.68
C PRO B 10 6.18 -9.28 -4.16
N ASP B 11 7.36 -9.61 -3.65
CA ASP B 11 7.64 -9.57 -2.22
C ASP B 11 7.26 -8.23 -1.62
N VAL B 12 6.24 -8.23 -0.77
CA VAL B 12 5.77 -7.02 -0.11
C VAL B 12 6.26 -6.92 1.33
N GLY B 13 6.70 -8.04 1.89
CA GLY B 13 7.18 -8.06 3.26
C GLY B 13 8.49 -7.33 3.46
N SER B 14 9.11 -6.91 2.36
CA SER B 14 10.38 -6.18 2.43
C SER B 14 10.23 -4.94 3.30
N LYS B 15 11.34 -4.43 3.82
CA LYS B 15 11.32 -3.25 4.67
C LYS B 15 12.40 -2.25 4.25
N PRO B 16 12.12 -0.94 4.41
CA PRO B 16 13.08 0.11 4.04
C PRO B 16 14.45 -0.11 4.65
N ASP B 17 15.48 0.46 4.02
CA ASP B 17 16.84 0.32 4.50
C ASP B 17 17.20 1.46 5.46
N SER B 18 16.59 2.62 5.25
CA SER B 18 16.83 3.78 6.09
C SER B 18 15.55 4.56 6.34
N ILE B 19 15.23 4.76 7.62
CA ILE B 19 14.03 5.49 8.00
C ILE B 19 14.23 7.00 7.84
N GLY A 1 -5.06 17.29 -3.19
CA GLY A 1 -4.30 16.30 -2.39
C GLY A 1 -3.86 15.10 -3.19
N ILE A 2 -3.17 14.17 -2.55
CA ILE A 2 -2.70 12.96 -3.23
C ILE A 2 -3.46 11.74 -2.76
N THR A 3 -4.28 11.18 -3.66
CA THR A 3 -5.08 10.01 -3.34
C THR A 3 -4.49 8.77 -4.00
N ALA A 4 -4.65 7.62 -3.33
CA ALA A 4 -4.13 6.36 -3.86
C ALA A 4 -5.09 5.21 -3.58
N VAL A 5 -5.17 4.28 -4.52
CA VAL A 5 -6.05 3.12 -4.38
C VAL A 5 -5.25 1.83 -4.36
N ALA A 6 -5.60 0.93 -3.45
CA ALA A 6 -4.91 -0.35 -3.33
C ALA A 6 -5.44 -1.36 -4.34
N LEU A 7 -4.59 -2.30 -4.73
CA LEU A 7 -4.97 -3.33 -5.69
C LEU A 7 -5.82 -4.41 -5.03
N TYR A 8 -5.22 -5.11 -4.06
CA TYR A 8 -5.92 -6.16 -3.34
C TYR A 8 -5.96 -5.86 -1.85
N ASP A 9 -6.44 -6.81 -1.06
CA ASP A 9 -6.51 -6.65 0.39
C ASP A 9 -5.20 -7.04 1.05
N TYR A 10 -4.73 -6.20 1.96
CA TYR A 10 -3.48 -6.48 2.67
C TYR A 10 -3.61 -6.18 4.16
N GLN A 11 -2.78 -6.84 4.96
CA GLN A 11 -2.79 -6.65 6.40
C GLN A 11 -1.43 -6.18 6.90
N ALA A 12 -1.37 -4.94 7.36
CA ALA A 12 -0.13 -4.37 7.86
C ALA A 12 0.38 -5.14 9.08
N ALA A 13 1.41 -5.95 8.88
CA ALA A 13 1.98 -6.74 9.97
C ALA A 13 3.11 -5.98 10.66
N GLY A 14 2.86 -4.73 11.02
CA GLY A 14 3.86 -3.92 11.68
C GLY A 14 3.27 -3.00 12.72
N ASP A 15 4.11 -2.17 13.33
CA ASP A 15 3.68 -1.24 14.35
C ASP A 15 3.35 0.12 13.75
N ASP A 16 4.04 0.47 12.66
CA ASP A 16 3.83 1.75 11.99
C ASP A 16 3.25 1.54 10.59
N GLU A 17 2.47 0.48 10.43
CA GLU A 17 1.86 0.17 9.15
C GLU A 17 0.37 -0.15 9.31
N ILE A 18 -0.45 0.36 8.39
CA ILE A 18 -1.88 0.13 8.44
C ILE A 18 -2.36 -0.60 7.19
N SER A 19 -3.58 -1.13 7.24
CA SER A 19 -4.14 -1.85 6.11
C SER A 19 -5.27 -1.05 5.46
N PHE A 20 -5.69 -1.48 4.28
CA PHE A 20 -6.76 -0.80 3.55
C PHE A 20 -7.52 -1.76 2.64
N ASP A 21 -8.49 -1.23 1.91
CA ASP A 21 -9.29 -2.02 0.99
C ASP A 21 -9.03 -1.61 -0.45
N PRO A 22 -9.27 -2.52 -1.42
CA PRO A 22 -9.05 -2.24 -2.84
C PRO A 22 -9.83 -1.02 -3.32
N ASP A 23 -11.07 -0.91 -2.88
CA ASP A 23 -11.93 0.22 -3.26
C ASP A 23 -11.69 1.41 -2.34
N ASP A 24 -11.32 1.13 -1.10
CA ASP A 24 -11.06 2.19 -0.13
C ASP A 24 -9.80 2.97 -0.50
N ILE A 25 -10.01 4.14 -1.10
CA ILE A 25 -8.89 4.98 -1.52
C ILE A 25 -8.51 5.96 -0.41
N ILE A 26 -7.21 6.06 -0.12
CA ILE A 26 -6.72 6.95 0.93
C ILE A 26 -6.07 8.19 0.33
N THR A 27 -5.90 9.23 1.15
CA THR A 27 -5.30 10.48 0.70
C THR A 27 -4.01 10.78 1.46
N ASN A 28 -3.30 11.80 1.00
CA ASN A 28 -2.04 12.21 1.63
C ASN A 28 -1.02 11.08 1.59
N ILE A 29 -0.82 10.51 0.40
CA ILE A 29 0.12 9.42 0.22
C ILE A 29 1.48 9.94 -0.26
N GLU A 30 2.44 9.99 0.65
CA GLU A 30 3.78 10.45 0.32
C GLU A 30 4.79 9.32 0.47
N MET A 31 5.58 9.10 -0.57
CA MET A 31 6.58 8.03 -0.56
C MET A 31 7.85 8.47 0.19
N ILE A 32 8.12 7.82 1.31
CA ILE A 32 9.29 8.13 2.11
C ILE A 32 10.44 7.20 1.73
N ASP A 33 10.13 5.91 1.67
CA ASP A 33 11.13 4.90 1.32
C ASP A 33 10.99 4.51 -0.16
N ASP A 34 12.13 4.27 -0.80
CA ASP A 34 12.13 3.90 -2.21
C ASP A 34 11.33 2.63 -2.47
N GLY A 35 11.05 1.87 -1.40
CA GLY A 35 10.30 0.64 -1.55
C GLY A 35 8.92 0.70 -0.91
N TRP A 36 8.75 1.59 0.05
CA TRP A 36 7.46 1.73 0.74
C TRP A 36 6.92 3.15 0.64
N TRP A 37 5.68 3.34 1.07
CA TRP A 37 5.02 4.64 1.03
C TRP A 37 4.39 4.97 2.38
N ARG A 38 3.66 6.09 2.43
CA ARG A 38 2.98 6.52 3.65
C ARG A 38 1.76 7.35 3.30
N GLY A 39 0.61 6.95 3.83
CA GLY A 39 -0.63 7.68 3.54
C GLY A 39 -1.38 8.09 4.78
N VAL A 40 -2.56 8.68 4.56
CA VAL A 40 -3.40 9.14 5.66
C VAL A 40 -4.86 8.89 5.36
N CYS A 41 -5.52 8.11 6.22
CA CYS A 41 -6.92 7.78 6.04
C CYS A 41 -7.77 8.50 7.09
N LYS A 42 -8.30 9.66 6.70
CA LYS A 42 -9.13 10.45 7.60
C LYS A 42 -8.41 10.74 8.92
N GLY A 43 -7.12 11.07 8.82
CA GLY A 43 -6.35 11.37 10.01
C GLY A 43 -5.45 10.21 10.43
N ARG A 44 -5.80 9.01 9.98
CA ARG A 44 -5.03 7.82 10.32
C ARG A 44 -3.75 7.75 9.48
N TYR A 45 -2.62 8.03 10.11
CA TYR A 45 -1.33 7.98 9.42
C TYR A 45 -0.74 6.58 9.50
N GLY A 46 0.03 6.20 8.48
CA GLY A 46 0.64 4.90 8.47
C GLY A 46 1.48 4.66 7.22
N LEU A 47 1.85 3.41 7.00
CA LEU A 47 2.66 3.04 5.84
C LEU A 47 1.81 2.28 4.81
N PHE A 48 2.08 2.52 3.54
CA PHE A 48 1.35 1.87 2.47
C PHE A 48 2.22 0.85 1.73
N PRO A 49 1.82 -0.44 1.74
CA PRO A 49 2.58 -1.49 1.06
C PRO A 49 2.70 -1.21 -0.44
N ALA A 50 3.89 -0.78 -0.86
CA ALA A 50 4.14 -0.46 -2.26
C ALA A 50 3.76 -1.63 -3.18
N ASN A 51 3.74 -2.83 -2.62
CA ASN A 51 3.41 -4.02 -3.40
C ASN A 51 1.91 -4.27 -3.44
N TYR A 52 1.18 -3.76 -2.45
CA TYR A 52 -0.26 -3.94 -2.40
C TYR A 52 -1.01 -2.62 -2.49
N VAL A 53 -0.35 -1.59 -3.00
CA VAL A 53 -0.97 -0.28 -3.14
C VAL A 53 -0.31 0.53 -4.26
N GLU A 54 -1.11 1.37 -4.92
CA GLU A 54 -0.61 2.20 -6.00
C GLU A 54 -1.14 3.63 -5.89
N LEU A 55 -0.27 4.60 -6.20
CA LEU A 55 -0.65 6.01 -6.13
C LEU A 55 -1.49 6.40 -7.34
N ARG A 56 -2.44 7.30 -7.12
CA ARG A 56 -3.32 7.76 -8.20
C ARG A 56 -2.71 8.94 -8.93
N GLN A 57 -1.78 8.65 -9.84
CA GLN A 57 -1.11 9.69 -10.61
C GLN A 57 -1.09 9.33 -12.10
N GLN B 1 -12.30 -25.44 -12.90
CA GLN B 1 -12.33 -24.26 -13.80
C GLN B 1 -11.44 -24.47 -15.02
N ARG B 2 -11.86 -23.91 -16.15
CA ARG B 2 -11.09 -24.03 -17.39
C ARG B 2 -10.23 -22.80 -17.63
N ASN B 3 -9.90 -22.09 -16.56
CA ASN B 3 -9.08 -20.89 -16.65
C ASN B 3 -7.86 -20.99 -15.73
N ARG B 4 -6.89 -20.12 -15.96
CA ARG B 4 -5.67 -20.10 -15.16
C ARG B 4 -5.64 -18.88 -14.22
N MET B 5 -5.60 -19.14 -12.92
CA MET B 5 -5.57 -18.08 -11.93
C MET B 5 -4.28 -17.25 -12.06
N PRO B 6 -4.31 -15.98 -11.62
CA PRO B 6 -3.15 -15.10 -11.69
C PRO B 6 -2.05 -15.50 -10.70
N PRO B 7 -0.79 -15.21 -11.02
CA PRO B 7 0.35 -15.55 -10.16
C PRO B 7 0.41 -14.67 -8.91
N PRO B 8 1.18 -15.10 -7.89
CA PRO B 8 1.31 -14.35 -6.64
C PRO B 8 2.11 -13.06 -6.82
N ARG B 9 1.66 -12.00 -6.15
CA ARG B 9 2.32 -10.71 -6.23
C ARG B 9 3.72 -10.77 -5.61
N PRO B 10 4.56 -9.76 -5.89
CA PRO B 10 5.92 -9.70 -5.36
C PRO B 10 5.96 -9.57 -3.84
N ASP B 11 7.10 -9.92 -3.26
CA ASP B 11 7.29 -9.84 -1.81
C ASP B 11 6.98 -8.44 -1.29
N VAL B 12 5.94 -8.33 -0.47
CA VAL B 12 5.53 -7.06 0.10
C VAL B 12 5.98 -6.92 1.56
N GLY B 13 6.32 -8.04 2.18
CA GLY B 13 6.75 -8.02 3.56
C GLY B 13 8.11 -7.35 3.75
N SER B 14 8.81 -7.09 2.65
CA SER B 14 10.12 -6.46 2.71
C SER B 14 10.01 -5.04 3.29
N LYS B 15 10.88 -4.74 4.25
CA LYS B 15 10.87 -3.42 4.88
C LYS B 15 11.88 -2.49 4.19
N PRO B 16 11.62 -1.17 4.23
CA PRO B 16 12.50 -0.18 3.61
C PRO B 16 13.80 0.00 4.39
N ASP B 17 14.84 0.46 3.69
CA ASP B 17 16.14 0.67 4.32
C ASP B 17 16.10 1.86 5.27
N SER B 18 15.23 2.83 4.97
CA SER B 18 15.10 4.03 5.80
C SER B 18 13.74 4.06 6.49
N ILE B 19 13.47 5.13 7.22
CA ILE B 19 12.21 5.27 7.93
C ILE B 19 11.08 5.64 6.97
N GLY A 1 -2.46 17.61 -2.50
CA GLY A 1 -3.33 16.43 -2.19
C GLY A 1 -2.95 15.20 -2.99
N ILE A 2 -2.35 14.23 -2.32
CA ILE A 2 -1.93 12.99 -2.98
C ILE A 2 -2.81 11.82 -2.55
N THR A 3 -3.60 11.31 -3.49
CA THR A 3 -4.48 10.18 -3.21
C THR A 3 -3.93 8.89 -3.81
N ALA A 4 -4.29 7.76 -3.23
CA ALA A 4 -3.82 6.48 -3.72
C ALA A 4 -4.86 5.38 -3.50
N VAL A 5 -4.88 4.41 -4.40
CA VAL A 5 -5.81 3.30 -4.32
C VAL A 5 -5.08 1.96 -4.24
N ALA A 6 -5.64 1.02 -3.50
CA ALA A 6 -5.02 -0.29 -3.33
C ALA A 6 -5.57 -1.28 -4.36
N LEU A 7 -4.73 -2.23 -4.76
CA LEU A 7 -5.13 -3.25 -5.72
C LEU A 7 -5.54 -4.54 -5.02
N TYR A 8 -4.82 -4.90 -3.97
CA TYR A 8 -5.11 -6.10 -3.20
C TYR A 8 -5.20 -5.77 -1.71
N ASP A 9 -5.86 -6.65 -0.96
CA ASP A 9 -6.01 -6.44 0.47
C ASP A 9 -4.81 -7.00 1.23
N TYR A 10 -4.15 -6.13 1.99
CA TYR A 10 -2.97 -6.54 2.76
C TYR A 10 -3.11 -6.15 4.23
N GLN A 11 -2.41 -6.87 5.09
CA GLN A 11 -2.45 -6.61 6.53
C GLN A 11 -1.11 -6.08 7.01
N ALA A 12 -1.14 -4.93 7.68
CA ALA A 12 0.07 -4.31 8.19
C ALA A 12 0.75 -5.21 9.22
N ALA A 13 1.94 -5.70 8.89
CA ALA A 13 2.68 -6.57 9.79
C ALA A 13 3.46 -5.76 10.84
N GLY A 14 3.69 -4.49 10.55
CA GLY A 14 4.41 -3.65 11.49
C GLY A 14 3.49 -2.76 12.31
N ASP A 15 3.96 -2.35 13.48
CA ASP A 15 3.17 -1.50 14.37
C ASP A 15 2.94 -0.13 13.74
N ASP A 16 3.88 0.30 12.89
CA ASP A 16 3.77 1.59 12.23
C ASP A 16 3.20 1.44 10.82
N GLU A 17 2.37 0.42 10.63
CA GLU A 17 1.75 0.16 9.34
C GLU A 17 0.25 -0.07 9.49
N ILE A 18 -0.53 0.49 8.57
CA ILE A 18 -1.98 0.32 8.60
C ILE A 18 -2.47 -0.53 7.44
N SER A 19 -3.67 -1.09 7.58
CA SER A 19 -4.25 -1.93 6.54
C SER A 19 -5.40 -1.22 5.85
N PHE A 20 -5.64 -1.57 4.59
CA PHE A 20 -6.72 -0.96 3.82
C PHE A 20 -7.31 -1.94 2.83
N ASP A 21 -8.32 -1.50 2.10
CA ASP A 21 -8.99 -2.33 1.10
C ASP A 21 -8.73 -1.81 -0.31
N PRO A 22 -8.84 -2.68 -1.33
CA PRO A 22 -8.61 -2.29 -2.73
C PRO A 22 -9.43 -1.07 -3.12
N ASP A 23 -10.75 -1.21 -3.05
CA ASP A 23 -11.66 -0.11 -3.40
C ASP A 23 -11.49 1.06 -2.45
N ASP A 24 -11.05 0.77 -1.23
CA ASP A 24 -10.85 1.81 -0.22
C ASP A 24 -9.65 2.68 -0.57
N ILE A 25 -9.93 3.85 -1.15
CA ILE A 25 -8.87 4.78 -1.53
C ILE A 25 -8.58 5.75 -0.41
N ILE A 26 -7.29 5.95 -0.12
CA ILE A 26 -6.87 6.86 0.93
C ILE A 26 -6.25 8.13 0.36
N THR A 27 -6.12 9.16 1.20
CA THR A 27 -5.55 10.43 0.76
C THR A 27 -4.21 10.70 1.44
N ASN A 28 -3.56 11.78 1.03
CA ASN A 28 -2.27 12.18 1.59
C ASN A 28 -1.29 11.00 1.57
N ILE A 29 -1.24 10.31 0.44
CA ILE A 29 -0.34 9.16 0.29
C ILE A 29 0.98 9.58 -0.33
N GLU A 30 2.01 9.65 0.50
CA GLU A 30 3.35 10.04 0.05
C GLU A 30 4.26 8.82 -0.01
N MET A 31 5.29 8.91 -0.84
CA MET A 31 6.25 7.82 -0.98
C MET A 31 7.61 8.18 -0.40
N ILE A 32 7.95 7.56 0.73
CA ILE A 32 9.23 7.81 1.38
C ILE A 32 10.27 6.80 0.92
N ASP A 33 9.88 5.53 0.91
CA ASP A 33 10.75 4.45 0.49
C ASP A 33 10.33 3.92 -0.88
N ASP A 34 11.31 3.55 -1.70
CA ASP A 34 11.03 3.03 -3.03
C ASP A 34 10.15 1.78 -2.96
N GLY A 35 10.09 1.15 -1.79
CA GLY A 35 9.28 -0.04 -1.62
C GLY A 35 8.06 0.19 -0.75
N TRP A 36 8.13 1.17 0.13
CA TRP A 36 7.03 1.48 1.04
C TRP A 36 6.57 2.93 0.89
N TRP A 37 5.32 3.19 1.26
CA TRP A 37 4.75 4.52 1.19
C TRP A 37 4.10 4.90 2.52
N ARG A 38 3.38 6.02 2.53
CA ARG A 38 2.69 6.48 3.73
C ARG A 38 1.24 6.78 3.43
N GLY A 39 0.33 6.24 4.24
CA GLY A 39 -1.08 6.46 4.01
C GLY A 39 -1.73 7.33 5.07
N VAL A 40 -2.73 8.12 4.66
CA VAL A 40 -3.44 8.99 5.58
C VAL A 40 -4.95 8.88 5.34
N CYS A 41 -5.65 8.21 6.26
CA CYS A 41 -7.08 8.04 6.14
C CYS A 41 -7.83 8.90 7.16
N LYS A 42 -8.24 10.08 6.72
CA LYS A 42 -8.98 11.01 7.57
C LYS A 42 -8.27 11.24 8.91
N GLY A 43 -6.95 11.40 8.86
CA GLY A 43 -6.20 11.63 10.08
C GLY A 43 -5.36 10.44 10.49
N ARG A 44 -5.75 9.26 10.05
CA ARG A 44 -5.03 8.05 10.39
C ARG A 44 -3.74 7.94 9.58
N TYR A 45 -2.61 8.19 10.24
CA TYR A 45 -1.31 8.12 9.59
C TYR A 45 -0.67 6.76 9.80
N GLY A 46 0.12 6.33 8.82
CA GLY A 46 0.79 5.04 8.91
C GLY A 46 1.59 4.73 7.66
N LEU A 47 1.80 3.44 7.41
CA LEU A 47 2.56 3.01 6.24
C LEU A 47 1.62 2.41 5.20
N PHE A 48 1.93 2.65 3.93
CA PHE A 48 1.12 2.13 2.84
C PHE A 48 1.91 1.10 2.02
N PRO A 49 1.45 -0.17 2.00
CA PRO A 49 2.12 -1.23 1.25
C PRO A 49 2.18 -0.90 -0.24
N ALA A 50 3.36 -0.50 -0.71
CA ALA A 50 3.55 -0.14 -2.10
C ALA A 50 3.28 -1.31 -3.03
N ASN A 51 3.80 -2.48 -2.67
CA ASN A 51 3.61 -3.69 -3.49
C ASN A 51 2.15 -4.10 -3.55
N TYR A 52 1.33 -3.56 -2.65
CA TYR A 52 -0.09 -3.89 -2.62
C TYR A 52 -0.96 -2.66 -2.85
N VAL A 53 -0.38 -1.60 -3.40
CA VAL A 53 -1.12 -0.37 -3.67
C VAL A 53 -0.47 0.43 -4.81
N GLU A 54 -1.06 1.59 -5.10
CA GLU A 54 -0.54 2.44 -6.17
C GLU A 54 -0.92 3.90 -5.92
N LEU A 55 0.04 4.80 -6.13
CA LEU A 55 -0.21 6.23 -5.93
C LEU A 55 -1.05 6.79 -7.06
N ARG A 56 -2.10 7.53 -6.69
CA ARG A 56 -2.99 8.14 -7.67
C ARG A 56 -2.62 9.59 -7.92
N GLN A 57 -1.96 9.84 -9.06
CA GLN A 57 -1.55 11.20 -9.42
C GLN A 57 -1.46 11.35 -10.93
N GLN B 1 -9.68 -24.45 -17.90
CA GLN B 1 -9.71 -23.35 -18.92
C GLN B 1 -8.37 -23.23 -19.63
N ARG B 2 -8.35 -22.47 -20.71
CA ARG B 2 -7.13 -22.27 -21.49
C ARG B 2 -6.44 -20.96 -21.10
N ASN B 3 -6.71 -20.49 -19.89
CA ASN B 3 -6.12 -19.25 -19.40
C ASN B 3 -5.34 -19.48 -18.12
N ARG B 4 -4.19 -18.83 -17.99
CA ARG B 4 -3.36 -18.96 -16.81
C ARG B 4 -3.45 -17.71 -15.93
N MET B 5 -3.50 -17.92 -14.61
CA MET B 5 -3.58 -16.81 -13.67
C MET B 5 -2.31 -15.96 -13.72
N PRO B 6 -2.43 -14.68 -13.33
CA PRO B 6 -1.28 -13.75 -13.33
C PRO B 6 -0.26 -14.11 -12.26
N PRO B 7 0.99 -13.63 -12.40
CA PRO B 7 2.07 -13.90 -11.44
C PRO B 7 1.79 -13.28 -10.08
N PRO B 8 2.37 -13.86 -9.01
CA PRO B 8 2.17 -13.36 -7.65
C PRO B 8 2.86 -12.03 -7.41
N ARG B 9 2.21 -11.15 -6.64
CA ARG B 9 2.77 -9.84 -6.34
C ARG B 9 3.97 -9.96 -5.40
N PRO B 10 4.95 -9.05 -5.53
CA PRO B 10 6.15 -9.05 -4.68
C PRO B 10 5.84 -8.80 -3.21
N ASP B 11 6.76 -9.19 -2.34
CA ASP B 11 6.58 -9.01 -0.90
C ASP B 11 6.57 -7.52 -0.54
N VAL B 12 5.52 -7.10 0.16
CA VAL B 12 5.38 -5.71 0.56
C VAL B 12 5.75 -5.51 2.04
N GLY B 13 5.77 -6.60 2.79
CA GLY B 13 6.09 -6.51 4.21
C GLY B 13 7.53 -6.16 4.47
N SER B 14 8.36 -6.14 3.43
CA SER B 14 9.77 -5.81 3.57
C SER B 14 9.93 -4.41 4.16
N LYS B 15 10.77 -4.28 5.17
CA LYS B 15 11.01 -2.98 5.82
C LYS B 15 11.98 -2.13 4.99
N PRO B 16 11.71 -0.82 4.87
CA PRO B 16 12.56 0.10 4.10
C PRO B 16 14.02 0.01 4.53
N ASP B 17 14.92 0.38 3.61
CA ASP B 17 16.35 0.35 3.89
C ASP B 17 16.77 1.50 4.78
N SER B 18 16.05 2.62 4.67
CA SER B 18 16.35 3.81 5.47
C SER B 18 15.09 4.64 5.70
N ILE B 19 14.63 4.68 6.94
CA ILE B 19 13.44 5.45 7.29
C ILE B 19 13.72 6.94 7.27
N GLY A 1 -4.89 16.23 -1.69
CA GLY A 1 -3.69 16.26 -2.57
C GLY A 1 -3.34 14.90 -3.13
N ILE A 2 -2.11 14.44 -2.84
CA ILE A 2 -1.66 13.14 -3.31
C ILE A 2 -2.58 12.02 -2.84
N THR A 3 -3.26 11.38 -3.78
CA THR A 3 -4.18 10.29 -3.45
C THR A 3 -3.56 8.95 -3.82
N ALA A 4 -4.17 7.87 -3.34
CA ALA A 4 -3.68 6.52 -3.63
C ALA A 4 -4.76 5.47 -3.43
N VAL A 5 -4.71 4.43 -4.25
CA VAL A 5 -5.69 3.34 -4.16
C VAL A 5 -4.99 2.00 -4.02
N ALA A 6 -5.59 1.10 -3.25
CA ALA A 6 -5.02 -0.22 -3.03
C ALA A 6 -5.43 -1.20 -4.13
N LEU A 7 -4.55 -2.16 -4.42
CA LEU A 7 -4.82 -3.16 -5.45
C LEU A 7 -5.37 -4.43 -4.82
N TYR A 8 -4.66 -4.96 -3.84
CA TYR A 8 -5.08 -6.17 -3.15
C TYR A 8 -5.16 -5.92 -1.65
N ASP A 9 -5.70 -6.89 -0.90
CA ASP A 9 -5.83 -6.76 0.54
C ASP A 9 -4.55 -7.21 1.24
N TYR A 10 -4.03 -6.36 2.12
CA TYR A 10 -2.81 -6.69 2.85
C TYR A 10 -2.91 -6.25 4.30
N GLN A 11 -2.14 -6.91 5.16
CA GLN A 11 -2.12 -6.59 6.59
C GLN A 11 -0.75 -6.10 7.00
N ALA A 12 -0.72 -5.03 7.78
CA ALA A 12 0.55 -4.46 8.25
C ALA A 12 1.31 -5.45 9.12
N ALA A 13 2.61 -5.59 8.86
CA ALA A 13 3.44 -6.51 9.62
C ALA A 13 4.04 -5.82 10.85
N GLY A 14 4.31 -4.53 10.73
CA GLY A 14 4.88 -3.79 11.83
C GLY A 14 3.85 -2.96 12.58
N ASP A 15 4.31 -2.17 13.54
CA ASP A 15 3.43 -1.33 14.33
C ASP A 15 3.23 0.04 13.69
N ASP A 16 4.17 0.44 12.84
CA ASP A 16 4.10 1.72 12.16
C ASP A 16 3.49 1.58 10.77
N GLU A 17 2.59 0.61 10.63
CA GLU A 17 1.94 0.38 9.34
C GLU A 17 0.50 -0.08 9.55
N ILE A 18 -0.40 0.40 8.70
CA ILE A 18 -1.81 0.03 8.78
C ILE A 18 -2.28 -0.68 7.51
N SER A 19 -3.43 -1.32 7.60
CA SER A 19 -3.99 -2.03 6.45
C SER A 19 -5.21 -1.30 5.88
N PHE A 20 -5.59 -1.65 4.66
CA PHE A 20 -6.73 -1.01 4.01
C PHE A 20 -7.32 -1.93 2.94
N ASP A 21 -8.34 -1.43 2.23
CA ASP A 21 -8.99 -2.20 1.18
C ASP A 21 -8.69 -1.61 -0.19
N PRO A 22 -8.79 -2.42 -1.25
CA PRO A 22 -8.52 -1.97 -2.62
C PRO A 22 -9.39 -0.78 -3.02
N ASP A 23 -10.71 -1.00 -3.03
CA ASP A 23 -11.64 0.06 -3.39
C ASP A 23 -11.49 1.26 -2.46
N ASP A 24 -11.04 1.00 -1.24
CA ASP A 24 -10.85 2.06 -0.25
C ASP A 24 -9.71 2.98 -0.67
N ILE A 25 -10.05 4.12 -1.27
CA ILE A 25 -9.05 5.08 -1.71
C ILE A 25 -8.76 6.10 -0.60
N ILE A 26 -7.47 6.29 -0.32
CA ILE A 26 -7.05 7.23 0.72
C ILE A 26 -6.30 8.41 0.12
N THR A 27 -6.07 9.43 0.94
CA THR A 27 -5.37 10.63 0.49
C THR A 27 -4.13 10.91 1.35
N ASN A 28 -3.28 11.81 0.86
CA ASN A 28 -2.06 12.19 1.58
C ASN A 28 -1.02 11.07 1.54
N ILE A 29 -1.06 10.25 0.50
CA ILE A 29 -0.11 9.14 0.36
C ILE A 29 1.17 9.61 -0.30
N GLU A 30 2.22 9.77 0.50
CA GLU A 30 3.51 10.20 0.00
C GLU A 30 4.50 9.04 0.01
N MET A 31 5.10 8.78 -1.15
CA MET A 31 6.07 7.69 -1.27
C MET A 31 7.43 8.10 -0.75
N ILE A 32 7.82 7.53 0.39
CA ILE A 32 9.11 7.84 1.00
C ILE A 32 10.15 6.82 0.56
N ASP A 33 9.79 5.53 0.67
CA ASP A 33 10.68 4.45 0.28
C ASP A 33 10.20 3.81 -1.02
N ASP A 34 11.15 3.42 -1.86
CA ASP A 34 10.81 2.78 -3.14
C ASP A 34 9.99 1.52 -2.93
N GLY A 35 10.02 0.97 -1.72
CA GLY A 35 9.27 -0.24 -1.44
C GLY A 35 8.04 0.01 -0.57
N TRP A 36 8.13 1.01 0.31
CA TRP A 36 7.02 1.33 1.19
C TRP A 36 6.58 2.79 1.03
N TRP A 37 5.33 3.07 1.42
CA TRP A 37 4.78 4.42 1.32
C TRP A 37 4.13 4.83 2.64
N ARG A 38 3.47 5.99 2.64
CA ARG A 38 2.80 6.49 3.83
C ARG A 38 1.65 7.40 3.43
N GLY A 39 0.47 7.17 4.00
CA GLY A 39 -0.68 7.98 3.67
C GLY A 39 -1.57 8.29 4.85
N VAL A 40 -2.76 8.81 4.57
CA VAL A 40 -3.72 9.16 5.61
C VAL A 40 -5.12 8.66 5.26
N CYS A 41 -5.80 8.09 6.25
CA CYS A 41 -7.16 7.58 6.05
C CYS A 41 -8.11 8.20 7.08
N LYS A 42 -8.82 9.23 6.66
CA LYS A 42 -9.77 9.92 7.54
C LYS A 42 -9.12 10.29 8.87
N GLY A 43 -7.90 10.79 8.81
CA GLY A 43 -7.19 11.19 10.01
C GLY A 43 -6.35 10.06 10.59
N ARG A 44 -6.01 9.09 9.76
CA ARG A 44 -5.21 7.96 10.20
C ARG A 44 -3.91 7.86 9.38
N TYR A 45 -2.81 8.24 10.02
CA TYR A 45 -1.50 8.19 9.36
C TYR A 45 -0.84 6.82 9.55
N GLY A 46 -0.12 6.36 8.53
CA GLY A 46 0.53 5.07 8.62
C GLY A 46 1.36 4.74 7.39
N LEU A 47 1.68 3.46 7.22
CA LEU A 47 2.48 3.02 6.09
C LEU A 47 1.61 2.27 5.07
N PHE A 48 1.92 2.45 3.79
CA PHE A 48 1.17 1.80 2.73
C PHE A 48 2.05 0.85 1.94
N PRO A 49 1.71 -0.45 1.90
CA PRO A 49 2.50 -1.43 1.15
C PRO A 49 2.54 -1.07 -0.33
N ALA A 50 3.68 -0.55 -0.77
CA ALA A 50 3.85 -0.15 -2.16
C ALA A 50 3.59 -1.31 -3.12
N ASN A 51 3.67 -2.53 -2.60
CA ASN A 51 3.45 -3.73 -3.41
C ASN A 51 1.97 -4.06 -3.52
N TYR A 52 1.17 -3.56 -2.58
CA TYR A 52 -0.28 -3.83 -2.59
C TYR A 52 -1.09 -2.54 -2.73
N VAL A 53 -0.47 -1.48 -3.21
CA VAL A 53 -1.15 -0.21 -3.39
C VAL A 53 -0.47 0.65 -4.45
N GLU A 54 -1.19 1.65 -4.94
CA GLU A 54 -0.66 2.55 -5.96
C GLU A 54 -1.09 3.99 -5.69
N LEU A 55 -0.27 4.94 -6.15
CA LEU A 55 -0.55 6.35 -5.96
C LEU A 55 -1.41 6.89 -7.11
N ARG A 56 -1.94 8.09 -6.92
CA ARG A 56 -2.78 8.72 -7.94
C ARG A 56 -2.15 10.01 -8.45
N GLN A 57 -2.05 11.01 -7.56
CA GLN A 57 -1.47 12.28 -7.92
C GLN A 57 -0.04 12.40 -7.40
N GLN B 1 -12.52 -24.57 -13.44
CA GLN B 1 -12.35 -23.35 -14.26
C GLN B 1 -11.07 -23.41 -15.08
N ARG B 2 -11.16 -22.98 -16.34
CA ARG B 2 -10.00 -22.99 -17.23
C ARG B 2 -9.49 -21.57 -17.46
N ASN B 3 -9.78 -20.68 -16.52
CA ASN B 3 -9.33 -19.29 -16.62
C ASN B 3 -7.99 -19.08 -15.92
N ARG B 4 -7.05 -18.47 -16.61
CA ARG B 4 -5.72 -18.22 -16.06
C ARG B 4 -5.78 -17.07 -15.04
N MET B 5 -5.24 -17.32 -13.85
CA MET B 5 -5.22 -16.32 -12.79
C MET B 5 -4.18 -15.25 -13.08
N PRO B 6 -4.27 -14.09 -12.41
CA PRO B 6 -3.33 -12.98 -12.59
C PRO B 6 -1.91 -13.34 -12.13
N PRO B 7 -0.90 -12.60 -12.62
CA PRO B 7 0.49 -12.85 -12.26
C PRO B 7 0.78 -12.55 -10.79
N PRO B 8 1.76 -13.25 -10.18
CA PRO B 8 2.11 -13.05 -8.77
C PRO B 8 2.68 -11.67 -8.50
N ARG B 9 2.28 -11.07 -7.38
CA ARG B 9 2.75 -9.75 -7.01
C ARG B 9 4.11 -9.82 -6.31
N PRO B 10 4.88 -8.72 -6.33
CA PRO B 10 6.22 -8.67 -5.71
C PRO B 10 6.18 -8.83 -4.18
N ASP B 11 7.31 -9.20 -3.60
CA ASP B 11 7.43 -9.40 -2.17
C ASP B 11 6.99 -8.15 -1.40
N VAL B 12 6.13 -8.36 -0.40
CA VAL B 12 5.62 -7.27 0.41
C VAL B 12 6.31 -7.18 1.76
N GLY B 13 6.99 -8.26 2.15
CA GLY B 13 7.66 -8.28 3.44
C GLY B 13 8.86 -7.34 3.51
N SER B 14 9.21 -6.72 2.39
CA SER B 14 10.33 -5.79 2.34
C SER B 14 10.09 -4.63 3.31
N LYS B 15 11.17 -3.96 3.71
CA LYS B 15 11.06 -2.84 4.64
C LYS B 15 12.19 -1.84 4.41
N PRO B 16 11.90 -0.53 4.52
CA PRO B 16 12.89 0.53 4.33
C PRO B 16 14.01 0.46 5.37
N ASP B 17 15.17 1.01 5.02
CA ASP B 17 16.31 1.01 5.92
C ASP B 17 16.22 2.16 6.92
N SER B 18 15.58 3.24 6.51
CA SER B 18 15.42 4.41 7.37
C SER B 18 14.00 4.95 7.29
N ILE B 19 13.39 5.21 8.45
CA ILE B 19 12.03 5.72 8.50
C ILE B 19 12.00 7.21 8.13
N GLY A 1 -4.12 17.57 -3.68
CA GLY A 1 -4.56 16.51 -2.74
C GLY A 1 -4.19 15.11 -3.22
N ILE A 2 -2.99 14.67 -2.86
CA ILE A 2 -2.51 13.35 -3.27
C ILE A 2 -3.46 12.25 -2.81
N THR A 3 -3.67 11.27 -3.69
CA THR A 3 -4.55 10.15 -3.38
C THR A 3 -3.94 8.84 -3.85
N ALA A 4 -4.41 7.73 -3.30
CA ALA A 4 -3.88 6.42 -3.66
C ALA A 4 -4.90 5.30 -3.44
N VAL A 5 -4.86 4.31 -4.32
CA VAL A 5 -5.77 3.18 -4.23
C VAL A 5 -4.98 1.87 -4.16
N ALA A 6 -5.54 0.87 -3.47
CA ALA A 6 -4.89 -0.41 -3.33
C ALA A 6 -5.44 -1.44 -4.32
N LEU A 7 -4.54 -2.13 -5.01
CA LEU A 7 -4.94 -3.14 -5.99
C LEU A 7 -5.41 -4.41 -5.26
N TYR A 8 -4.65 -4.79 -4.23
CA TYR A 8 -4.98 -5.97 -3.45
C TYR A 8 -5.13 -5.60 -1.97
N ASP A 9 -5.82 -6.45 -1.21
CA ASP A 9 -6.02 -6.19 0.21
C ASP A 9 -4.85 -6.72 1.03
N TYR A 10 -4.21 -5.83 1.78
CA TYR A 10 -3.06 -6.21 2.60
C TYR A 10 -3.33 -5.95 4.08
N GLN A 11 -2.65 -6.69 4.94
CA GLN A 11 -2.80 -6.54 6.38
C GLN A 11 -1.49 -6.07 7.01
N ALA A 12 -1.43 -4.78 7.31
CA ALA A 12 -0.23 -4.20 7.90
C ALA A 12 0.05 -4.81 9.27
N ALA A 13 1.03 -5.70 9.32
CA ALA A 13 1.40 -6.35 10.57
C ALA A 13 2.60 -5.67 11.22
N GLY A 14 2.73 -4.38 11.00
CA GLY A 14 3.82 -3.62 11.58
C GLY A 14 3.40 -2.77 12.76
N ASP A 15 4.33 -1.97 13.27
CA ASP A 15 4.04 -1.09 14.40
C ASP A 15 3.53 0.27 13.92
N ASP A 16 3.92 0.66 12.71
CA ASP A 16 3.51 1.93 12.15
C ASP A 16 2.90 1.75 10.75
N GLU A 17 2.27 0.61 10.54
CA GLU A 17 1.66 0.31 9.24
C GLU A 17 0.16 0.09 9.40
N ILE A 18 -0.62 0.63 8.46
CA ILE A 18 -2.07 0.49 8.49
C ILE A 18 -2.55 -0.40 7.35
N SER A 19 -3.78 -0.92 7.50
CA SER A 19 -4.35 -1.79 6.48
C SER A 19 -5.49 -1.08 5.75
N PHE A 20 -5.77 -1.54 4.53
CA PHE A 20 -6.83 -0.95 3.72
C PHE A 20 -7.46 -1.97 2.79
N ASP A 21 -8.55 -1.58 2.14
CA ASP A 21 -9.26 -2.45 1.21
C ASP A 21 -9.13 -1.95 -0.23
N PRO A 22 -9.27 -2.84 -1.22
CA PRO A 22 -9.17 -2.48 -2.64
C PRO A 22 -10.02 -1.27 -2.99
N ASP A 23 -11.33 -1.41 -2.81
CA ASP A 23 -12.26 -0.32 -3.12
C ASP A 23 -12.02 0.85 -2.18
N ASP A 24 -11.57 0.57 -0.97
CA ASP A 24 -11.30 1.61 0.01
C ASP A 24 -10.05 2.40 -0.36
N ILE A 25 -10.25 3.58 -0.95
CA ILE A 25 -9.14 4.43 -1.37
C ILE A 25 -8.76 5.38 -0.24
N ILE A 26 -7.46 5.62 -0.10
CA ILE A 26 -6.96 6.52 0.95
C ILE A 26 -6.35 7.78 0.35
N THR A 27 -6.15 8.80 1.18
CA THR A 27 -5.59 10.06 0.72
C THR A 27 -4.32 10.43 1.50
N ASN A 28 -3.66 11.49 1.06
CA ASN A 28 -2.45 11.98 1.71
C ASN A 28 -1.37 10.89 1.73
N ILE A 29 -1.02 10.40 0.56
CA ILE A 29 0.01 9.36 0.43
C ILE A 29 1.28 9.91 -0.18
N GLU A 30 2.40 9.67 0.48
CA GLU A 30 3.69 10.14 -0.01
C GLU A 30 4.69 8.99 -0.13
N MET A 31 5.76 9.22 -0.87
CA MET A 31 6.78 8.20 -1.08
C MET A 31 8.02 8.48 -0.24
N ILE A 32 8.23 7.67 0.79
CA ILE A 32 9.40 7.83 1.66
C ILE A 32 10.45 6.78 1.34
N ASP A 33 10.00 5.55 1.17
CA ASP A 33 10.89 4.44 0.84
C ASP A 33 10.71 4.02 -0.62
N ASP A 34 11.81 3.64 -1.26
CA ASP A 34 11.76 3.22 -2.66
C ASP A 34 10.83 2.01 -2.84
N GLY A 35 10.55 1.31 -1.75
CA GLY A 35 9.67 0.16 -1.82
C GLY A 35 8.38 0.33 -1.04
N TRP A 36 8.37 1.27 -0.11
CA TRP A 36 7.19 1.53 0.71
C TRP A 36 6.73 2.99 0.60
N TRP A 37 5.51 3.25 1.06
CA TRP A 37 4.95 4.60 1.03
C TRP A 37 4.27 4.93 2.36
N ARG A 38 3.58 6.06 2.40
CA ARG A 38 2.87 6.48 3.61
C ARG A 38 1.40 6.72 3.29
N GLY A 39 0.51 6.23 4.16
CA GLY A 39 -0.91 6.41 3.91
C GLY A 39 -1.61 7.16 5.03
N VAL A 40 -2.64 7.92 4.66
CA VAL A 40 -3.40 8.70 5.62
C VAL A 40 -4.90 8.51 5.38
N CYS A 41 -5.58 7.89 6.35
CA CYS A 41 -7.01 7.65 6.23
C CYS A 41 -7.80 8.53 7.18
N LYS A 42 -8.26 9.66 6.67
CA LYS A 42 -9.04 10.61 7.46
C LYS A 42 -8.31 11.02 8.74
N GLY A 43 -7.01 11.27 8.63
CA GLY A 43 -6.24 11.68 9.79
C GLY A 43 -5.35 10.57 10.32
N ARG A 44 -5.72 9.33 10.05
CA ARG A 44 -4.94 8.18 10.52
C ARG A 44 -3.68 8.02 9.67
N TYR A 45 -2.54 8.38 10.23
CA TYR A 45 -1.26 8.25 9.53
C TYR A 45 -0.66 6.87 9.74
N GLY A 46 0.16 6.44 8.79
CA GLY A 46 0.80 5.15 8.89
C GLY A 46 1.64 4.83 7.67
N LEU A 47 1.82 3.54 7.41
CA LEU A 47 2.61 3.09 6.26
C LEU A 47 1.71 2.53 5.17
N PHE A 48 2.06 2.77 3.93
CA PHE A 48 1.30 2.29 2.79
C PHE A 48 2.09 1.27 1.99
N PRO A 49 1.66 0.00 1.99
CA PRO A 49 2.35 -1.06 1.25
C PRO A 49 2.40 -0.75 -0.24
N ALA A 50 3.56 -0.32 -0.72
CA ALA A 50 3.72 0.03 -2.12
C ALA A 50 3.51 -1.17 -3.03
N ASN A 51 3.95 -2.35 -2.57
CA ASN A 51 3.81 -3.57 -3.35
C ASN A 51 2.35 -4.01 -3.45
N TYR A 52 1.50 -3.47 -2.57
CA TYR A 52 0.08 -3.83 -2.58
C TYR A 52 -0.81 -2.61 -2.83
N VAL A 53 -0.22 -1.55 -3.38
CA VAL A 53 -0.97 -0.33 -3.67
C VAL A 53 -0.34 0.47 -4.80
N GLU A 54 -0.89 1.64 -5.08
CA GLU A 54 -0.39 2.50 -6.13
C GLU A 54 -0.73 3.96 -5.85
N LEU A 55 0.22 4.85 -6.14
CA LEU A 55 0.02 6.27 -5.92
C LEU A 55 -0.82 6.89 -7.02
N ARG A 56 -1.96 7.46 -6.65
CA ARG A 56 -2.86 8.09 -7.61
C ARG A 56 -2.37 9.48 -7.99
N GLN A 57 -1.81 9.60 -9.18
CA GLN A 57 -1.29 10.88 -9.67
C GLN A 57 -2.39 11.66 -10.38
N GLN B 1 -8.71 -23.36 -21.10
CA GLN B 1 -8.58 -21.89 -21.22
C GLN B 1 -7.35 -21.51 -22.02
N ARG B 2 -7.52 -20.56 -22.94
CA ARG B 2 -6.41 -20.10 -23.78
C ARG B 2 -5.79 -18.82 -23.22
N ASN B 3 -5.96 -18.60 -21.92
CA ASN B 3 -5.42 -17.42 -21.27
C ASN B 3 -4.40 -17.80 -20.19
N ARG B 4 -3.34 -17.01 -20.08
CA ARG B 4 -2.31 -17.27 -19.08
C ARG B 4 -2.53 -16.45 -17.82
N MET B 5 -2.57 -17.13 -16.68
CA MET B 5 -2.78 -16.46 -15.41
C MET B 5 -1.64 -15.51 -15.08
N PRO B 6 -1.92 -14.40 -14.39
CA PRO B 6 -0.90 -13.42 -14.02
C PRO B 6 0.03 -13.93 -12.91
N PRO B 7 1.30 -13.47 -12.91
CA PRO B 7 2.28 -13.89 -11.91
C PRO B 7 2.02 -13.26 -10.54
N PRO B 8 2.62 -13.82 -9.48
CA PRO B 8 2.45 -13.31 -8.11
C PRO B 8 3.13 -11.97 -7.91
N ARG B 9 2.49 -11.07 -7.18
CA ARG B 9 3.03 -9.75 -6.91
C ARG B 9 4.30 -9.85 -6.07
N PRO B 10 5.08 -8.75 -6.00
CA PRO B 10 6.34 -8.72 -5.23
C PRO B 10 6.12 -8.89 -3.73
N ASP B 11 7.18 -9.27 -3.02
CA ASP B 11 7.11 -9.46 -1.58
C ASP B 11 6.77 -8.16 -0.87
N VAL B 12 5.89 -8.24 0.12
CA VAL B 12 5.46 -7.07 0.88
C VAL B 12 6.15 -7.00 2.24
N GLY B 13 6.73 -8.12 2.68
CA GLY B 13 7.39 -8.16 3.97
C GLY B 13 8.68 -7.35 3.99
N SER B 14 9.13 -6.89 2.84
CA SER B 14 10.34 -6.08 2.75
C SER B 14 10.12 -4.71 3.38
N LYS B 15 11.04 -4.30 4.24
CA LYS B 15 10.93 -3.00 4.91
C LYS B 15 12.03 -2.05 4.46
N PRO B 16 11.77 -0.74 4.49
CA PRO B 16 12.75 0.27 4.09
C PRO B 16 14.09 0.11 4.79
N ASP B 17 15.15 0.62 4.18
CA ASP B 17 16.49 0.51 4.75
C ASP B 17 16.62 1.42 5.97
N SER B 18 15.88 2.52 5.98
CA SER B 18 15.92 3.46 7.09
C SER B 18 14.56 4.13 7.28
N ILE B 19 14.28 4.52 8.53
CA ILE B 19 13.01 5.17 8.85
C ILE B 19 13.02 6.63 8.41
N GLY A 1 -2.95 17.97 -2.09
CA GLY A 1 -3.87 16.81 -1.90
C GLY A 1 -3.42 15.57 -2.64
N ILE A 2 -3.07 14.53 -1.89
CA ILE A 2 -2.62 13.28 -2.48
C ILE A 2 -3.66 12.19 -2.33
N THR A 3 -3.72 11.28 -3.30
CA THR A 3 -4.68 10.18 -3.27
C THR A 3 -4.02 8.89 -3.75
N ALA A 4 -4.52 7.75 -3.25
CA ALA A 4 -3.97 6.45 -3.63
C ALA A 4 -5.01 5.35 -3.46
N VAL A 5 -4.95 4.35 -4.34
CA VAL A 5 -5.87 3.23 -4.29
C VAL A 5 -5.12 1.91 -4.18
N ALA A 6 -5.62 1.01 -3.35
CA ALA A 6 -4.99 -0.30 -3.16
C ALA A 6 -5.40 -1.28 -4.25
N LEU A 7 -4.51 -2.23 -4.53
CA LEU A 7 -4.77 -3.25 -5.56
C LEU A 7 -5.58 -4.40 -4.97
N TYR A 8 -4.98 -5.09 -4.00
CA TYR A 8 -5.66 -6.21 -3.34
C TYR A 8 -5.76 -5.95 -1.84
N ASP A 9 -6.21 -6.95 -1.09
CA ASP A 9 -6.36 -6.82 0.36
C ASP A 9 -5.05 -7.15 1.05
N TYR A 10 -4.57 -6.21 1.87
CA TYR A 10 -3.33 -6.40 2.60
C TYR A 10 -3.51 -6.19 4.09
N GLN A 11 -2.64 -6.81 4.89
CA GLN A 11 -2.70 -6.69 6.33
C GLN A 11 -1.35 -6.22 6.88
N ALA A 12 -1.29 -4.95 7.29
CA ALA A 12 -0.06 -4.39 7.82
C ALA A 12 0.37 -5.09 9.10
N ALA A 13 1.41 -5.90 9.00
CA ALA A 13 1.92 -6.64 10.15
C ALA A 13 3.05 -5.88 10.83
N GLY A 14 2.86 -4.58 11.02
CA GLY A 14 3.87 -3.77 11.66
C GLY A 14 3.29 -2.83 12.71
N ASP A 15 4.15 -2.07 13.37
CA ASP A 15 3.72 -1.14 14.41
C ASP A 15 3.35 0.21 13.79
N ASP A 16 4.03 0.57 12.71
CA ASP A 16 3.78 1.83 12.04
C ASP A 16 3.23 1.60 10.62
N GLU A 17 2.49 0.51 10.46
CA GLU A 17 1.91 0.17 9.16
C GLU A 17 0.43 -0.16 9.30
N ILE A 18 -0.37 0.32 8.35
CA ILE A 18 -1.80 0.06 8.36
C ILE A 18 -2.25 -0.64 7.09
N SER A 19 -3.44 -1.23 7.12
CA SER A 19 -3.97 -1.94 5.96
C SER A 19 -5.12 -1.16 5.33
N PHE A 20 -5.51 -1.56 4.13
CA PHE A 20 -6.60 -0.88 3.42
C PHE A 20 -7.29 -1.84 2.44
N ASP A 21 -8.34 -1.35 1.79
CA ASP A 21 -9.09 -2.14 0.83
C ASP A 21 -8.92 -1.59 -0.58
N PRO A 22 -9.11 -2.44 -1.61
CA PRO A 22 -8.98 -2.04 -3.00
C PRO A 22 -9.81 -0.80 -3.33
N ASP A 23 -11.12 -0.92 -3.19
CA ASP A 23 -12.02 0.19 -3.47
C ASP A 23 -11.80 1.33 -2.48
N ASP A 24 -11.39 0.98 -1.27
CA ASP A 24 -11.14 1.98 -0.23
C ASP A 24 -9.93 2.82 -0.58
N ILE A 25 -10.18 4.01 -1.13
CA ILE A 25 -9.10 4.92 -1.50
C ILE A 25 -8.76 5.87 -0.35
N ILE A 26 -7.46 6.08 -0.14
CA ILE A 26 -6.99 6.95 0.93
C ILE A 26 -6.30 8.19 0.36
N THR A 27 -6.13 9.22 1.20
CA THR A 27 -5.50 10.45 0.76
C THR A 27 -4.21 10.73 1.53
N ASN A 28 -3.40 11.64 1.00
CA ASN A 28 -2.13 12.00 1.64
C ASN A 28 -1.14 10.85 1.60
N ILE A 29 -0.99 10.24 0.43
CA ILE A 29 -0.06 9.12 0.27
C ILE A 29 1.23 9.59 -0.40
N GLU A 30 2.28 9.71 0.41
CA GLU A 30 3.59 10.15 -0.09
C GLU A 30 4.53 8.96 -0.24
N MET A 31 5.59 9.14 -1.02
CA MET A 31 6.56 8.08 -1.25
C MET A 31 7.90 8.40 -0.59
N ILE A 32 8.22 7.68 0.48
CA ILE A 32 9.48 7.89 1.18
C ILE A 32 10.49 6.83 0.76
N ASP A 33 10.06 5.58 0.79
CA ASP A 33 10.91 4.46 0.40
C ASP A 33 10.48 3.90 -0.95
N ASP A 34 11.46 3.48 -1.75
CA ASP A 34 11.16 2.92 -3.07
C ASP A 34 10.26 1.70 -2.97
N GLY A 35 10.18 1.11 -1.78
CA GLY A 35 9.34 -0.06 -1.59
C GLY A 35 8.16 0.20 -0.69
N TRP A 36 8.29 1.18 0.20
CA TRP A 36 7.20 1.52 1.13
C TRP A 36 6.79 2.97 0.99
N TRP A 37 5.56 3.28 1.43
CA TRP A 37 5.04 4.64 1.37
C TRP A 37 4.36 5.02 2.69
N ARG A 38 3.66 6.15 2.70
CA ARG A 38 2.96 6.62 3.89
C ARG A 38 1.68 7.33 3.48
N GLY A 39 0.55 6.89 4.04
CA GLY A 39 -0.72 7.50 3.69
C GLY A 39 -1.49 8.00 4.89
N VAL A 40 -2.64 8.60 4.63
CA VAL A 40 -3.49 9.13 5.68
C VAL A 40 -4.96 8.88 5.38
N CYS A 41 -5.62 8.09 6.23
CA CYS A 41 -7.02 7.76 6.06
C CYS A 41 -7.87 8.45 7.11
N LYS A 42 -8.40 9.62 6.74
CA LYS A 42 -9.23 10.41 7.65
C LYS A 42 -8.51 10.67 8.97
N GLY A 43 -7.23 11.01 8.88
CA GLY A 43 -6.45 11.29 10.08
C GLY A 43 -5.55 10.14 10.48
N ARG A 44 -5.88 8.94 10.00
CA ARG A 44 -5.09 7.76 10.33
C ARG A 44 -3.79 7.73 9.54
N TYR A 45 -2.68 8.02 10.22
CA TYR A 45 -1.37 8.02 9.57
C TYR A 45 -0.71 6.65 9.70
N GLY A 46 -0.07 6.20 8.62
CA GLY A 46 0.59 4.91 8.65
C GLY A 46 1.45 4.67 7.42
N LEU A 47 1.74 3.40 7.15
CA LEU A 47 2.57 3.03 6.02
C LEU A 47 1.71 2.40 4.92
N PHE A 48 2.05 2.67 3.68
CA PHE A 48 1.31 2.13 2.54
C PHE A 48 2.15 1.13 1.76
N PRO A 49 1.76 -0.16 1.77
CA PRO A 49 2.48 -1.20 1.05
C PRO A 49 2.53 -0.92 -0.45
N ALA A 50 3.69 -0.48 -0.91
CA ALA A 50 3.87 -0.15 -2.33
C ALA A 50 3.53 -1.34 -3.21
N ASN A 51 3.61 -2.54 -2.65
CA ASN A 51 3.32 -3.75 -3.39
C ASN A 51 1.81 -4.02 -3.46
N TYR A 52 1.09 -3.54 -2.46
CA TYR A 52 -0.36 -3.73 -2.41
C TYR A 52 -1.10 -2.41 -2.52
N VAL A 53 -0.42 -1.38 -3.03
CA VAL A 53 -1.04 -0.07 -3.19
C VAL A 53 -0.38 0.70 -4.32
N GLU A 54 -1.01 1.80 -4.72
CA GLU A 54 -0.49 2.63 -5.81
C GLU A 54 -0.95 4.07 -5.66
N LEU A 55 -0.06 5.01 -5.97
CA LEU A 55 -0.39 6.43 -5.88
C LEU A 55 -1.32 6.85 -7.02
N ARG A 56 -2.36 7.60 -6.67
CA ARG A 56 -3.32 8.06 -7.66
C ARG A 56 -2.91 9.42 -8.23
N GLN A 57 -2.43 9.41 -9.46
CA GLN A 57 -2.00 10.65 -10.12
C GLN A 57 -3.15 11.63 -10.25
N GLN B 1 -5.09 -28.17 -16.76
CA GLN B 1 -5.69 -27.04 -16.03
C GLN B 1 -6.41 -26.09 -16.98
N ARG B 2 -7.68 -25.81 -16.67
CA ARG B 2 -8.49 -24.92 -17.50
C ARG B 2 -8.47 -23.50 -16.95
N ASN B 3 -8.10 -23.36 -15.68
CA ASN B 3 -8.05 -22.05 -15.04
C ASN B 3 -6.62 -21.67 -14.69
N ARG B 4 -6.17 -20.52 -15.20
CA ARG B 4 -4.82 -20.04 -14.95
C ARG B 4 -4.81 -19.02 -13.82
N MET B 5 -4.07 -19.32 -12.76
CA MET B 5 -3.98 -18.42 -11.61
C MET B 5 -2.97 -17.31 -11.87
N PRO B 6 -3.19 -16.11 -11.29
CA PRO B 6 -2.29 -14.96 -11.47
C PRO B 6 -0.98 -15.16 -10.74
N PRO B 7 0.08 -14.44 -11.18
CA PRO B 7 1.41 -14.54 -10.56
C PRO B 7 1.45 -13.91 -9.17
N PRO B 8 2.36 -14.37 -8.31
CA PRO B 8 2.49 -13.85 -6.94
C PRO B 8 3.09 -12.45 -6.92
N ARG B 9 2.56 -11.60 -6.04
CA ARG B 9 3.03 -10.23 -5.91
C ARG B 9 4.38 -10.19 -5.19
N PRO B 10 5.11 -9.06 -5.29
CA PRO B 10 6.42 -8.89 -4.66
C PRO B 10 6.36 -8.92 -3.13
N ASP B 11 7.50 -9.19 -2.50
CA ASP B 11 7.59 -9.24 -1.05
C ASP B 11 7.31 -7.88 -0.42
N VAL B 12 6.37 -7.83 0.51
CA VAL B 12 6.00 -6.59 1.18
C VAL B 12 6.60 -6.51 2.59
N GLY B 13 7.06 -7.65 3.12
CA GLY B 13 7.62 -7.66 4.45
C GLY B 13 8.95 -6.93 4.56
N SER B 14 9.48 -6.48 3.43
CA SER B 14 10.75 -5.75 3.43
C SER B 14 10.57 -4.38 4.08
N LYS B 15 11.47 -4.04 5.00
CA LYS B 15 11.39 -2.75 5.69
C LYS B 15 12.47 -1.80 5.21
N PRO B 16 12.14 -0.49 5.07
CA PRO B 16 13.09 0.52 4.61
C PRO B 16 14.27 0.67 5.57
N ASP B 17 15.39 1.16 5.05
CA ASP B 17 16.60 1.36 5.86
C ASP B 17 16.39 2.47 6.88
N SER B 18 15.54 3.43 6.53
CA SER B 18 15.25 4.55 7.42
C SER B 18 13.85 5.11 7.17
N ILE B 19 13.17 5.49 8.24
CA ILE B 19 11.82 6.04 8.13
C ILE B 19 11.85 7.40 7.46
N GLY A 1 -4.83 16.90 -1.86
CA GLY A 1 -3.44 16.85 -2.42
C GLY A 1 -3.15 15.54 -3.14
N ILE A 2 -2.68 14.56 -2.39
CA ILE A 2 -2.36 13.25 -2.96
C ILE A 2 -3.44 12.23 -2.63
N THR A 3 -3.60 11.24 -3.51
CA THR A 3 -4.60 10.20 -3.31
C THR A 3 -4.17 8.89 -3.97
N ALA A 4 -4.26 7.79 -3.23
CA ALA A 4 -3.88 6.49 -3.75
C ALA A 4 -4.94 5.44 -3.44
N VAL A 5 -4.91 4.35 -4.20
CA VAL A 5 -5.86 3.26 -4.01
C VAL A 5 -5.16 1.90 -4.08
N ALA A 6 -5.47 1.05 -3.12
CA ALA A 6 -4.87 -0.28 -3.07
C ALA A 6 -5.49 -1.21 -4.11
N LEU A 7 -4.73 -2.19 -4.56
CA LEU A 7 -5.21 -3.15 -5.55
C LEU A 7 -6.02 -4.26 -4.90
N TYR A 8 -5.39 -4.93 -3.93
CA TYR A 8 -6.06 -6.02 -3.21
C TYR A 8 -6.03 -5.77 -1.71
N ASP A 9 -6.48 -6.75 -0.94
CA ASP A 9 -6.52 -6.63 0.51
C ASP A 9 -5.17 -7.03 1.12
N TYR A 10 -4.60 -6.14 1.91
CA TYR A 10 -3.31 -6.39 2.54
C TYR A 10 -3.37 -6.09 4.04
N GLN A 11 -2.49 -6.74 4.80
CA GLN A 11 -2.44 -6.54 6.24
C GLN A 11 -1.06 -6.05 6.67
N ALA A 12 -1.03 -4.96 7.43
CA ALA A 12 0.22 -4.39 7.89
C ALA A 12 0.97 -5.37 8.80
N ALA A 13 2.27 -5.51 8.56
CA ALA A 13 3.09 -6.42 9.36
C ALA A 13 3.84 -5.67 10.45
N GLY A 14 4.08 -4.38 10.23
CA GLY A 14 4.79 -3.58 11.21
C GLY A 14 3.86 -2.72 12.03
N ASP A 15 4.30 -2.36 13.24
CA ASP A 15 3.49 -1.53 14.13
C ASP A 15 3.22 -0.16 13.52
N ASP A 16 4.14 0.28 12.66
CA ASP A 16 3.99 1.57 12.00
C ASP A 16 3.39 1.42 10.61
N GLU A 17 2.54 0.41 10.44
CA GLU A 17 1.89 0.15 9.16
C GLU A 17 0.42 -0.17 9.35
N ILE A 18 -0.42 0.38 8.47
CA ILE A 18 -1.86 0.14 8.54
C ILE A 18 -2.37 -0.57 7.29
N SER A 19 -3.58 -1.11 7.37
CA SER A 19 -4.17 -1.82 6.24
C SER A 19 -5.32 -1.00 5.64
N PHE A 20 -5.81 -1.44 4.48
CA PHE A 20 -6.89 -0.74 3.81
C PHE A 20 -7.62 -1.68 2.85
N ASP A 21 -8.60 -1.13 2.12
CA ASP A 21 -9.38 -1.90 1.17
C ASP A 21 -9.08 -1.46 -0.26
N PRO A 22 -9.31 -2.35 -1.25
CA PRO A 22 -9.06 -2.03 -2.66
C PRO A 22 -9.89 -0.85 -3.15
N ASP A 23 -11.19 -0.88 -2.87
CA ASP A 23 -12.09 0.19 -3.27
C ASP A 23 -11.99 1.39 -2.33
N ASP A 24 -11.19 1.25 -1.28
CA ASP A 24 -11.03 2.33 -0.31
C ASP A 24 -9.81 3.19 -0.65
N ILE A 25 -10.06 4.32 -1.29
CA ILE A 25 -8.98 5.22 -1.67
C ILE A 25 -8.73 6.26 -0.58
N ILE A 26 -7.46 6.45 -0.24
CA ILE A 26 -7.10 7.41 0.81
C ILE A 26 -6.25 8.55 0.25
N THR A 27 -6.06 9.59 1.06
CA THR A 27 -5.27 10.75 0.64
C THR A 27 -3.98 10.88 1.44
N ASN A 28 -3.19 11.89 1.10
CA ASN A 28 -1.93 12.16 1.77
C ASN A 28 -0.95 11.00 1.56
N ILE A 29 -1.07 10.33 0.42
CA ILE A 29 -0.19 9.20 0.10
C ILE A 29 1.12 9.68 -0.50
N GLU A 30 2.18 9.65 0.30
CA GLU A 30 3.50 10.08 -0.15
C GLU A 30 4.49 8.92 -0.11
N MET A 31 5.66 9.12 -0.70
CA MET A 31 6.68 8.08 -0.75
C MET A 31 7.88 8.46 0.12
N ILE A 32 8.08 7.69 1.20
CA ILE A 32 9.21 7.94 2.10
C ILE A 32 10.34 6.96 1.80
N ASP A 33 9.98 5.69 1.70
CA ASP A 33 10.94 4.64 1.43
C ASP A 33 10.87 4.24 -0.05
N ASP A 34 12.01 3.93 -0.63
CA ASP A 34 12.08 3.54 -2.03
C ASP A 34 11.22 2.30 -2.29
N GLY A 35 10.89 1.57 -1.23
CA GLY A 35 10.07 0.38 -1.38
C GLY A 35 8.73 0.48 -0.67
N TRP A 36 8.62 1.42 0.26
CA TRP A 36 7.37 1.61 1.01
C TRP A 36 6.84 3.03 0.85
N TRP A 37 5.56 3.21 1.18
CA TRP A 37 4.91 4.53 1.08
C TRP A 37 4.29 4.91 2.42
N ARG A 38 3.52 6.01 2.41
CA ARG A 38 2.86 6.49 3.62
C ARG A 38 1.61 7.29 3.23
N GLY A 39 0.50 7.03 3.90
CA GLY A 39 -0.72 7.75 3.58
C GLY A 39 -1.59 8.06 4.80
N VAL A 40 -2.72 8.71 4.55
CA VAL A 40 -3.64 9.08 5.62
C VAL A 40 -5.06 8.62 5.29
N CYS A 41 -5.67 7.91 6.24
CA CYS A 41 -7.02 7.41 6.07
C CYS A 41 -7.98 8.07 7.07
N LYS A 42 -8.65 9.13 6.62
CA LYS A 42 -9.59 9.86 7.48
C LYS A 42 -8.96 10.23 8.80
N GLY A 43 -7.71 10.70 8.75
CA GLY A 43 -7.02 11.10 9.96
C GLY A 43 -6.18 9.98 10.56
N ARG A 44 -5.88 8.98 9.74
CA ARG A 44 -5.07 7.85 10.19
C ARG A 44 -3.78 7.75 9.39
N TYR A 45 -2.67 8.14 10.02
CA TYR A 45 -1.36 8.09 9.37
C TYR A 45 -0.71 6.73 9.53
N GLY A 46 0.03 6.30 8.51
CA GLY A 46 0.70 5.02 8.56
C GLY A 46 1.54 4.75 7.33
N LEU A 47 1.95 3.50 7.15
CA LEU A 47 2.77 3.13 6.00
C LEU A 47 1.95 2.32 5.01
N PHE A 48 2.22 2.53 3.73
CA PHE A 48 1.50 1.83 2.67
C PHE A 48 2.42 0.89 1.89
N PRO A 49 2.02 -0.40 1.75
CA PRO A 49 2.83 -1.38 1.01
C PRO A 49 2.91 -1.01 -0.47
N ALA A 50 4.07 -0.49 -0.88
CA ALA A 50 4.28 -0.09 -2.27
C ALA A 50 4.08 -1.26 -3.24
N ASN A 51 4.24 -2.47 -2.73
CA ASN A 51 4.10 -3.67 -3.55
C ASN A 51 2.64 -4.12 -3.66
N TYR A 52 1.77 -3.57 -2.81
CA TYR A 52 0.36 -3.94 -2.83
C TYR A 52 -0.54 -2.75 -3.14
N VAL A 53 -0.08 -1.55 -2.78
CA VAL A 53 -0.87 -0.33 -3.02
C VAL A 53 -0.29 0.47 -4.17
N GLU A 54 -1.15 1.23 -4.85
CA GLU A 54 -0.72 2.05 -5.98
C GLU A 54 -1.28 3.46 -5.87
N LEU A 55 -0.55 4.43 -6.41
CA LEU A 55 -0.97 5.82 -6.39
C LEU A 55 -1.92 6.13 -7.54
N ARG A 56 -2.81 7.10 -7.33
CA ARG A 56 -3.77 7.49 -8.36
C ARG A 56 -3.49 8.90 -8.86
N GLN A 57 -3.81 9.14 -10.12
CA GLN A 57 -3.59 10.45 -10.73
C GLN A 57 -4.78 10.86 -11.58
N GLN B 1 -15.13 -24.21 -13.33
CA GLN B 1 -15.14 -22.74 -13.13
C GLN B 1 -14.29 -22.02 -14.18
N ARG B 2 -14.83 -20.93 -14.72
CA ARG B 2 -14.12 -20.16 -15.73
C ARG B 2 -13.41 -18.95 -15.11
N ASN B 3 -13.12 -19.05 -13.81
CA ASN B 3 -12.45 -17.97 -13.11
C ASN B 3 -10.94 -18.22 -13.01
N ARG B 4 -10.16 -17.17 -13.17
CA ARG B 4 -8.70 -17.28 -13.12
C ARG B 4 -8.10 -16.14 -12.30
N MET B 5 -7.54 -16.47 -11.14
CA MET B 5 -6.93 -15.48 -10.28
C MET B 5 -5.50 -15.20 -10.69
N PRO B 6 -5.02 -13.94 -10.49
CA PRO B 6 -3.67 -13.55 -10.85
C PRO B 6 -2.62 -14.15 -9.91
N PRO B 7 -1.35 -14.21 -10.36
CA PRO B 7 -0.25 -14.77 -9.55
C PRO B 7 0.02 -13.94 -8.29
N PRO B 8 0.76 -14.49 -7.33
CA PRO B 8 1.09 -13.79 -6.07
C PRO B 8 1.96 -12.57 -6.32
N ARG B 9 1.68 -11.49 -5.59
CA ARG B 9 2.43 -10.25 -5.71
C ARG B 9 3.76 -10.35 -4.96
N PRO B 10 4.70 -9.42 -5.24
CA PRO B 10 6.02 -9.41 -4.60
C PRO B 10 5.95 -9.15 -3.09
N ASP B 11 7.02 -9.53 -2.39
CA ASP B 11 7.09 -9.34 -0.94
C ASP B 11 7.19 -7.86 -0.58
N VAL B 12 6.19 -7.36 0.13
CA VAL B 12 6.16 -5.96 0.54
C VAL B 12 6.55 -5.80 2.01
N GLY B 13 6.50 -6.89 2.77
CA GLY B 13 6.83 -6.81 4.19
C GLY B 13 8.29 -6.51 4.47
N SER B 14 9.11 -6.45 3.41
CA SER B 14 10.52 -6.14 3.58
C SER B 14 10.70 -4.76 4.19
N LYS B 15 11.53 -4.66 5.22
CA LYS B 15 11.78 -3.40 5.89
C LYS B 15 12.67 -2.49 5.05
N PRO B 16 12.25 -1.23 4.83
CA PRO B 16 13.03 -0.26 4.04
C PRO B 16 14.28 0.20 4.77
N ASP B 17 15.27 0.65 4.01
CA ASP B 17 16.53 1.13 4.58
C ASP B 17 16.31 2.41 5.39
N SER B 18 15.29 3.17 5.02
CA SER B 18 14.98 4.41 5.72
C SER B 18 13.69 4.28 6.51
N ILE B 19 13.48 5.19 7.45
CA ILE B 19 12.28 5.17 8.28
C ILE B 19 11.12 5.88 7.60
N GLY A 1 -4.15 17.76 -2.85
CA GLY A 1 -3.72 16.57 -2.06
C GLY A 1 -3.40 15.38 -2.95
N ILE A 2 -2.76 14.37 -2.37
CA ILE A 2 -2.40 13.17 -3.10
C ILE A 2 -3.26 11.98 -2.68
N THR A 3 -3.96 11.40 -3.64
CA THR A 3 -4.83 10.26 -3.36
C THR A 3 -4.19 8.97 -3.88
N ALA A 4 -4.57 7.84 -3.28
CA ALA A 4 -4.03 6.55 -3.67
C ALA A 4 -5.04 5.43 -3.43
N VAL A 5 -5.06 4.45 -4.33
CA VAL A 5 -5.97 3.32 -4.22
C VAL A 5 -5.20 2.00 -4.20
N ALA A 6 -5.69 1.04 -3.42
CA ALA A 6 -5.05 -0.25 -3.31
C ALA A 6 -5.60 -1.23 -4.35
N LEU A 7 -4.75 -2.13 -4.82
CA LEU A 7 -5.14 -3.12 -5.81
C LEU A 7 -5.58 -4.41 -5.14
N TYR A 8 -4.84 -4.82 -4.10
CA TYR A 8 -5.15 -6.04 -3.37
C TYR A 8 -5.29 -5.74 -1.88
N ASP A 9 -5.78 -6.73 -1.13
CA ASP A 9 -5.95 -6.57 0.31
C ASP A 9 -4.66 -6.92 1.04
N TYR A 10 -4.14 -5.96 1.81
CA TYR A 10 -2.91 -6.17 2.56
C TYR A 10 -3.13 -6.01 4.05
N GLN A 11 -2.28 -6.65 4.85
CA GLN A 11 -2.38 -6.56 6.30
C GLN A 11 -1.09 -6.00 6.89
N ALA A 12 -1.17 -4.79 7.43
CA ALA A 12 0.00 -4.15 8.03
C ALA A 12 0.52 -4.95 9.22
N ALA A 13 1.62 -5.66 9.01
CA ALA A 13 2.22 -6.47 10.06
C ALA A 13 3.27 -5.69 10.82
N GLY A 14 2.90 -4.48 11.25
CA GLY A 14 3.83 -3.64 11.99
C GLY A 14 3.12 -2.71 12.95
N ASP A 15 3.88 -1.83 13.59
CA ASP A 15 3.32 -0.87 14.53
C ASP A 15 3.03 0.45 13.86
N ASP A 16 3.79 0.77 12.82
CA ASP A 16 3.60 2.02 12.09
C ASP A 16 3.05 1.76 10.69
N GLU A 17 2.29 0.68 10.55
CA GLU A 17 1.70 0.32 9.26
C GLU A 17 0.21 0.05 9.40
N ILE A 18 -0.57 0.54 8.43
CA ILE A 18 -2.01 0.35 8.45
C ILE A 18 -2.46 -0.51 7.26
N SER A 19 -3.66 -1.07 7.37
CA SER A 19 -4.21 -1.91 6.31
C SER A 19 -5.36 -1.19 5.60
N PHE A 20 -5.59 -1.56 4.35
CA PHE A 20 -6.66 -0.94 3.56
C PHE A 20 -7.31 -1.97 2.63
N ASP A 21 -8.34 -1.53 1.93
CA ASP A 21 -9.06 -2.39 1.01
C ASP A 21 -8.86 -1.93 -0.44
N PRO A 22 -9.00 -2.85 -1.42
CA PRO A 22 -8.84 -2.53 -2.84
C PRO A 22 -9.76 -1.39 -3.28
N ASP A 23 -10.89 -1.26 -2.62
CA ASP A 23 -11.86 -0.22 -2.95
C ASP A 23 -11.69 0.99 -2.05
N ASP A 24 -11.24 0.74 -0.82
CA ASP A 24 -11.03 1.82 0.14
C ASP A 24 -9.83 2.68 -0.27
N ILE A 25 -10.11 3.83 -0.87
CA ILE A 25 -9.07 4.74 -1.31
C ILE A 25 -8.72 5.74 -0.21
N ILE A 26 -7.43 6.00 -0.03
CA ILE A 26 -6.97 6.93 1.00
C ILE A 26 -6.32 8.15 0.38
N THR A 27 -6.06 9.17 1.19
CA THR A 27 -5.45 10.41 0.73
C THR A 27 -4.15 10.68 1.47
N ASN A 28 -3.49 11.77 1.07
CA ASN A 28 -2.22 12.17 1.69
C ASN A 28 -1.22 11.01 1.69
N ILE A 29 -0.92 10.49 0.50
CA ILE A 29 0.02 9.39 0.37
C ILE A 29 1.34 9.85 -0.24
N GLU A 30 2.42 9.66 0.51
CA GLU A 30 3.75 10.07 0.05
C GLU A 30 4.69 8.87 -0.02
N MET A 31 5.84 9.07 -0.64
CA MET A 31 6.83 8.00 -0.78
C MET A 31 8.07 8.29 0.07
N ILE A 32 8.23 7.51 1.14
CA ILE A 32 9.38 7.67 2.02
C ILE A 32 10.45 6.62 1.69
N ASP A 33 9.99 5.40 1.44
CA ASP A 33 10.89 4.30 1.10
C ASP A 33 10.77 3.96 -0.37
N ASP A 34 11.90 3.59 -0.99
CA ASP A 34 11.91 3.24 -2.40
C ASP A 34 10.97 2.07 -2.70
N GLY A 35 10.62 1.32 -1.65
CA GLY A 35 9.72 0.19 -1.83
C GLY A 35 8.40 0.35 -1.10
N TRP A 36 8.35 1.26 -0.14
CA TRP A 36 7.13 1.50 0.62
C TRP A 36 6.70 2.96 0.53
N TRP A 37 5.48 3.24 1.02
CA TRP A 37 4.94 4.59 1.00
C TRP A 37 4.23 4.89 2.32
N ARG A 38 3.50 6.01 2.37
CA ARG A 38 2.77 6.41 3.55
C ARG A 38 1.32 6.68 3.20
N GLY A 39 0.39 6.19 4.02
CA GLY A 39 -1.02 6.39 3.75
C GLY A 39 -1.76 7.05 4.88
N VAL A 40 -2.78 7.84 4.55
CA VAL A 40 -3.57 8.53 5.55
C VAL A 40 -5.05 8.21 5.40
N CYS A 41 -5.64 7.65 6.45
CA CYS A 41 -7.04 7.27 6.43
C CYS A 41 -7.86 8.20 7.34
N LYS A 42 -8.47 9.21 6.73
CA LYS A 42 -9.28 10.19 7.47
C LYS A 42 -8.58 10.65 8.74
N GLY A 43 -7.27 10.91 8.63
CA GLY A 43 -6.51 11.37 9.77
C GLY A 43 -5.56 10.32 10.30
N ARG A 44 -5.87 9.06 10.04
CA ARG A 44 -5.03 7.95 10.49
C ARG A 44 -3.78 7.84 9.63
N TYR A 45 -2.64 8.24 10.19
CA TYR A 45 -1.37 8.17 9.47
C TYR A 45 -0.72 6.81 9.67
N GLY A 46 0.00 6.35 8.66
CA GLY A 46 0.66 5.06 8.73
C GLY A 46 1.50 4.76 7.52
N LEU A 47 1.70 3.48 7.24
CA LEU A 47 2.50 3.06 6.09
C LEU A 47 1.61 2.48 5.01
N PHE A 48 1.97 2.74 3.76
CA PHE A 48 1.20 2.25 2.62
C PHE A 48 1.99 1.21 1.83
N PRO A 49 1.54 -0.06 1.84
CA PRO A 49 2.23 -1.14 1.10
C PRO A 49 2.29 -0.83 -0.38
N ALA A 50 3.48 -0.43 -0.85
CA ALA A 50 3.67 -0.08 -2.25
C ALA A 50 3.46 -1.30 -3.15
N ASN A 51 3.93 -2.45 -2.71
CA ASN A 51 3.80 -3.68 -3.49
C ASN A 51 2.34 -4.11 -3.63
N TYR A 52 1.46 -3.52 -2.84
CA TYR A 52 0.04 -3.87 -2.90
C TYR A 52 -0.82 -2.67 -3.31
N VAL A 53 -0.35 -1.46 -2.99
CA VAL A 53 -1.08 -0.25 -3.33
C VAL A 53 -0.45 0.48 -4.50
N GLU A 54 -1.04 1.61 -4.89
CA GLU A 54 -0.53 2.41 -5.99
C GLU A 54 -0.94 3.87 -5.84
N LEU A 55 -0.04 4.77 -6.20
CA LEU A 55 -0.30 6.21 -6.10
C LEU A 55 -1.19 6.67 -7.26
N ARG A 56 -1.91 7.76 -7.04
CA ARG A 56 -2.81 8.32 -8.05
C ARG A 56 -2.16 9.50 -8.75
N GLN A 57 -1.67 10.45 -7.96
CA GLN A 57 -1.03 11.64 -8.51
C GLN A 57 0.07 12.15 -7.57
N GLN B 1 -10.56 -24.69 -18.72
CA GLN B 1 -10.72 -23.40 -18.02
C GLN B 1 -11.08 -22.27 -18.99
N ARG B 2 -11.95 -21.37 -18.55
CA ARG B 2 -12.38 -20.25 -19.39
C ARG B 2 -11.75 -18.95 -18.92
N ASN B 3 -11.25 -18.92 -17.69
CA ASN B 3 -10.64 -17.73 -17.13
C ASN B 3 -9.38 -18.09 -16.34
N ARG B 4 -8.24 -17.57 -16.77
CA ARG B 4 -6.98 -17.84 -16.10
C ARG B 4 -6.69 -16.78 -15.03
N MET B 5 -6.27 -17.22 -13.86
CA MET B 5 -5.97 -16.32 -12.76
C MET B 5 -4.73 -15.49 -13.06
N PRO B 6 -4.66 -14.25 -12.55
CA PRO B 6 -3.52 -13.36 -12.77
C PRO B 6 -2.27 -13.83 -12.02
N PRO B 7 -1.09 -13.35 -12.46
CA PRO B 7 0.19 -13.73 -11.83
C PRO B 7 0.29 -13.23 -10.38
N PRO B 8 1.10 -13.90 -9.55
CA PRO B 8 1.28 -13.52 -8.14
C PRO B 8 2.06 -12.22 -7.99
N ARG B 9 1.63 -11.38 -7.06
CA ARG B 9 2.30 -10.11 -6.82
C ARG B 9 3.64 -10.31 -6.11
N PRO B 10 4.57 -9.36 -6.24
CA PRO B 10 5.90 -9.44 -5.62
C PRO B 10 5.83 -9.35 -4.10
N ASP B 11 6.89 -9.81 -3.44
CA ASP B 11 6.96 -9.80 -1.98
C ASP B 11 6.59 -8.43 -1.42
N VAL B 12 5.44 -8.37 -0.77
CA VAL B 12 4.96 -7.12 -0.18
C VAL B 12 5.30 -7.02 1.30
N GLY B 13 5.63 -8.15 1.91
CA GLY B 13 5.97 -8.16 3.33
C GLY B 13 7.28 -7.49 3.62
N SER B 14 8.04 -7.16 2.58
CA SER B 14 9.33 -6.50 2.77
C SER B 14 9.18 -5.21 3.56
N LYS B 15 10.27 -4.76 4.16
CA LYS B 15 10.24 -3.53 4.95
C LYS B 15 11.47 -2.67 4.66
N PRO B 16 11.31 -1.33 4.67
CA PRO B 16 12.41 -0.40 4.40
C PRO B 16 13.62 -0.67 5.28
N ASP B 17 14.79 -0.25 4.81
CA ASP B 17 16.03 -0.44 5.56
C ASP B 17 16.10 0.52 6.74
N SER B 18 15.49 1.68 6.59
CA SER B 18 15.48 2.69 7.65
C SER B 18 14.17 3.46 7.68
N ILE B 19 13.75 3.86 8.87
CA ILE B 19 12.51 4.61 9.03
C ILE B 19 12.69 6.08 8.64
N GLY A 1 -4.99 16.95 -2.51
CA GLY A 1 -3.77 17.02 -3.36
C GLY A 1 -3.24 15.64 -3.72
N ILE A 2 -3.01 14.81 -2.71
CA ILE A 2 -2.51 13.47 -2.93
C ILE A 2 -3.59 12.42 -2.64
N THR A 3 -3.77 11.49 -3.58
CA THR A 3 -4.77 10.44 -3.42
C THR A 3 -4.35 9.17 -4.14
N ALA A 4 -4.45 8.03 -3.46
CA ALA A 4 -4.08 6.76 -4.04
C ALA A 4 -5.11 5.68 -3.74
N VAL A 5 -5.11 4.63 -4.55
CA VAL A 5 -6.04 3.52 -4.40
C VAL A 5 -5.30 2.19 -4.31
N ALA A 6 -5.67 1.37 -3.34
CA ALA A 6 -5.03 0.07 -3.14
C ALA A 6 -5.48 -0.92 -4.21
N LEU A 7 -4.61 -1.89 -4.51
CA LEU A 7 -4.92 -2.91 -5.51
C LEU A 7 -5.54 -4.14 -4.84
N TYR A 8 -4.87 -4.66 -3.83
CA TYR A 8 -5.35 -5.83 -3.11
C TYR A 8 -5.50 -5.53 -1.62
N ASP A 9 -5.73 -6.56 -0.82
CA ASP A 9 -5.90 -6.40 0.61
C ASP A 9 -4.68 -6.95 1.35
N TYR A 10 -4.04 -6.09 2.14
CA TYR A 10 -2.86 -6.49 2.90
C TYR A 10 -3.01 -6.13 4.38
N GLN A 11 -2.30 -6.87 5.23
CA GLN A 11 -2.34 -6.64 6.67
C GLN A 11 -0.98 -6.18 7.17
N ALA A 12 -0.88 -4.90 7.52
CA ALA A 12 0.37 -4.34 8.01
C ALA A 12 0.79 -5.01 9.33
N ALA A 13 1.77 -5.90 9.24
CA ALA A 13 2.27 -6.59 10.43
C ALA A 13 3.44 -5.86 11.06
N GLY A 14 3.27 -4.56 11.27
CA GLY A 14 4.31 -3.76 11.87
C GLY A 14 3.80 -2.84 12.95
N ASP A 15 4.68 -2.00 13.49
CA ASP A 15 4.30 -1.07 14.54
C ASP A 15 3.88 0.28 13.95
N ASP A 16 4.46 0.64 12.82
CA ASP A 16 4.13 1.90 12.16
C ASP A 16 3.49 1.66 10.80
N GLU A 17 2.79 0.53 10.67
CA GLU A 17 2.13 0.18 9.42
C GLU A 17 0.66 -0.13 9.65
N ILE A 18 -0.20 0.34 8.75
CA ILE A 18 -1.63 0.11 8.85
C ILE A 18 -2.15 -0.65 7.64
N SER A 19 -3.35 -1.23 7.77
CA SER A 19 -3.96 -1.99 6.69
C SER A 19 -5.15 -1.23 6.11
N PHE A 20 -5.45 -1.49 4.84
CA PHE A 20 -6.56 -0.84 4.17
C PHE A 20 -7.19 -1.75 3.14
N ASP A 21 -8.19 -1.24 2.42
CA ASP A 21 -8.89 -2.01 1.39
C ASP A 21 -8.56 -1.48 -0.01
N PRO A 22 -8.68 -2.32 -1.04
CA PRO A 22 -8.40 -1.92 -2.43
C PRO A 22 -9.25 -0.74 -2.86
N ASP A 23 -10.56 -0.93 -2.87
CA ASP A 23 -11.48 0.14 -3.27
C ASP A 23 -11.35 1.35 -2.36
N ASP A 24 -10.87 1.12 -1.14
CA ASP A 24 -10.68 2.20 -0.17
C ASP A 24 -9.56 3.13 -0.61
N ILE A 25 -9.93 4.26 -1.20
CA ILE A 25 -8.96 5.23 -1.66
C ILE A 25 -8.65 6.25 -0.57
N ILE A 26 -7.37 6.44 -0.29
CA ILE A 26 -6.95 7.38 0.76
C ILE A 26 -6.27 8.60 0.15
N THR A 27 -6.05 9.62 0.98
CA THR A 27 -5.42 10.85 0.54
C THR A 27 -4.13 11.13 1.32
N ASN A 28 -3.31 12.02 0.78
CA ASN A 28 -2.04 12.38 1.43
C ASN A 28 -1.11 11.17 1.50
N ILE A 29 -0.86 10.54 0.36
CA ILE A 29 0.02 9.38 0.30
C ILE A 29 1.38 9.75 -0.27
N GLU A 30 2.37 9.87 0.61
CA GLU A 30 3.72 10.22 0.19
C GLU A 30 4.67 9.04 0.40
N MET A 31 5.43 8.70 -0.64
CA MET A 31 6.35 7.58 -0.56
C MET A 31 7.66 7.97 0.14
N ILE A 32 7.91 7.34 1.28
CA ILE A 32 9.13 7.60 2.04
C ILE A 32 10.23 6.64 1.61
N ASP A 33 9.85 5.38 1.46
CA ASP A 33 10.78 4.33 1.05
C ASP A 33 10.50 3.92 -0.39
N ASP A 34 11.56 3.61 -1.13
CA ASP A 34 11.42 3.21 -2.53
C ASP A 34 10.53 1.97 -2.66
N GLY A 35 10.35 1.26 -1.55
CA GLY A 35 9.52 0.07 -1.58
C GLY A 35 8.25 0.21 -0.75
N TRP A 36 8.24 1.18 0.16
CA TRP A 36 7.06 1.41 1.01
C TRP A 36 6.55 2.84 0.88
N TRP A 37 5.26 3.03 1.16
CA TRP A 37 4.64 4.34 1.08
C TRP A 37 4.02 4.73 2.43
N ARG A 38 3.37 5.89 2.46
CA ARG A 38 2.71 6.37 3.67
C ARG A 38 1.54 7.28 3.31
N GLY A 39 0.36 6.96 3.84
CA GLY A 39 -0.81 7.76 3.53
C GLY A 39 -1.72 7.99 4.71
N VAL A 40 -2.79 8.75 4.48
CA VAL A 40 -3.75 9.05 5.53
C VAL A 40 -5.13 8.48 5.19
N CYS A 41 -5.70 7.73 6.12
CA CYS A 41 -7.01 7.12 5.93
C CYS A 41 -8.02 7.67 6.91
N LYS A 42 -8.81 8.65 6.47
CA LYS A 42 -9.81 9.27 7.31
C LYS A 42 -9.22 9.74 8.64
N GLY A 43 -8.03 10.34 8.57
CA GLY A 43 -7.37 10.82 9.78
C GLY A 43 -6.46 9.78 10.39
N ARG A 44 -6.03 8.81 9.59
CA ARG A 44 -5.16 7.76 10.07
C ARG A 44 -3.87 7.69 9.23
N TYR A 45 -2.77 8.17 9.82
CA TYR A 45 -1.49 8.16 9.13
C TYR A 45 -0.73 6.87 9.41
N GLY A 46 -0.19 6.27 8.35
CA GLY A 46 0.55 5.04 8.50
C GLY A 46 1.38 4.70 7.26
N LEU A 47 1.75 3.43 7.13
CA LEU A 47 2.54 2.99 5.99
C LEU A 47 1.68 2.17 5.04
N PHE A 48 1.94 2.33 3.74
CA PHE A 48 1.19 1.61 2.72
C PHE A 48 2.10 0.68 1.92
N PRO A 49 1.77 -0.63 1.86
CA PRO A 49 2.56 -1.59 1.10
C PRO A 49 2.58 -1.25 -0.38
N ALA A 50 3.69 -0.69 -0.85
CA ALA A 50 3.82 -0.31 -2.25
C ALA A 50 3.52 -1.47 -3.19
N ASN A 51 3.63 -2.69 -2.68
CA ASN A 51 3.38 -3.89 -3.47
C ASN A 51 1.88 -4.20 -3.56
N TYR A 52 1.09 -3.63 -2.64
CA TYR A 52 -0.35 -3.88 -2.62
C TYR A 52 -1.15 -2.60 -2.83
N VAL A 53 -0.52 -1.56 -3.36
CA VAL A 53 -1.20 -0.30 -3.61
C VAL A 53 -0.58 0.44 -4.80
N GLU A 54 -1.21 1.55 -5.18
CA GLU A 54 -0.72 2.35 -6.30
C GLU A 54 -1.12 3.81 -6.15
N LEU A 55 -0.17 4.70 -6.35
CA LEU A 55 -0.41 6.14 -6.23
C LEU A 55 -1.18 6.65 -7.44
N ARG A 56 -1.67 7.88 -7.34
CA ARG A 56 -2.43 8.49 -8.42
C ARG A 56 -1.80 9.82 -8.85
N GLN A 57 -1.29 9.86 -10.08
CA GLN A 57 -0.66 11.06 -10.60
C GLN A 57 -1.67 12.21 -10.69
N GLN B 1 -10.93 -20.87 -11.97
CA GLN B 1 -11.46 -19.75 -12.80
C GLN B 1 -11.68 -20.20 -14.24
N ARG B 2 -12.39 -19.38 -15.01
CA ARG B 2 -12.67 -19.68 -16.41
C ARG B 2 -11.70 -18.96 -17.34
N ASN B 3 -11.05 -17.93 -16.83
CA ASN B 3 -10.09 -17.15 -17.63
C ASN B 3 -8.74 -17.08 -16.92
N ARG B 4 -7.73 -16.62 -17.66
CA ARG B 4 -6.39 -16.50 -17.11
C ARG B 4 -6.37 -15.54 -15.92
N MET B 5 -5.88 -16.02 -14.78
CA MET B 5 -5.81 -15.20 -13.58
C MET B 5 -4.76 -14.12 -13.72
N PRO B 6 -4.84 -13.07 -12.89
CA PRO B 6 -3.89 -11.94 -12.93
C PRO B 6 -2.48 -12.38 -12.54
N PRO B 7 -1.46 -11.58 -12.92
CA PRO B 7 -0.06 -11.89 -12.62
C PRO B 7 0.25 -11.76 -11.13
N PRO B 8 1.32 -12.43 -10.66
CA PRO B 8 1.72 -12.39 -9.25
C PRO B 8 2.26 -11.01 -8.84
N ARG B 9 1.90 -10.58 -7.64
CA ARG B 9 2.34 -9.29 -7.13
C ARG B 9 3.71 -9.41 -6.47
N PRO B 10 4.48 -8.31 -6.41
CA PRO B 10 5.82 -8.30 -5.80
C PRO B 10 5.80 -8.53 -4.29
N ASP B 11 6.95 -8.94 -3.76
CA ASP B 11 7.08 -9.20 -2.34
C ASP B 11 6.73 -7.98 -1.50
N VAL B 12 5.93 -8.20 -0.45
CA VAL B 12 5.50 -7.12 0.43
C VAL B 12 6.28 -7.12 1.74
N GLY B 13 6.95 -8.24 2.04
CA GLY B 13 7.71 -8.34 3.27
C GLY B 13 8.96 -7.46 3.28
N SER B 14 9.28 -6.88 2.12
CA SER B 14 10.45 -6.00 2.02
C SER B 14 10.33 -4.83 2.98
N LYS B 15 11.40 -4.56 3.73
CA LYS B 15 11.41 -3.46 4.69
C LYS B 15 12.39 -2.37 4.25
N PRO B 16 12.02 -1.09 4.42
CA PRO B 16 12.88 0.04 4.05
C PRO B 16 14.28 -0.09 4.64
N ASP B 17 15.25 0.56 4.00
CA ASP B 17 16.63 0.52 4.46
C ASP B 17 16.84 1.48 5.64
N SER B 18 16.06 2.56 5.66
CA SER B 18 16.16 3.54 6.73
C SER B 18 14.81 4.19 7.00
N ILE B 19 14.40 4.22 8.26
CA ILE B 19 13.13 4.81 8.65
C ILE B 19 13.17 6.33 8.52
N GLY A 1 -3.56 17.78 -2.06
CA GLY A 1 -4.32 16.58 -1.63
C GLY A 1 -3.97 15.35 -2.45
N ILE A 2 -3.06 14.54 -1.93
CA ILE A 2 -2.64 13.32 -2.63
C ILE A 2 -3.62 12.18 -2.37
N THR A 3 -3.84 11.35 -3.39
CA THR A 3 -4.76 10.22 -3.28
C THR A 3 -4.10 8.94 -3.80
N ALA A 4 -4.49 7.81 -3.22
CA ALA A 4 -3.95 6.53 -3.62
C ALA A 4 -4.96 5.40 -3.42
N VAL A 5 -5.05 4.51 -4.41
CA VAL A 5 -5.98 3.39 -4.35
C VAL A 5 -5.22 2.06 -4.34
N ALA A 6 -5.72 1.12 -3.55
CA ALA A 6 -5.09 -0.20 -3.44
C ALA A 6 -5.62 -1.15 -4.50
N LEU A 7 -4.80 -2.11 -4.90
CA LEU A 7 -5.19 -3.10 -5.90
C LEU A 7 -5.68 -4.38 -5.23
N TYR A 8 -5.03 -4.75 -4.12
CA TYR A 8 -5.38 -5.94 -3.38
C TYR A 8 -5.52 -5.63 -1.89
N ASP A 9 -6.09 -6.57 -1.14
CA ASP A 9 -6.27 -6.38 0.29
C ASP A 9 -5.01 -6.81 1.06
N TYR A 10 -4.45 -5.88 1.82
CA TYR A 10 -3.25 -6.16 2.59
C TYR A 10 -3.50 -6.01 4.09
N GLN A 11 -2.70 -6.70 4.88
CA GLN A 11 -2.82 -6.65 6.34
C GLN A 11 -1.53 -6.15 6.96
N ALA A 12 -1.50 -4.87 7.33
CA ALA A 12 -0.32 -4.28 7.93
C ALA A 12 0.01 -4.95 9.26
N ALA A 13 1.03 -5.79 9.25
CA ALA A 13 1.45 -6.50 10.46
C ALA A 13 2.66 -5.83 11.10
N GLY A 14 2.65 -4.50 11.12
CA GLY A 14 3.75 -3.75 11.71
C GLY A 14 3.29 -2.83 12.83
N ASP A 15 4.22 -2.03 13.35
CA ASP A 15 3.91 -1.10 14.42
C ASP A 15 3.50 0.25 13.86
N ASP A 16 4.05 0.60 12.71
CA ASP A 16 3.73 1.88 12.07
C ASP A 16 3.16 1.67 10.68
N GLU A 17 2.46 0.56 10.48
CA GLU A 17 1.85 0.24 9.19
C GLU A 17 0.36 0.00 9.34
N ILE A 18 -0.42 0.51 8.39
CA ILE A 18 -1.87 0.35 8.42
C ILE A 18 -2.34 -0.49 7.23
N SER A 19 -3.55 -1.04 7.34
CA SER A 19 -4.11 -1.85 6.26
C SER A 19 -5.26 -1.12 5.58
N PHE A 20 -5.51 -1.48 4.32
CA PHE A 20 -6.58 -0.85 3.55
C PHE A 20 -7.21 -1.85 2.58
N ASP A 21 -8.25 -1.40 1.88
CA ASP A 21 -8.95 -2.25 0.92
C ASP A 21 -8.74 -1.73 -0.50
N PRO A 22 -8.86 -2.62 -1.50
CA PRO A 22 -8.69 -2.24 -2.91
C PRO A 22 -9.56 -1.05 -3.31
N ASP A 23 -10.85 -1.14 -3.00
CA ASP A 23 -11.80 -0.07 -3.32
C ASP A 23 -11.63 1.10 -2.37
N ASP A 24 -11.19 0.81 -1.15
CA ASP A 24 -10.99 1.85 -0.14
C ASP A 24 -9.78 2.70 -0.47
N ILE A 25 -10.01 3.86 -1.06
CA ILE A 25 -8.93 4.76 -1.43
C ILE A 25 -8.63 5.74 -0.29
N ILE A 26 -7.35 5.97 -0.04
CA ILE A 26 -6.93 6.88 1.03
C ILE A 26 -6.30 8.15 0.46
N THR A 27 -6.09 9.14 1.33
CA THR A 27 -5.50 10.41 0.92
C THR A 27 -4.17 10.65 1.63
N ASN A 28 -3.46 11.68 1.19
CA ASN A 28 -2.17 12.02 1.78
C ASN A 28 -1.21 10.84 1.73
N ILE A 29 -0.96 10.33 0.54
CA ILE A 29 -0.06 9.19 0.37
C ILE A 29 1.22 9.61 -0.35
N GLU A 30 2.34 9.51 0.36
CA GLU A 30 3.63 9.88 -0.21
C GLU A 30 4.60 8.70 -0.14
N MET A 31 5.67 8.78 -0.91
CA MET A 31 6.67 7.71 -0.94
C MET A 31 7.96 8.15 -0.26
N ILE A 32 8.21 7.58 0.92
CA ILE A 32 9.43 7.90 1.66
C ILE A 32 10.55 6.97 1.25
N ASP A 33 10.24 5.69 1.14
CA ASP A 33 11.21 4.69 0.74
C ASP A 33 10.92 4.20 -0.68
N ASP A 34 11.97 3.93 -1.44
CA ASP A 34 11.81 3.47 -2.82
C ASP A 34 10.99 2.19 -2.88
N GLY A 35 10.84 1.50 -1.75
CA GLY A 35 10.08 0.27 -1.72
C GLY A 35 8.75 0.40 -0.99
N TRP A 36 8.69 1.31 -0.02
CA TRP A 36 7.46 1.52 0.76
C TRP A 36 6.99 2.96 0.68
N TRP A 37 5.72 3.17 1.03
CA TRP A 37 5.13 4.52 1.01
C TRP A 37 4.41 4.81 2.33
N ARG A 38 3.63 5.88 2.35
CA ARG A 38 2.88 6.26 3.54
C ARG A 38 1.44 6.59 3.17
N GLY A 39 0.50 6.23 4.02
CA GLY A 39 -0.91 6.50 3.73
C GLY A 39 -1.65 7.08 4.91
N VAL A 40 -2.71 7.84 4.62
CA VAL A 40 -3.52 8.46 5.66
C VAL A 40 -4.99 8.09 5.49
N CYS A 41 -5.56 7.47 6.53
CA CYS A 41 -6.96 7.07 6.49
C CYS A 41 -7.80 7.92 7.43
N LYS A 42 -8.41 8.96 6.87
CA LYS A 42 -9.25 9.88 7.64
C LYS A 42 -8.51 10.39 8.89
N GLY A 43 -7.25 10.74 8.72
CA GLY A 43 -6.46 11.24 9.83
C GLY A 43 -5.49 10.22 10.37
N ARG A 44 -5.77 8.94 10.12
CA ARG A 44 -4.90 7.86 10.57
C ARG A 44 -3.65 7.77 9.71
N TYR A 45 -2.52 8.21 10.25
CA TYR A 45 -1.26 8.16 9.53
C TYR A 45 -0.58 6.83 9.73
N GLY A 46 0.12 6.35 8.69
CA GLY A 46 0.81 5.08 8.78
C GLY A 46 1.63 4.79 7.55
N LEU A 47 1.86 3.51 7.29
CA LEU A 47 2.65 3.10 6.13
C LEU A 47 1.75 2.48 5.06
N PHE A 48 2.08 2.75 3.81
CA PHE A 48 1.32 2.22 2.68
C PHE A 48 2.09 1.15 1.94
N PRO A 49 1.61 -0.11 1.94
CA PRO A 49 2.28 -1.20 1.25
C PRO A 49 2.41 -0.94 -0.24
N ALA A 50 3.62 -0.58 -0.67
CA ALA A 50 3.87 -0.28 -2.07
C ALA A 50 3.58 -1.47 -2.97
N ASN A 51 3.63 -2.67 -2.40
CA ASN A 51 3.37 -3.88 -3.16
C ASN A 51 1.88 -4.20 -3.26
N TYR A 52 1.10 -3.62 -2.34
CA TYR A 52 -0.35 -3.85 -2.34
C TYR A 52 -1.13 -2.56 -2.54
N VAL A 53 -0.46 -1.53 -3.07
CA VAL A 53 -1.10 -0.26 -3.31
C VAL A 53 -0.45 0.48 -4.47
N GLU A 54 -1.06 1.59 -4.89
CA GLU A 54 -0.53 2.39 -5.99
C GLU A 54 -0.97 3.84 -5.86
N LEU A 55 -0.08 4.76 -6.20
CA LEU A 55 -0.37 6.19 -6.14
C LEU A 55 -0.95 6.69 -7.45
N ARG A 56 -2.23 7.07 -7.42
CA ARG A 56 -2.90 7.57 -8.62
C ARG A 56 -2.56 9.04 -8.86
N GLN A 57 -2.46 9.80 -7.77
CA GLN A 57 -2.14 11.22 -7.88
C GLN A 57 -0.91 11.56 -7.03
N GLN B 1 -6.66 -23.90 -21.49
CA GLN B 1 -7.25 -23.69 -20.14
C GLN B 1 -8.47 -22.78 -20.20
N ARG B 2 -9.45 -23.06 -19.35
CA ARG B 2 -10.67 -22.26 -19.31
C ARG B 2 -10.61 -21.20 -18.22
N ASN B 3 -9.70 -21.38 -17.26
CA ASN B 3 -9.54 -20.43 -16.16
C ASN B 3 -8.10 -20.43 -15.66
N ARG B 4 -7.61 -19.24 -15.31
CA ARG B 4 -6.25 -19.09 -14.81
C ARG B 4 -6.12 -17.85 -13.94
N MET B 5 -5.80 -18.04 -12.67
CA MET B 5 -5.64 -16.94 -11.74
C MET B 5 -4.47 -16.05 -12.13
N PRO B 6 -4.47 -14.77 -11.72
CA PRO B 6 -3.40 -13.84 -12.03
C PRO B 6 -2.10 -14.17 -11.30
N PRO B 7 -0.96 -13.67 -11.79
CA PRO B 7 0.35 -13.91 -11.17
C PRO B 7 0.46 -13.31 -9.78
N PRO B 8 1.28 -13.91 -8.89
CA PRO B 8 1.47 -13.42 -7.53
C PRO B 8 2.27 -12.13 -7.48
N ARG B 9 1.86 -11.20 -6.61
CA ARG B 9 2.54 -9.93 -6.47
C ARG B 9 3.87 -10.10 -5.74
N PRO B 10 4.78 -9.12 -5.87
CA PRO B 10 6.10 -9.17 -5.23
C PRO B 10 6.02 -9.14 -3.70
N ASP B 11 7.08 -9.59 -3.04
CA ASP B 11 7.13 -9.62 -1.59
C ASP B 11 6.72 -8.28 -0.99
N VAL B 12 5.59 -8.28 -0.29
CA VAL B 12 5.07 -7.08 0.34
C VAL B 12 5.48 -6.98 1.81
N GLY B 13 5.90 -8.10 2.39
CA GLY B 13 6.30 -8.12 3.78
C GLY B 13 7.60 -7.38 4.03
N SER B 14 8.29 -7.00 2.96
CA SER B 14 9.55 -6.26 3.09
C SER B 14 9.36 -4.97 3.89
N LYS B 15 10.44 -4.46 4.45
CA LYS B 15 10.38 -3.25 5.25
C LYS B 15 11.61 -2.37 4.99
N PRO B 16 11.44 -1.03 4.99
CA PRO B 16 12.53 -0.10 4.76
C PRO B 16 13.52 -0.07 5.92
N ASP B 17 14.75 0.33 5.64
CA ASP B 17 15.79 0.40 6.66
C ASP B 17 15.57 1.60 7.58
N SER B 18 14.97 2.66 7.03
CA SER B 18 14.71 3.87 7.81
C SER B 18 13.21 4.08 7.97
N ILE B 19 12.83 4.83 9.00
CA ILE B 19 11.43 5.11 9.28
C ILE B 19 10.82 5.96 8.18
N GLY A 1 -3.97 16.51 -2.29
CA GLY A 1 -3.44 16.62 -3.67
C GLY A 1 -2.95 15.28 -4.20
N ILE A 2 -2.31 14.50 -3.34
CA ILE A 2 -1.80 13.19 -3.72
C ILE A 2 -2.62 12.07 -3.09
N THR A 3 -3.37 11.34 -3.91
CA THR A 3 -4.20 10.24 -3.44
C THR A 3 -3.56 8.91 -3.79
N ALA A 4 -4.12 7.83 -3.25
CA ALA A 4 -3.61 6.49 -3.52
C ALA A 4 -4.69 5.43 -3.32
N VAL A 5 -4.73 4.48 -4.24
CA VAL A 5 -5.70 3.40 -4.18
C VAL A 5 -5.01 2.04 -4.15
N ALA A 6 -5.59 1.09 -3.44
CA ALA A 6 -5.02 -0.25 -3.33
C ALA A 6 -5.64 -1.20 -4.34
N LEU A 7 -4.86 -2.20 -4.74
CA LEU A 7 -5.34 -3.19 -5.70
C LEU A 7 -5.81 -4.45 -5.00
N TYR A 8 -5.09 -4.84 -3.95
CA TYR A 8 -5.44 -6.02 -3.17
C TYR A 8 -5.52 -5.68 -1.69
N ASP A 9 -6.03 -6.62 -0.89
CA ASP A 9 -6.16 -6.41 0.54
C ASP A 9 -4.86 -6.80 1.25
N TYR A 10 -4.28 -5.85 1.97
CA TYR A 10 -3.04 -6.08 2.70
C TYR A 10 -3.23 -5.93 4.20
N GLN A 11 -2.38 -6.60 4.97
CA GLN A 11 -2.44 -6.53 6.41
C GLN A 11 -1.14 -5.98 6.99
N ALA A 12 -1.20 -4.75 7.49
CA ALA A 12 -0.03 -4.10 8.06
C ALA A 12 0.49 -4.87 9.27
N ALA A 13 1.58 -5.59 9.08
CA ALA A 13 2.18 -6.38 10.16
C ALA A 13 3.32 -5.61 10.82
N GLY A 14 3.13 -4.31 11.02
CA GLY A 14 4.16 -3.49 11.63
C GLY A 14 3.61 -2.65 12.77
N ASP A 15 4.46 -1.80 13.32
CA ASP A 15 4.07 -0.92 14.43
C ASP A 15 3.50 0.39 13.91
N ASP A 16 4.02 0.83 12.76
CA ASP A 16 3.56 2.08 12.15
C ASP A 16 2.96 1.83 10.77
N GLU A 17 2.35 0.66 10.60
CA GLU A 17 1.74 0.30 9.32
C GLU A 17 0.23 0.08 9.49
N ILE A 18 -0.54 0.56 8.52
CA ILE A 18 -1.99 0.42 8.57
C ILE A 18 -2.47 -0.48 7.43
N SER A 19 -3.69 -0.99 7.56
CA SER A 19 -4.27 -1.86 6.55
C SER A 19 -5.38 -1.14 5.79
N PHE A 20 -5.51 -1.45 4.50
CA PHE A 20 -6.53 -0.82 3.68
C PHE A 20 -7.17 -1.83 2.73
N ASP A 21 -8.20 -1.39 2.01
CA ASP A 21 -8.89 -2.25 1.06
C ASP A 21 -8.67 -1.76 -0.37
N PRO A 22 -8.80 -2.67 -1.36
CA PRO A 22 -8.61 -2.33 -2.78
C PRO A 22 -9.42 -1.11 -3.19
N ASP A 23 -10.73 -1.22 -3.10
CA ASP A 23 -11.63 -0.12 -3.47
C ASP A 23 -11.48 1.05 -2.51
N ASP A 24 -11.10 0.75 -1.27
CA ASP A 24 -10.93 1.79 -0.25
C ASP A 24 -9.70 2.64 -0.55
N ILE A 25 -9.92 3.80 -1.14
CA ILE A 25 -8.83 4.71 -1.47
C ILE A 25 -8.58 5.69 -0.33
N ILE A 26 -7.30 5.98 -0.07
CA ILE A 26 -6.93 6.89 1.01
C ILE A 26 -6.31 8.17 0.45
N THR A 27 -6.15 9.16 1.33
CA THR A 27 -5.57 10.44 0.94
C THR A 27 -4.25 10.69 1.65
N ASN A 28 -3.52 11.71 1.21
CA ASN A 28 -2.24 12.06 1.82
C ASN A 28 -1.27 10.88 1.80
N ILE A 29 -1.01 10.37 0.60
CA ILE A 29 -0.10 9.24 0.44
C ILE A 29 1.19 9.66 -0.25
N GLU A 30 2.30 9.54 0.47
CA GLU A 30 3.61 9.92 -0.07
C GLU A 30 4.56 8.73 -0.03
N MET A 31 5.64 8.81 -0.81
CA MET A 31 6.62 7.73 -0.86
C MET A 31 7.90 8.11 -0.10
N ILE A 32 8.11 7.48 1.04
CA ILE A 32 9.30 7.75 1.85
C ILE A 32 10.39 6.75 1.51
N ASP A 33 9.99 5.50 1.32
CA ASP A 33 10.93 4.43 1.00
C ASP A 33 10.78 4.02 -0.47
N ASP A 34 11.90 3.70 -1.10
CA ASP A 34 11.89 3.30 -2.51
C ASP A 34 10.99 2.08 -2.73
N GLY A 35 10.69 1.36 -1.66
CA GLY A 35 9.84 0.18 -1.77
C GLY A 35 8.51 0.33 -1.07
N TRP A 36 8.45 1.22 -0.08
CA TRP A 36 7.22 1.44 0.67
C TRP A 36 6.78 2.90 0.62
N TRP A 37 5.54 3.16 1.01
CA TRP A 37 4.98 4.52 1.02
C TRP A 37 4.27 4.79 2.34
N ARG A 38 3.54 5.90 2.38
CA ARG A 38 2.79 6.28 3.57
C ARG A 38 1.35 6.61 3.20
N GLY A 39 0.41 6.27 4.07
CA GLY A 39 -0.99 6.52 3.77
C GLY A 39 -1.75 7.10 4.95
N VAL A 40 -2.80 7.87 4.64
CA VAL A 40 -3.62 8.47 5.68
C VAL A 40 -5.08 8.10 5.50
N CYS A 41 -5.65 7.45 6.51
CA CYS A 41 -7.04 7.03 6.48
C CYS A 41 -7.89 7.87 7.43
N LYS A 42 -8.51 8.90 6.88
CA LYS A 42 -9.36 9.79 7.66
C LYS A 42 -8.62 10.34 8.88
N GLY A 43 -7.36 10.73 8.68
CA GLY A 43 -6.57 11.27 9.77
C GLY A 43 -5.58 10.26 10.32
N ARG A 44 -5.85 8.99 10.11
CA ARG A 44 -4.98 7.92 10.60
C ARG A 44 -3.73 7.80 9.74
N TYR A 45 -2.60 8.25 10.28
CA TYR A 45 -1.33 8.19 9.55
C TYR A 45 -0.66 6.84 9.77
N GLY A 46 0.08 6.39 8.76
CA GLY A 46 0.77 5.12 8.86
C GLY A 46 1.56 4.79 7.61
N LEU A 47 1.77 3.51 7.36
CA LEU A 47 2.51 3.07 6.19
C LEU A 47 1.57 2.44 5.16
N PHE A 48 1.88 2.67 3.89
CA PHE A 48 1.05 2.14 2.80
C PHE A 48 1.84 1.11 1.98
N PRO A 49 1.36 -0.14 1.92
CA PRO A 49 2.04 -1.20 1.16
C PRO A 49 2.14 -0.84 -0.31
N ALA A 50 3.34 -0.46 -0.74
CA ALA A 50 3.57 -0.08 -2.13
C ALA A 50 3.36 -1.25 -3.07
N ASN A 51 3.90 -2.41 -2.71
CA ASN A 51 3.77 -3.60 -3.53
C ASN A 51 2.31 -4.03 -3.69
N TYR A 52 1.43 -3.51 -2.84
CA TYR A 52 0.01 -3.84 -2.92
C TYR A 52 -0.83 -2.66 -3.34
N VAL A 53 -0.33 -1.44 -3.09
CA VAL A 53 -1.06 -0.23 -3.45
C VAL A 53 -0.39 0.49 -4.62
N GLU A 54 -0.91 1.66 -4.96
CA GLU A 54 -0.38 2.45 -6.06
C GLU A 54 -0.69 3.93 -5.86
N LEU A 55 0.21 4.79 -6.36
CA LEU A 55 0.04 6.22 -6.23
C LEU A 55 -1.03 6.73 -7.20
N ARG A 56 -2.04 7.41 -6.67
CA ARG A 56 -3.12 7.94 -7.48
C ARG A 56 -2.85 9.39 -7.86
N GLN A 57 -3.11 9.72 -9.13
CA GLN A 57 -2.90 11.08 -9.63
C GLN A 57 -3.59 11.28 -10.96
N GLN B 1 -1.66 -24.48 -25.86
CA GLN B 1 -2.43 -23.49 -25.06
C GLN B 1 -1.94 -22.07 -25.30
N ARG B 2 -2.88 -21.17 -25.57
CA ARG B 2 -2.54 -19.77 -25.82
C ARG B 2 -2.90 -18.89 -24.63
N ASN B 3 -3.75 -19.40 -23.75
CA ASN B 3 -4.16 -18.66 -22.56
C ASN B 3 -3.12 -18.78 -21.45
N ARG B 4 -3.14 -17.82 -20.52
CA ARG B 4 -2.20 -17.82 -19.41
C ARG B 4 -2.69 -16.92 -18.28
N MET B 5 -2.85 -17.49 -17.10
CA MET B 5 -3.31 -16.73 -15.94
C MET B 5 -2.27 -15.69 -15.52
N PRO B 6 -2.72 -14.61 -14.85
CA PRO B 6 -1.82 -13.54 -14.39
C PRO B 6 -0.83 -14.04 -13.34
N PRO B 7 0.40 -13.49 -13.33
CA PRO B 7 1.43 -13.87 -12.36
C PRO B 7 1.18 -13.30 -10.97
N PRO B 8 1.67 -13.99 -9.92
CA PRO B 8 1.48 -13.54 -8.53
C PRO B 8 2.19 -12.21 -8.26
N ARG B 9 1.59 -11.39 -7.39
CA ARG B 9 2.17 -10.10 -7.05
C ARG B 9 3.50 -10.27 -6.32
N PRO B 10 4.36 -9.25 -6.38
CA PRO B 10 5.68 -9.29 -5.74
C PRO B 10 5.60 -9.25 -4.22
N ASP B 11 6.67 -9.68 -3.56
CA ASP B 11 6.73 -9.69 -2.10
C ASP B 11 6.36 -8.33 -1.52
N VAL B 12 5.18 -8.26 -0.91
CA VAL B 12 4.69 -7.02 -0.31
C VAL B 12 4.96 -6.96 1.19
N GLY B 13 5.23 -8.13 1.78
CA GLY B 13 5.49 -8.18 3.21
C GLY B 13 6.81 -7.54 3.60
N SER B 14 7.63 -7.20 2.61
CA SER B 14 8.93 -6.58 2.87
C SER B 14 8.75 -5.30 3.69
N LYS B 15 9.83 -4.89 4.36
CA LYS B 15 9.78 -3.68 5.18
C LYS B 15 11.10 -2.90 5.07
N PRO B 16 11.03 -1.56 5.01
CA PRO B 16 12.23 -0.72 4.90
C PRO B 16 13.01 -0.68 6.21
N ASP B 17 14.32 -0.47 6.10
CA ASP B 17 15.19 -0.41 7.27
C ASP B 17 15.01 0.91 8.01
N SER B 18 14.66 1.96 7.27
CA SER B 18 14.46 3.28 7.86
C SER B 18 12.98 3.63 7.91
N ILE B 19 12.63 4.57 8.78
CA ILE B 19 11.24 5.00 8.92
C ILE B 19 10.83 5.95 7.79
N GLY A 1 -4.44 17.81 -2.68
CA GLY A 1 -3.67 16.85 -1.83
C GLY A 1 -3.28 15.60 -2.58
N ILE A 2 -2.84 14.58 -1.85
CA ILE A 2 -2.44 13.32 -2.45
C ILE A 2 -3.46 12.22 -2.17
N THR A 3 -3.51 11.21 -3.03
CA THR A 3 -4.44 10.11 -2.87
C THR A 3 -3.97 8.88 -3.63
N ALA A 4 -4.19 7.71 -3.04
CA ALA A 4 -3.78 6.45 -3.67
C ALA A 4 -4.79 5.35 -3.42
N VAL A 5 -4.89 4.43 -4.38
CA VAL A 5 -5.82 3.31 -4.28
C VAL A 5 -5.07 1.99 -4.28
N ALA A 6 -5.42 1.13 -3.33
CA ALA A 6 -4.77 -0.17 -3.21
C ALA A 6 -5.26 -1.15 -4.27
N LEU A 7 -4.39 -2.04 -4.70
CA LEU A 7 -4.74 -3.03 -5.71
C LEU A 7 -5.29 -4.30 -5.05
N TYR A 8 -4.60 -4.76 -4.01
CA TYR A 8 -5.01 -5.94 -3.27
C TYR A 8 -5.14 -5.63 -1.79
N ASP A 9 -5.83 -6.48 -1.05
CA ASP A 9 -6.02 -6.28 0.38
C ASP A 9 -4.84 -6.84 1.17
N TYR A 10 -4.20 -5.97 1.94
CA TYR A 10 -3.05 -6.38 2.75
C TYR A 10 -3.28 -6.06 4.23
N GLN A 11 -2.60 -6.80 5.09
CA GLN A 11 -2.72 -6.60 6.53
C GLN A 11 -1.42 -6.04 7.09
N ALA A 12 -1.45 -4.77 7.48
CA ALA A 12 -0.28 -4.11 8.04
C ALA A 12 0.15 -4.77 9.35
N ALA A 13 1.22 -5.56 9.28
CA ALA A 13 1.74 -6.26 10.45
C ALA A 13 2.94 -5.53 11.04
N GLY A 14 2.96 -4.21 10.89
CA GLY A 14 4.06 -3.42 11.40
C GLY A 14 3.66 -2.61 12.63
N ASP A 15 4.58 -1.78 13.11
CA ASP A 15 4.33 -0.95 14.27
C ASP A 15 3.64 0.37 13.88
N ASP A 16 3.95 0.84 12.67
CA ASP A 16 3.37 2.09 12.18
C ASP A 16 2.75 1.88 10.79
N GLU A 17 2.25 0.68 10.54
CA GLU A 17 1.63 0.36 9.26
C GLU A 17 0.13 0.17 9.42
N ILE A 18 -0.64 0.71 8.46
CA ILE A 18 -2.08 0.60 8.49
C ILE A 18 -2.57 -0.34 7.38
N SER A 19 -3.81 -0.83 7.53
CA SER A 19 -4.37 -1.73 6.53
C SER A 19 -5.47 -1.03 5.74
N PHE A 20 -5.61 -1.40 4.47
CA PHE A 20 -6.61 -0.78 3.60
C PHE A 20 -7.23 -1.82 2.66
N ASP A 21 -8.21 -1.39 1.88
CA ASP A 21 -8.88 -2.27 0.93
C ASP A 21 -8.56 -1.84 -0.51
N PRO A 22 -8.68 -2.78 -1.47
CA PRO A 22 -8.41 -2.50 -2.88
C PRO A 22 -9.26 -1.34 -3.42
N ASP A 23 -10.45 -1.19 -2.86
CA ASP A 23 -11.36 -0.12 -3.28
C ASP A 23 -11.25 1.09 -2.36
N ASP A 24 -10.87 0.85 -1.11
CA ASP A 24 -10.73 1.92 -0.14
C ASP A 24 -9.52 2.79 -0.46
N ILE A 25 -9.77 3.94 -1.07
CA ILE A 25 -8.69 4.86 -1.43
C ILE A 25 -8.43 5.85 -0.29
N ILE A 26 -7.17 6.16 -0.05
CA ILE A 26 -6.81 7.08 1.02
C ILE A 26 -6.15 8.34 0.47
N THR A 27 -5.98 9.34 1.33
CA THR A 27 -5.36 10.61 0.94
C THR A 27 -4.02 10.80 1.63
N ASN A 28 -3.29 11.84 1.22
CA ASN A 28 -1.99 12.14 1.81
C ASN A 28 -1.05 10.94 1.66
N ILE A 29 -1.02 10.37 0.46
CA ILE A 29 -0.16 9.22 0.19
C ILE A 29 1.17 9.66 -0.41
N GLU A 30 2.22 9.65 0.40
CA GLU A 30 3.55 10.04 -0.05
C GLU A 30 4.47 8.83 -0.11
N MET A 31 5.58 8.97 -0.83
CA MET A 31 6.53 7.88 -0.98
C MET A 31 7.84 8.19 -0.25
N ILE A 32 8.13 7.39 0.78
CA ILE A 32 9.36 7.57 1.55
C ILE A 32 10.38 6.49 1.17
N ASP A 33 9.90 5.27 1.04
CA ASP A 33 10.75 4.14 0.69
C ASP A 33 10.50 3.70 -0.75
N ASP A 34 11.56 3.29 -1.44
CA ASP A 34 11.44 2.85 -2.83
C ASP A 34 10.48 1.67 -2.95
N GLY A 35 10.22 0.99 -1.84
CA GLY A 35 9.34 -0.16 -1.86
C GLY A 35 8.08 0.06 -1.03
N TRP A 36 8.11 1.04 -0.12
CA TRP A 36 6.96 1.33 0.73
C TRP A 36 6.52 2.79 0.57
N TRP A 37 5.35 3.10 1.12
CA TRP A 37 4.80 4.45 1.05
C TRP A 37 4.18 4.85 2.39
N ARG A 38 3.52 6.00 2.42
CA ARG A 38 2.86 6.49 3.63
C ARG A 38 1.57 7.22 3.27
N GLY A 39 0.47 6.81 3.88
CA GLY A 39 -0.81 7.43 3.58
C GLY A 39 -1.58 7.82 4.81
N VAL A 40 -2.79 8.31 4.61
CA VAL A 40 -3.65 8.73 5.72
C VAL A 40 -5.08 8.26 5.51
N CYS A 41 -5.63 7.57 6.51
CA CYS A 41 -6.99 7.07 6.45
C CYS A 41 -7.90 7.85 7.39
N LYS A 42 -8.57 8.87 6.85
CA LYS A 42 -9.46 9.71 7.63
C LYS A 42 -8.75 10.29 8.85
N GLY A 43 -7.51 10.74 8.65
CA GLY A 43 -6.75 11.31 9.75
C GLY A 43 -5.71 10.36 10.30
N ARG A 44 -5.95 9.06 10.12
CA ARG A 44 -5.02 8.04 10.62
C ARG A 44 -3.80 7.94 9.70
N TYR A 45 -2.66 8.39 10.21
CA TYR A 45 -1.42 8.33 9.44
C TYR A 45 -0.72 6.99 9.64
N GLY A 46 -0.01 6.54 8.61
CA GLY A 46 0.69 5.27 8.69
C GLY A 46 1.46 4.97 7.43
N LEU A 47 1.77 3.69 7.21
CA LEU A 47 2.51 3.28 6.03
C LEU A 47 1.60 2.54 5.06
N PHE A 48 1.84 2.76 3.76
CA PHE A 48 1.04 2.13 2.72
C PHE A 48 1.89 1.15 1.91
N PRO A 49 1.52 -0.15 1.92
CA PRO A 49 2.27 -1.17 1.18
C PRO A 49 2.31 -0.87 -0.31
N ALA A 50 3.47 -0.40 -0.77
CA ALA A 50 3.64 -0.06 -2.19
C ALA A 50 3.54 -1.31 -3.07
N ASN A 51 3.90 -2.45 -2.51
CA ASN A 51 3.85 -3.72 -3.24
C ASN A 51 2.42 -4.21 -3.40
N TYR A 52 1.50 -3.66 -2.60
CA TYR A 52 0.10 -4.07 -2.67
C TYR A 52 -0.80 -2.89 -3.04
N VAL A 53 -0.23 -1.69 -3.12
CA VAL A 53 -1.01 -0.51 -3.46
C VAL A 53 -0.38 0.26 -4.62
N GLU A 54 -1.02 1.36 -5.01
CA GLU A 54 -0.53 2.18 -6.10
C GLU A 54 -0.95 3.63 -5.93
N LEU A 55 -0.03 4.55 -6.18
CA LEU A 55 -0.30 5.97 -6.05
C LEU A 55 -1.27 6.44 -7.13
N ARG A 56 -1.96 7.55 -6.87
CA ARG A 56 -2.91 8.10 -7.82
C ARG A 56 -2.56 9.54 -8.17
N GLN A 57 -2.62 10.41 -7.17
CA GLN A 57 -2.32 11.82 -7.38
C GLN A 57 -3.27 12.45 -8.39
N GLN B 1 -12.00 -20.57 -22.71
CA GLN B 1 -11.89 -19.31 -21.92
C GLN B 1 -10.66 -18.53 -22.31
N ARG B 2 -10.83 -17.22 -22.51
CA ARG B 2 -9.73 -16.35 -22.90
C ARG B 2 -9.17 -15.60 -21.69
N ASN B 3 -9.95 -15.55 -20.61
CA ASN B 3 -9.52 -14.85 -19.40
C ASN B 3 -8.42 -15.64 -18.69
N ARG B 4 -7.25 -15.02 -18.57
CA ARG B 4 -6.12 -15.66 -17.91
C ARG B 4 -5.88 -15.04 -16.54
N MET B 5 -5.33 -15.84 -15.63
CA MET B 5 -5.05 -15.37 -14.27
C MET B 5 -3.96 -14.30 -14.28
N PRO B 6 -4.02 -13.33 -13.35
CA PRO B 6 -3.04 -12.25 -13.26
C PRO B 6 -1.70 -12.74 -12.72
N PRO B 7 -0.61 -12.00 -13.01
CA PRO B 7 0.74 -12.36 -12.55
C PRO B 7 0.90 -12.19 -11.05
N PRO B 8 1.86 -12.90 -10.44
CA PRO B 8 2.12 -12.82 -9.00
C PRO B 8 2.74 -11.49 -8.60
N ARG B 9 2.29 -10.95 -7.47
CA ARG B 9 2.81 -9.67 -6.97
C ARG B 9 4.09 -9.87 -6.16
N PRO B 10 4.94 -8.84 -6.08
CA PRO B 10 6.21 -8.92 -5.34
C PRO B 10 6.02 -9.03 -3.83
N ASP B 11 7.05 -9.50 -3.14
CA ASP B 11 7.00 -9.67 -1.69
C ASP B 11 6.66 -8.36 -0.99
N VAL B 12 5.83 -8.44 0.03
CA VAL B 12 5.42 -7.26 0.78
C VAL B 12 6.16 -7.15 2.11
N GLY B 13 6.76 -8.25 2.56
CA GLY B 13 7.46 -8.25 3.81
C GLY B 13 8.74 -7.41 3.79
N SER B 14 9.13 -6.96 2.61
CA SER B 14 10.33 -6.14 2.48
C SER B 14 10.15 -4.79 3.17
N LYS B 15 11.12 -4.40 3.98
CA LYS B 15 11.06 -3.14 4.71
C LYS B 15 12.09 -2.14 4.18
N PRO B 16 11.80 -0.84 4.29
CA PRO B 16 12.71 0.22 3.83
C PRO B 16 14.11 0.07 4.41
N ASP B 17 15.10 0.62 3.71
CA ASP B 17 16.48 0.55 4.16
C ASP B 17 16.73 1.51 5.31
N SER B 18 15.99 2.62 5.33
CA SER B 18 16.13 3.62 6.37
C SER B 18 14.84 4.41 6.56
N ILE B 19 14.42 4.57 7.81
CA ILE B 19 13.21 5.31 8.11
C ILE B 19 13.32 6.77 7.72
#